data_1NY8
#
_entry.id   1NY8
#
_entity_poly.entity_id   1
_entity_poly.type   'polypeptide(L)'
_entity_poly.pdbx_seq_one_letter_code
;MIEDPMENNEIQSVLMNALSLQEVHVSGDGSHFQVIAVGELFDGMSRVKKQQTVYGPLMEYIADNRIHAVSIKAYTPAEW
ARDRKLNGFLEHHHHHH
;
_entity_poly.pdbx_strand_id   A
#
# COMPACT_ATOMS: atom_id res chain seq x y z
N MET A 1 6.10 0.89 -8.52
CA MET A 1 5.72 0.09 -7.36
C MET A 1 4.42 0.60 -6.75
N ILE A 2 3.45 0.85 -7.63
CA ILE A 2 2.15 1.34 -7.19
C ILE A 2 1.19 1.34 -8.38
N GLU A 3 0.10 0.63 -8.21
CA GLU A 3 -0.92 0.55 -9.25
C GLU A 3 -2.19 -0.08 -8.71
N ASP A 4 -3.29 0.65 -8.86
CA ASP A 4 -4.58 0.18 -8.39
C ASP A 4 -5.65 1.22 -8.72
N PRO A 5 -6.52 0.87 -9.70
CA PRO A 5 -7.58 1.77 -10.11
C PRO A 5 -8.71 1.79 -9.08
N MET A 6 -9.27 2.97 -8.88
CA MET A 6 -10.36 3.14 -7.93
C MET A 6 -10.71 4.62 -7.76
N GLU A 7 -11.73 5.04 -8.51
CA GLU A 7 -12.18 6.42 -8.45
C GLU A 7 -12.63 6.78 -7.04
N ASN A 8 -13.62 7.64 -6.97
CA ASN A 8 -14.16 8.07 -5.69
C ASN A 8 -13.27 9.16 -5.10
N ASN A 9 -12.22 9.47 -5.84
CA ASN A 9 -11.28 10.50 -5.41
C ASN A 9 -11.90 11.88 -5.61
N GLU A 10 -12.83 11.94 -6.56
CA GLU A 10 -13.51 13.18 -6.86
C GLU A 10 -14.36 13.64 -5.67
N ILE A 11 -15.21 12.72 -5.22
CA ILE A 11 -16.08 13.02 -4.09
C ILE A 11 -15.23 13.18 -2.83
N GLN A 12 -14.04 12.59 -2.87
CA GLN A 12 -13.14 12.66 -1.74
C GLN A 12 -12.47 14.04 -1.68
N SER A 13 -12.11 14.53 -2.85
CA SER A 13 -11.47 15.84 -2.95
C SER A 13 -12.48 16.94 -2.65
N VAL A 14 -13.71 16.72 -3.10
CA VAL A 14 -14.77 17.68 -2.88
C VAL A 14 -15.21 17.64 -1.42
N LEU A 15 -15.17 16.43 -0.87
CA LEU A 15 -15.56 16.23 0.52
C LEU A 15 -14.54 16.90 1.43
N MET A 16 -13.28 16.78 1.05
CA MET A 16 -12.21 17.37 1.84
C MET A 16 -12.18 18.89 1.67
N ASN A 17 -12.41 19.33 0.45
CA ASN A 17 -12.42 20.75 0.15
C ASN A 17 -13.62 21.40 0.83
N ALA A 18 -14.73 20.67 0.83
CA ALA A 18 -15.95 21.17 1.44
C ALA A 18 -15.75 21.31 2.94
N LEU A 19 -15.32 20.22 3.56
CA LEU A 19 -15.08 20.21 4.99
C LEU A 19 -14.52 18.84 5.40
N SER A 20 -13.26 18.86 5.81
CA SER A 20 -12.60 17.63 6.23
C SER A 20 -13.09 17.23 7.63
N LEU A 21 -12.23 16.53 8.34
CA LEU A 21 -12.55 16.08 9.68
C LEU A 21 -11.44 15.16 10.20
N GLN A 22 -11.10 14.18 9.36
CA GLN A 22 -10.05 13.23 9.72
C GLN A 22 -9.96 12.13 8.66
N GLU A 23 -11.05 11.39 8.52
CA GLU A 23 -11.11 10.31 7.56
C GLU A 23 -12.28 10.51 6.59
N VAL A 24 -12.36 9.62 5.61
CA VAL A 24 -13.43 9.69 4.63
C VAL A 24 -13.93 8.28 4.33
N HIS A 25 -15.19 8.21 3.90
CA HIS A 25 -15.80 6.94 3.60
C HIS A 25 -16.73 7.09 2.39
N VAL A 26 -16.23 6.66 1.23
CA VAL A 26 -17.00 6.75 0.01
C VAL A 26 -17.66 5.39 -0.27
N SER A 27 -18.69 5.10 0.50
CA SER A 27 -19.41 3.84 0.34
C SER A 27 -20.54 4.02 -0.68
N GLY A 28 -21.15 2.89 -1.04
CA GLY A 28 -22.24 2.90 -2.00
C GLY A 28 -22.54 1.49 -2.49
N ASP A 29 -23.28 1.43 -3.58
CA ASP A 29 -23.66 0.15 -4.17
C ASP A 29 -23.15 0.08 -5.60
N GLY A 30 -23.61 1.01 -6.41
CA GLY A 30 -23.20 1.08 -7.81
C GLY A 30 -23.55 2.43 -8.43
N SER A 31 -24.74 2.90 -8.10
CA SER A 31 -25.21 4.18 -8.62
C SER A 31 -25.13 5.24 -7.52
N HIS A 32 -25.83 4.98 -6.43
CA HIS A 32 -25.85 5.90 -5.31
C HIS A 32 -24.79 5.48 -4.28
N PHE A 33 -23.95 6.43 -3.93
CA PHE A 33 -22.88 6.17 -2.96
C PHE A 33 -22.90 7.22 -1.85
N GLN A 34 -22.75 6.73 -0.62
CA GLN A 34 -22.74 7.62 0.53
C GLN A 34 -21.31 7.98 0.91
N VAL A 35 -21.08 9.28 1.03
CA VAL A 35 -19.77 9.79 1.38
C VAL A 35 -19.80 10.33 2.82
N ILE A 36 -19.45 9.46 3.76
CA ILE A 36 -19.44 9.84 5.15
C ILE A 36 -18.04 10.31 5.54
N ALA A 37 -17.98 11.49 6.13
CA ALA A 37 -16.72 12.07 6.54
C ALA A 37 -16.45 11.71 8.01
N VAL A 38 -15.38 10.98 8.22
CA VAL A 38 -15.01 10.56 9.56
C VAL A 38 -14.11 11.63 10.19
N GLY A 39 -14.20 11.73 11.51
CA GLY A 39 -13.41 12.70 12.24
C GLY A 39 -13.95 12.89 13.65
N GLU A 40 -14.50 14.08 13.90
CA GLU A 40 -15.04 14.39 15.21
C GLU A 40 -15.57 15.83 15.24
N LEU A 41 -14.90 16.68 14.46
CA LEU A 41 -15.29 18.08 14.39
C LEU A 41 -16.81 18.18 14.39
N PHE A 42 -17.42 17.54 13.41
CA PHE A 42 -18.87 17.55 13.29
C PHE A 42 -19.50 16.46 14.17
N ASP A 43 -18.92 16.28 15.34
CA ASP A 43 -19.41 15.28 16.27
C ASP A 43 -20.29 15.96 17.32
N GLY A 44 -21.46 16.41 16.86
CA GLY A 44 -22.40 17.07 17.74
C GLY A 44 -23.31 18.02 16.96
N MET A 45 -22.83 18.41 15.78
CA MET A 45 -23.58 19.31 14.93
C MET A 45 -24.92 18.70 14.51
N SER A 46 -25.80 19.55 14.02
CA SER A 46 -27.11 19.10 13.58
C SER A 46 -27.03 18.53 12.17
N ARG A 47 -27.67 17.39 11.98
CA ARG A 47 -27.68 16.73 10.69
C ARG A 47 -27.99 17.74 9.59
N VAL A 48 -28.84 18.71 9.93
CA VAL A 48 -29.23 19.73 8.98
C VAL A 48 -28.08 20.71 8.80
N LYS A 49 -27.71 21.36 9.90
CA LYS A 49 -26.63 22.33 9.88
C LYS A 49 -25.39 21.69 9.24
N LYS A 50 -25.25 20.39 9.47
CA LYS A 50 -24.12 19.65 8.93
C LYS A 50 -24.27 19.53 7.41
N GLN A 51 -25.17 18.64 7.01
CA GLN A 51 -25.41 18.42 5.59
C GLN A 51 -25.47 19.76 4.85
N GLN A 52 -25.96 20.77 5.56
CA GLN A 52 -26.07 22.10 4.98
C GLN A 52 -24.69 22.67 4.69
N THR A 53 -24.01 23.09 5.75
CA THR A 53 -22.69 23.66 5.62
C THR A 53 -21.78 22.72 4.81
N VAL A 54 -22.19 21.47 4.75
CA VAL A 54 -21.43 20.46 4.02
C VAL A 54 -21.82 20.52 2.55
N TYR A 55 -23.08 20.87 2.30
CA TYR A 55 -23.58 20.96 0.94
C TYR A 55 -23.29 22.35 0.35
N GLY A 56 -23.12 23.32 1.23
CA GLY A 56 -22.84 24.67 0.81
C GLY A 56 -21.70 24.71 -0.22
N PRO A 57 -20.56 24.06 0.15
CA PRO A 57 -19.41 24.01 -0.73
C PRO A 57 -19.64 23.02 -1.87
N LEU A 58 -19.98 21.79 -1.49
CA LEU A 58 -20.23 20.75 -2.46
C LEU A 58 -21.69 20.81 -2.91
N MET A 59 -22.17 22.03 -3.07
CA MET A 59 -23.54 22.24 -3.50
C MET A 59 -23.66 22.17 -5.03
N GLU A 60 -22.72 22.81 -5.69
CA GLU A 60 -22.70 22.82 -7.15
C GLU A 60 -22.30 21.45 -7.68
N TYR A 61 -21.09 21.04 -7.34
CA TYR A 61 -20.58 19.75 -7.79
C TYR A 61 -21.68 18.68 -7.75
N ILE A 62 -22.38 18.65 -6.63
CA ILE A 62 -23.46 17.69 -6.45
C ILE A 62 -24.60 18.02 -7.42
N ALA A 63 -24.98 19.29 -7.41
CA ALA A 63 -26.05 19.75 -8.28
C ALA A 63 -25.93 19.08 -9.64
N ASP A 64 -24.69 19.00 -10.11
CA ASP A 64 -24.42 18.39 -11.40
C ASP A 64 -24.38 16.87 -11.24
N ASN A 65 -23.75 16.44 -10.15
CA ASN A 65 -23.63 15.01 -9.87
C ASN A 65 -25.03 14.39 -9.83
N ARG A 66 -26.01 15.26 -9.67
CA ARG A 66 -27.40 14.80 -9.61
C ARG A 66 -27.59 13.57 -10.48
N ILE A 67 -26.91 13.57 -11.62
CA ILE A 67 -27.00 12.45 -12.55
C ILE A 67 -27.06 11.15 -11.76
N HIS A 68 -26.40 11.14 -10.61
CA HIS A 68 -26.38 9.96 -9.76
C HIS A 68 -26.92 10.33 -8.38
N ALA A 69 -26.37 9.66 -7.37
CA ALA A 69 -26.79 9.89 -6.01
C ALA A 69 -25.57 9.79 -5.08
N VAL A 70 -24.89 10.92 -4.93
CA VAL A 70 -23.71 10.97 -4.08
C VAL A 70 -24.07 11.62 -2.74
N SER A 71 -24.46 10.78 -1.79
CA SER A 71 -24.83 11.26 -0.47
C SER A 71 -23.59 11.69 0.30
N ILE A 72 -23.82 12.48 1.34
CA ILE A 72 -22.73 12.97 2.16
C ILE A 72 -23.24 13.22 3.59
N LYS A 73 -22.42 12.84 4.55
CA LYS A 73 -22.78 13.01 5.95
C LYS A 73 -21.51 12.94 6.80
N ALA A 74 -21.26 14.01 7.53
CA ALA A 74 -20.09 14.07 8.39
C ALA A 74 -20.41 13.42 9.74
N TYR A 75 -19.85 12.24 9.93
CA TYR A 75 -20.08 11.50 11.17
C TYR A 75 -18.76 10.92 11.70
N THR A 76 -18.88 10.22 12.83
CA THR A 76 -17.71 9.61 13.44
C THR A 76 -17.43 8.25 12.80
N PRO A 77 -16.38 7.58 13.35
CA PRO A 77 -15.99 6.27 12.84
C PRO A 77 -16.97 5.19 13.29
N ALA A 78 -17.41 5.32 14.53
CA ALA A 78 -18.35 4.37 15.10
C ALA A 78 -19.77 4.73 14.67
N GLU A 79 -19.95 6.00 14.36
CA GLU A 79 -21.25 6.50 13.92
C GLU A 79 -21.66 5.80 12.62
N TRP A 80 -20.66 5.39 11.86
CA TRP A 80 -20.90 4.72 10.59
C TRP A 80 -21.57 3.38 10.89
N ALA A 81 -20.77 2.44 11.35
CA ALA A 81 -21.26 1.11 11.68
C ALA A 81 -22.65 1.23 12.32
N ARG A 82 -22.70 2.05 13.37
CA ARG A 82 -23.96 2.26 14.08
C ARG A 82 -25.03 2.76 13.11
N ASP A 83 -24.62 3.65 12.22
CA ASP A 83 -25.53 4.21 11.24
C ASP A 83 -25.97 3.12 10.27
N ARG A 84 -24.99 2.35 9.82
CA ARG A 84 -25.26 1.27 8.89
C ARG A 84 -26.02 0.14 9.59
N LYS A 85 -25.87 0.09 10.91
CA LYS A 85 -26.54 -0.93 11.70
C LYS A 85 -27.95 -0.44 12.06
N LEU A 86 -28.15 0.86 11.91
CA LEU A 86 -29.43 1.46 12.22
C LEU A 86 -30.44 1.07 11.13
N ASN A 87 -31.55 1.79 11.12
CA ASN A 87 -32.60 1.55 10.14
C ASN A 87 -32.64 2.70 9.14
N GLY A 88 -31.54 3.44 9.11
CA GLY A 88 -31.43 4.57 8.19
C GLY A 88 -30.52 4.25 7.01
N PHE A 89 -29.57 3.38 7.26
CA PHE A 89 -28.63 2.97 6.22
C PHE A 89 -28.74 1.47 5.95
N LEU A 90 -29.64 0.83 6.68
CA LEU A 90 -29.85 -0.60 6.52
C LEU A 90 -31.35 -0.89 6.55
N GLU A 91 -32.13 0.17 6.47
CA GLU A 91 -33.58 0.04 6.49
C GLU A 91 -34.23 1.42 6.37
N HIS A 92 -33.68 2.23 5.48
CA HIS A 92 -34.20 3.57 5.27
C HIS A 92 -35.64 3.49 4.73
N HIS A 93 -36.37 4.57 4.92
CA HIS A 93 -37.75 4.62 4.47
C HIS A 93 -38.62 3.67 5.29
N HIS A 94 -38.95 4.11 6.49
CA HIS A 94 -39.76 3.31 7.39
C HIS A 94 -40.80 4.20 8.08
N HIS A 95 -42.03 3.74 8.06
CA HIS A 95 -43.12 4.49 8.67
C HIS A 95 -43.27 5.85 7.98
N HIS A 96 -44.46 6.06 7.44
CA HIS A 96 -44.75 7.31 6.75
C HIS A 96 -46.17 7.78 7.11
N HIS A 97 -46.30 9.09 7.26
CA HIS A 97 -47.58 9.67 7.60
C HIS A 97 -48.28 10.16 6.33
N MET A 1 6.10 0.89 -8.52
CA MET A 1 5.72 0.09 -7.36
C MET A 1 4.87 -1.11 -7.79
N ILE A 2 4.12 -1.63 -6.82
CA ILE A 2 3.26 -2.77 -7.08
C ILE A 2 4.11 -4.04 -7.17
N GLU A 3 4.32 -4.65 -6.01
CA GLU A 3 5.11 -5.86 -5.94
C GLU A 3 4.90 -6.55 -4.59
N ASP A 4 4.31 -7.74 -4.66
CA ASP A 4 4.05 -8.52 -3.45
C ASP A 4 3.19 -9.73 -3.82
N PRO A 5 3.88 -10.81 -4.28
CA PRO A 5 3.20 -12.03 -4.66
C PRO A 5 2.74 -12.80 -3.42
N MET A 6 1.62 -13.50 -3.58
CA MET A 6 1.07 -14.28 -2.49
C MET A 6 0.02 -15.28 -3.00
N GLU A 7 -1.11 -14.73 -3.42
CA GLU A 7 -2.19 -15.55 -3.93
C GLU A 7 -3.48 -14.73 -4.03
N ASN A 8 -3.34 -13.53 -4.56
CA ASN A 8 -4.48 -12.63 -4.72
C ASN A 8 -5.08 -12.82 -6.11
N ASN A 9 -4.71 -13.93 -6.74
CA ASN A 9 -5.21 -14.24 -8.06
C ASN A 9 -6.56 -14.95 -7.96
N GLU A 10 -6.62 -15.89 -7.03
CA GLU A 10 -7.84 -16.64 -6.80
C GLU A 10 -9.06 -15.73 -6.93
N ILE A 11 -9.26 -14.91 -5.90
CA ILE A 11 -10.37 -13.99 -5.89
C ILE A 11 -10.54 -13.37 -7.28
N GLN A 12 -9.42 -13.26 -7.98
CA GLN A 12 -9.43 -12.69 -9.31
C GLN A 12 -10.06 -13.66 -10.31
N SER A 13 -9.52 -14.87 -10.31
CA SER A 13 -10.01 -15.90 -11.21
C SER A 13 -11.50 -16.16 -10.94
N VAL A 14 -11.90 -15.91 -9.70
CA VAL A 14 -13.28 -16.10 -9.30
C VAL A 14 -14.13 -14.93 -9.79
N LEU A 15 -13.53 -13.73 -9.71
CA LEU A 15 -14.21 -12.52 -10.13
C LEU A 15 -14.61 -12.66 -11.60
N MET A 16 -13.66 -13.14 -12.40
CA MET A 16 -13.90 -13.33 -13.82
C MET A 16 -14.71 -14.60 -14.08
N ASN A 17 -14.31 -15.66 -13.40
CA ASN A 17 -14.97 -16.94 -13.55
C ASN A 17 -16.48 -16.75 -13.36
N ALA A 18 -16.83 -15.76 -12.55
CA ALA A 18 -18.22 -15.47 -12.28
C ALA A 18 -18.75 -14.52 -13.35
N LEU A 19 -17.91 -13.57 -13.72
CA LEU A 19 -18.28 -12.59 -14.74
C LEU A 19 -17.03 -11.87 -15.23
N SER A 20 -17.09 -10.55 -15.16
CA SER A 20 -15.96 -9.73 -15.59
C SER A 20 -16.33 -8.24 -15.48
N LEU A 21 -15.57 -7.43 -16.19
CA LEU A 21 -15.80 -6.00 -16.17
C LEU A 21 -14.71 -5.30 -16.99
N GLN A 22 -13.47 -5.73 -16.77
CA GLN A 22 -12.34 -5.16 -17.48
C GLN A 22 -11.06 -5.34 -16.67
N GLU A 23 -10.99 -4.59 -15.57
CA GLU A 23 -9.83 -4.66 -14.70
C GLU A 23 -10.22 -5.21 -13.33
N VAL A 24 -9.20 -5.48 -12.52
CA VAL A 24 -9.43 -6.01 -11.19
C VAL A 24 -8.71 -5.13 -10.17
N HIS A 25 -9.27 -5.10 -8.96
CA HIS A 25 -8.70 -4.30 -7.88
C HIS A 25 -8.77 -5.08 -6.57
N VAL A 26 -7.65 -5.69 -6.21
CA VAL A 26 -7.58 -6.47 -4.99
C VAL A 26 -6.79 -5.68 -3.94
N SER A 27 -7.52 -4.93 -3.13
CA SER A 27 -6.90 -4.13 -2.09
C SER A 27 -7.29 -4.68 -0.71
N GLY A 28 -6.45 -4.38 0.27
CA GLY A 28 -6.69 -4.83 1.63
C GLY A 28 -5.38 -5.09 2.37
N ASP A 29 -5.29 -6.27 2.95
CA ASP A 29 -4.08 -6.65 3.69
C ASP A 29 -3.51 -7.93 3.09
N GLY A 30 -4.27 -9.01 3.22
CA GLY A 30 -3.84 -10.30 2.70
C GLY A 30 -4.92 -11.36 2.94
N SER A 31 -5.58 -11.24 4.08
CA SER A 31 -6.62 -12.19 4.43
C SER A 31 -8.00 -11.58 4.17
N HIS A 32 -8.19 -10.38 4.69
CA HIS A 32 -9.45 -9.67 4.51
C HIS A 32 -9.24 -8.47 3.60
N PHE A 33 -9.50 -8.69 2.32
CA PHE A 33 -9.35 -7.63 1.32
C PHE A 33 -10.58 -7.55 0.42
N GLN A 34 -10.73 -6.40 -0.22
CA GLN A 34 -11.85 -6.16 -1.10
C GLN A 34 -11.42 -6.30 -2.57
N VAL A 35 -12.24 -7.00 -3.33
CA VAL A 35 -11.95 -7.22 -4.74
C VAL A 35 -12.94 -6.42 -5.58
N ILE A 36 -12.48 -5.25 -6.02
CA ILE A 36 -13.32 -4.38 -6.84
C ILE A 36 -13.02 -4.64 -8.31
N ALA A 37 -14.06 -5.01 -9.04
CA ALA A 37 -13.92 -5.29 -10.47
C ALA A 37 -13.99 -3.98 -11.24
N VAL A 38 -12.83 -3.56 -11.74
CA VAL A 38 -12.76 -2.33 -12.51
C VAL A 38 -13.30 -2.57 -13.91
N GLY A 39 -13.85 -1.51 -14.49
CA GLY A 39 -14.41 -1.60 -15.83
C GLY A 39 -15.50 -0.55 -16.03
N GLU A 40 -16.58 -0.99 -16.69
CA GLU A 40 -17.69 -0.10 -16.95
C GLU A 40 -18.96 -0.92 -17.23
N LEU A 41 -18.92 -2.16 -16.80
CA LEU A 41 -20.05 -3.06 -17.00
C LEU A 41 -21.18 -2.67 -16.02
N PHE A 42 -20.92 -2.91 -14.75
CA PHE A 42 -21.89 -2.60 -13.72
C PHE A 42 -21.73 -1.15 -13.24
N ASP A 43 -21.45 -0.27 -14.19
CA ASP A 43 -21.26 1.14 -13.87
C ASP A 43 -22.62 1.84 -13.93
N GLY A 44 -23.48 1.51 -12.98
CA GLY A 44 -24.79 2.10 -12.92
C GLY A 44 -25.80 1.13 -12.28
N MET A 45 -25.43 -0.14 -12.29
CA MET A 45 -26.28 -1.17 -11.73
C MET A 45 -26.54 -0.93 -10.24
N SER A 46 -27.52 -1.64 -9.71
CA SER A 46 -27.87 -1.50 -8.30
C SER A 46 -26.95 -2.39 -7.45
N ARG A 47 -26.26 -1.73 -6.53
CA ARG A 47 -25.36 -2.44 -5.65
C ARG A 47 -25.93 -3.81 -5.28
N VAL A 48 -27.25 -3.86 -5.20
CA VAL A 48 -27.94 -5.09 -4.86
C VAL A 48 -27.92 -6.04 -6.07
N LYS A 49 -28.45 -5.55 -7.17
CA LYS A 49 -28.51 -6.33 -8.39
C LYS A 49 -27.08 -6.70 -8.81
N LYS A 50 -26.16 -5.80 -8.51
CA LYS A 50 -24.77 -6.00 -8.86
C LYS A 50 -24.19 -7.11 -7.97
N GLN A 51 -23.92 -6.74 -6.73
CA GLN A 51 -23.37 -7.68 -5.77
C GLN A 51 -24.11 -9.00 -5.84
N GLN A 52 -25.40 -8.91 -6.13
CA GLN A 52 -26.24 -10.09 -6.23
C GLN A 52 -25.79 -10.96 -7.40
N THR A 53 -26.10 -10.50 -8.60
CA THR A 53 -25.73 -11.24 -9.80
C THR A 53 -24.23 -11.57 -9.78
N VAL A 54 -23.51 -10.81 -8.97
CA VAL A 54 -22.07 -11.02 -8.85
C VAL A 54 -21.80 -12.15 -7.86
N TYR A 55 -22.64 -12.21 -6.84
CA TYR A 55 -22.51 -13.23 -5.81
C TYR A 55 -23.21 -14.53 -6.24
N GLY A 56 -24.14 -14.38 -7.16
CA GLY A 56 -24.89 -15.54 -7.66
C GLY A 56 -23.95 -16.67 -8.07
N PRO A 57 -22.96 -16.31 -8.94
CA PRO A 57 -21.99 -17.29 -9.41
C PRO A 57 -20.96 -17.60 -8.32
N LEU A 58 -20.34 -16.55 -7.81
CA LEU A 58 -19.34 -16.70 -6.77
C LEU A 58 -20.03 -16.72 -5.41
N MET A 59 -21.18 -17.38 -5.36
CA MET A 59 -21.94 -17.47 -4.14
C MET A 59 -21.40 -18.60 -3.25
N GLU A 60 -21.17 -19.74 -3.88
CA GLU A 60 -20.66 -20.90 -3.16
C GLU A 60 -19.18 -20.71 -2.83
N TYR A 61 -18.38 -20.56 -3.88
CA TYR A 61 -16.95 -20.37 -3.70
C TYR A 61 -16.65 -19.45 -2.51
N ILE A 62 -17.42 -18.37 -2.43
CA ILE A 62 -17.25 -17.41 -1.36
C ILE A 62 -17.82 -18.01 -0.06
N ALA A 63 -18.98 -18.63 -0.19
CA ALA A 63 -19.63 -19.23 0.95
C ALA A 63 -18.60 -19.98 1.79
N ASP A 64 -17.71 -20.68 1.09
CA ASP A 64 -16.67 -21.45 1.75
C ASP A 64 -15.47 -20.52 2.04
N ASN A 65 -15.19 -19.66 1.08
CA ASN A 65 -14.09 -18.72 1.21
C ASN A 65 -14.25 -17.93 2.52
N ARG A 66 -15.48 -17.94 3.02
CA ARG A 66 -15.78 -17.22 4.25
C ARG A 66 -14.59 -17.26 5.20
N ILE A 67 -13.89 -18.40 5.17
CA ILE A 67 -12.73 -18.59 6.02
C ILE A 67 -11.94 -17.28 6.08
N HIS A 68 -11.88 -16.60 4.95
CA HIS A 68 -11.15 -15.34 4.85
C HIS A 68 -12.16 -14.19 4.75
N ALA A 69 -11.75 -13.17 4.00
CA ALA A 69 -12.59 -12.00 3.81
C ALA A 69 -12.29 -11.37 2.45
N VAL A 70 -12.83 -11.99 1.41
CA VAL A 70 -12.62 -11.51 0.06
C VAL A 70 -13.93 -10.92 -0.47
N SER A 71 -14.05 -9.61 -0.34
CA SER A 71 -15.24 -8.92 -0.80
C SER A 71 -15.22 -8.80 -2.33
N ILE A 72 -16.41 -8.65 -2.89
CA ILE A 72 -16.55 -8.53 -4.33
C ILE A 72 -17.55 -7.42 -4.66
N LYS A 73 -17.03 -6.37 -5.28
CA LYS A 73 -17.87 -5.24 -5.65
C LYS A 73 -17.47 -4.75 -7.04
N ALA A 74 -18.46 -4.69 -7.92
CA ALA A 74 -18.23 -4.25 -9.28
C ALA A 74 -18.32 -2.72 -9.34
N TYR A 75 -17.21 -2.11 -9.71
CA TYR A 75 -17.15 -0.66 -9.81
C TYR A 75 -16.05 -0.22 -10.77
N THR A 76 -15.90 1.09 -10.89
CA THR A 76 -14.89 1.65 -11.78
C THR A 76 -13.57 1.86 -11.02
N PRO A 77 -12.59 2.44 -11.74
CA PRO A 77 -11.29 2.70 -11.14
C PRO A 77 -11.34 3.90 -10.18
N ALA A 78 -12.11 4.91 -10.59
CA ALA A 78 -12.26 6.10 -9.78
C ALA A 78 -13.28 5.83 -8.67
N GLU A 79 -14.20 4.93 -8.96
CA GLU A 79 -15.24 4.58 -8.00
C GLU A 79 -14.61 4.06 -6.71
N TRP A 80 -13.44 3.44 -6.85
CA TRP A 80 -12.73 2.91 -5.71
C TRP A 80 -12.41 4.07 -4.77
N ALA A 81 -11.43 4.86 -5.16
CA ALA A 81 -11.02 6.00 -4.36
C ALA A 81 -12.26 6.66 -3.76
N ARG A 82 -13.23 6.91 -4.60
CA ARG A 82 -14.47 7.54 -4.16
C ARG A 82 -15.14 6.68 -3.09
N ASP A 83 -15.09 5.37 -3.30
CA ASP A 83 -15.69 4.44 -2.37
C ASP A 83 -14.90 4.46 -1.06
N ARG A 84 -13.59 4.40 -1.21
CA ARG A 84 -12.71 4.41 -0.05
C ARG A 84 -12.74 5.78 0.64
N LYS A 85 -13.12 6.78 -0.15
CA LYS A 85 -13.19 8.14 0.36
C LYS A 85 -14.56 8.37 1.00
N LEU A 86 -15.49 7.48 0.66
CA LEU A 86 -16.84 7.57 1.19
C LEU A 86 -16.85 7.11 2.65
N ASN A 87 -18.04 6.85 3.16
CA ASN A 87 -18.20 6.40 4.53
C ASN A 87 -18.62 4.93 4.53
N GLY A 88 -18.38 4.26 3.41
CA GLY A 88 -18.72 2.86 3.27
C GLY A 88 -17.48 1.98 3.37
N PHE A 89 -16.36 2.53 2.91
CA PHE A 89 -15.10 1.80 2.94
C PHE A 89 -14.09 2.51 3.85
N LEU A 90 -14.53 3.62 4.40
CA LEU A 90 -13.67 4.40 5.28
C LEU A 90 -14.47 4.87 6.50
N GLU A 91 -15.66 4.28 6.64
CA GLU A 91 -16.54 4.64 7.74
C GLU A 91 -17.82 3.80 7.69
N HIS A 92 -18.75 4.14 8.56
CA HIS A 92 -20.01 3.42 8.63
C HIS A 92 -21.01 4.22 9.47
N HIS A 93 -21.90 4.92 8.78
CA HIS A 93 -22.91 5.72 9.45
C HIS A 93 -24.29 5.38 8.90
N HIS A 94 -25.30 5.99 9.49
CA HIS A 94 -26.67 5.76 9.08
C HIS A 94 -27.04 4.30 9.35
N HIS A 95 -28.28 3.96 8.99
CA HIS A 95 -28.76 2.61 9.18
C HIS A 95 -28.90 2.32 10.68
N HIS A 96 -30.00 2.79 11.25
CA HIS A 96 -30.25 2.59 12.67
C HIS A 96 -31.51 1.74 12.84
N HIS A 97 -31.32 0.43 12.75
CA HIS A 97 -32.43 -0.49 12.89
C HIS A 97 -31.90 -1.86 13.33
N MET A 1 6.10 0.89 -8.52
CA MET A 1 5.72 0.09 -7.36
C MET A 1 4.20 -0.01 -7.25
N ILE A 2 3.76 -1.09 -6.60
CA ILE A 2 2.34 -1.32 -6.42
C ILE A 2 2.13 -2.34 -5.30
N GLU A 3 2.65 -3.54 -5.54
CA GLU A 3 2.53 -4.60 -4.56
C GLU A 3 1.06 -5.02 -4.40
N ASP A 4 0.83 -6.32 -4.48
CA ASP A 4 -0.52 -6.85 -4.34
C ASP A 4 -1.37 -6.35 -5.51
N PRO A 5 -1.85 -7.32 -6.33
CA PRO A 5 -2.68 -7.00 -7.48
C PRO A 5 -4.10 -6.63 -7.04
N MET A 6 -4.71 -5.73 -7.80
CA MET A 6 -6.05 -5.29 -7.51
C MET A 6 -6.70 -4.62 -8.72
N GLU A 7 -6.22 -3.42 -9.02
CA GLU A 7 -6.74 -2.67 -10.16
C GLU A 7 -5.65 -1.76 -10.73
N ASN A 8 -5.39 -0.69 -9.99
CA ASN A 8 -4.38 0.28 -10.42
C ASN A 8 -4.80 0.91 -11.74
N ASN A 9 -4.68 0.11 -12.80
CA ASN A 9 -5.03 0.58 -14.13
C ASN A 9 -6.37 1.33 -14.06
N GLU A 10 -7.16 0.97 -13.05
CA GLU A 10 -8.45 1.60 -12.86
C GLU A 10 -8.29 3.10 -12.62
N ILE A 11 -7.84 3.42 -11.42
CA ILE A 11 -7.64 4.82 -11.05
C ILE A 11 -6.68 5.46 -12.03
N GLN A 12 -5.92 4.62 -12.71
CA GLN A 12 -4.95 5.10 -13.69
C GLN A 12 -5.66 5.51 -14.98
N SER A 13 -6.72 4.78 -15.30
CA SER A 13 -7.49 5.05 -16.49
C SER A 13 -8.36 6.31 -16.29
N VAL A 14 -8.84 6.45 -15.06
CA VAL A 14 -9.68 7.58 -14.73
C VAL A 14 -8.80 8.82 -14.54
N LEU A 15 -7.59 8.58 -14.04
CA LEU A 15 -6.65 9.66 -13.81
C LEU A 15 -6.17 10.21 -15.15
N MET A 16 -5.92 9.28 -16.07
CA MET A 16 -5.46 9.67 -17.40
C MET A 16 -6.60 10.20 -18.25
N ASN A 17 -7.70 9.46 -18.23
CA ASN A 17 -8.89 9.85 -18.98
C ASN A 17 -9.31 11.26 -18.58
N ALA A 18 -9.20 11.53 -17.29
CA ALA A 18 -9.57 12.83 -16.76
C ALA A 18 -8.47 13.84 -17.11
N LEU A 19 -7.25 13.50 -16.74
CA LEU A 19 -6.11 14.36 -17.00
C LEU A 19 -4.83 13.65 -16.57
N SER A 20 -3.98 13.37 -17.55
CA SER A 20 -2.73 12.70 -17.29
C SER A 20 -1.65 13.73 -16.96
N LEU A 21 -0.42 13.39 -17.34
CA LEU A 21 0.71 14.28 -17.09
C LEU A 21 1.99 13.62 -17.61
N GLN A 22 2.12 12.33 -17.31
CA GLN A 22 3.28 11.59 -17.75
C GLN A 22 3.29 10.19 -17.10
N GLU A 23 3.37 10.20 -15.77
CA GLU A 23 3.39 8.96 -15.01
C GLU A 23 2.31 8.99 -13.93
N VAL A 24 2.19 7.86 -13.23
CA VAL A 24 1.21 7.75 -12.17
C VAL A 24 1.83 6.97 -11.00
N HIS A 25 1.20 7.11 -9.84
CA HIS A 25 1.68 6.45 -8.65
C HIS A 25 0.48 6.06 -7.76
N VAL A 26 0.34 4.76 -7.56
CA VAL A 26 -0.75 4.25 -6.74
C VAL A 26 -0.18 3.58 -5.50
N SER A 27 -0.06 4.38 -4.44
CA SER A 27 0.47 3.89 -3.19
C SER A 27 -0.67 3.69 -2.17
N GLY A 28 -0.52 2.66 -1.36
CA GLY A 28 -1.53 2.36 -0.35
C GLY A 28 -1.55 0.86 -0.02
N ASP A 29 -2.71 0.40 0.39
CA ASP A 29 -2.88 -1.01 0.74
C ASP A 29 -3.82 -1.66 -0.27
N GLY A 30 -5.03 -1.14 -0.33
CA GLY A 30 -6.02 -1.68 -1.25
C GLY A 30 -7.33 -0.86 -1.18
N SER A 31 -7.67 -0.47 0.03
CA SER A 31 -8.88 0.31 0.26
C SER A 31 -8.57 1.80 0.16
N HIS A 32 -7.66 2.24 1.02
CA HIS A 32 -7.26 3.64 1.05
C HIS A 32 -5.85 3.78 0.47
N PHE A 33 -5.80 4.41 -0.70
CA PHE A 33 -4.52 4.61 -1.38
C PHE A 33 -4.48 5.99 -2.05
N GLN A 34 -3.27 6.51 -2.18
CA GLN A 34 -3.08 7.80 -2.80
C GLN A 34 -2.62 7.64 -4.25
N VAL A 35 -3.33 8.31 -5.14
CA VAL A 35 -3.01 8.25 -6.57
C VAL A 35 -2.34 9.55 -6.99
N ILE A 36 -1.02 9.54 -7.00
CA ILE A 36 -0.26 10.72 -7.39
C ILE A 36 -0.04 10.69 -8.90
N ALA A 37 -0.34 11.83 -9.52
CA ALA A 37 -0.18 11.97 -10.96
C ALA A 37 1.19 12.57 -11.26
N VAL A 38 2.09 11.71 -11.74
CA VAL A 38 3.43 12.14 -12.07
C VAL A 38 3.43 12.79 -13.46
N GLY A 39 4.28 13.80 -13.61
CA GLY A 39 4.37 14.51 -14.88
C GLY A 39 5.17 15.80 -14.72
N GLU A 40 4.83 16.78 -15.54
CA GLU A 40 5.51 18.06 -15.51
C GLU A 40 4.59 19.16 -16.05
N LEU A 41 3.31 18.83 -16.11
CA LEU A 41 2.32 19.78 -16.60
C LEU A 41 1.84 20.66 -15.43
N PHE A 42 1.53 20.01 -14.33
CA PHE A 42 1.07 20.70 -13.15
C PHE A 42 2.22 20.95 -12.16
N ASP A 43 3.42 21.07 -12.72
CA ASP A 43 4.60 21.31 -11.91
C ASP A 43 4.70 22.79 -11.57
N GLY A 44 3.74 23.25 -10.79
CA GLY A 44 3.70 24.65 -10.39
C GLY A 44 2.27 25.10 -10.10
N MET A 45 1.32 24.34 -10.65
CA MET A 45 -0.09 24.66 -10.47
C MET A 45 -0.43 24.78 -8.99
N SER A 46 -1.61 25.34 -8.73
CA SER A 46 -2.06 25.52 -7.36
C SER A 46 -2.70 24.23 -6.85
N ARG A 47 -2.19 23.75 -5.73
CA ARG A 47 -2.70 22.53 -5.13
C ARG A 47 -4.22 22.44 -5.31
N VAL A 48 -4.85 23.60 -5.27
CA VAL A 48 -6.30 23.68 -5.43
C VAL A 48 -6.65 23.51 -6.91
N LYS A 49 -6.34 24.55 -7.68
CA LYS A 49 -6.61 24.54 -9.10
C LYS A 49 -6.30 23.15 -9.67
N LYS A 50 -5.33 22.50 -9.05
CA LYS A 50 -4.92 21.17 -9.47
C LYS A 50 -5.98 20.15 -9.03
N GLN A 51 -6.30 20.20 -7.74
CA GLN A 51 -7.29 19.30 -7.20
C GLN A 51 -8.67 19.59 -7.78
N GLN A 52 -8.78 20.78 -8.36
CA GLN A 52 -10.04 21.21 -8.95
C GLN A 52 -10.17 20.65 -10.38
N THR A 53 -9.07 20.74 -11.11
CA THR A 53 -9.04 20.25 -12.48
C THR A 53 -8.80 18.74 -12.51
N VAL A 54 -8.22 18.25 -11.42
CA VAL A 54 -7.94 16.83 -11.30
C VAL A 54 -9.17 16.11 -10.75
N TYR A 55 -9.72 16.66 -9.68
CA TYR A 55 -10.89 16.09 -9.05
C TYR A 55 -12.17 16.56 -9.75
N GLY A 56 -12.04 17.66 -10.47
CA GLY A 56 -13.18 18.22 -11.19
C GLY A 56 -13.79 17.19 -12.15
N PRO A 57 -12.91 16.61 -13.01
CA PRO A 57 -13.34 15.61 -13.97
C PRO A 57 -13.62 14.27 -13.28
N LEU A 58 -12.61 13.81 -12.55
CA LEU A 58 -12.71 12.54 -11.84
C LEU A 58 -13.38 12.78 -10.48
N MET A 59 -14.39 13.64 -10.50
CA MET A 59 -15.12 13.96 -9.27
C MET A 59 -16.22 12.94 -9.02
N GLU A 60 -16.90 12.56 -10.09
CA GLU A 60 -17.99 11.60 -9.99
C GLU A 60 -17.44 10.21 -9.67
N TYR A 61 -16.61 9.71 -10.57
CA TYR A 61 -16.00 8.40 -10.38
C TYR A 61 -15.56 8.20 -8.93
N ILE A 62 -14.92 9.23 -8.40
CA ILE A 62 -14.44 9.19 -7.03
C ILE A 62 -15.63 9.24 -6.07
N ALA A 63 -16.61 10.05 -6.44
CA ALA A 63 -17.81 10.20 -5.62
C ALA A 63 -18.43 8.82 -5.37
N ASP A 64 -18.30 7.95 -6.37
CA ASP A 64 -18.84 6.61 -6.28
C ASP A 64 -17.82 5.71 -5.57
N ASN A 65 -16.57 5.83 -6.00
CA ASN A 65 -15.50 5.03 -5.42
C ASN A 65 -15.43 5.31 -3.91
N ARG A 66 -16.05 6.42 -3.53
CA ARG A 66 -16.06 6.81 -2.12
C ARG A 66 -16.06 5.57 -1.22
N ILE A 67 -16.75 4.55 -1.69
CA ILE A 67 -16.84 3.31 -0.94
C ILE A 67 -15.49 3.01 -0.29
N HIS A 68 -14.43 3.44 -0.96
CA HIS A 68 -13.09 3.23 -0.46
C HIS A 68 -12.42 4.58 -0.21
N ALA A 69 -11.11 4.60 -0.42
CA ALA A 69 -10.34 5.82 -0.21
C ALA A 69 -9.34 5.99 -1.35
N VAL A 70 -9.80 6.63 -2.41
CA VAL A 70 -8.96 6.87 -3.58
C VAL A 70 -8.65 8.37 -3.69
N SER A 71 -7.43 8.72 -3.34
CA SER A 71 -7.01 10.10 -3.39
C SER A 71 -6.30 10.37 -4.72
N ILE A 72 -6.31 11.64 -5.12
CA ILE A 72 -5.67 12.04 -6.36
C ILE A 72 -4.94 13.37 -6.14
N LYS A 73 -3.62 13.30 -6.30
CA LYS A 73 -2.79 14.48 -6.13
C LYS A 73 -1.76 14.54 -7.25
N ALA A 74 -1.95 15.51 -8.14
CA ALA A 74 -1.05 15.69 -9.27
C ALA A 74 0.25 16.32 -8.77
N TYR A 75 1.31 15.53 -8.84
CA TYR A 75 2.62 15.99 -8.40
C TYR A 75 3.73 15.39 -9.26
N THR A 76 4.96 15.73 -8.91
CA THR A 76 6.12 15.24 -9.65
C THR A 76 6.59 13.91 -9.05
N PRO A 77 7.71 13.39 -9.62
CA PRO A 77 8.27 12.13 -9.17
C PRO A 77 8.98 12.31 -7.83
N ALA A 78 9.68 13.43 -7.71
CA ALA A 78 10.41 13.73 -6.48
C ALA A 78 9.44 14.31 -5.44
N GLU A 79 8.35 14.85 -5.94
CA GLU A 79 7.34 15.44 -5.07
C GLU A 79 6.77 14.38 -4.13
N TRP A 80 6.80 13.14 -4.60
CA TRP A 80 6.29 12.03 -3.81
C TRP A 80 7.20 11.86 -2.59
N ALA A 81 8.37 11.32 -2.84
CA ALA A 81 9.34 11.10 -1.78
C ALA A 81 9.27 12.26 -0.78
N ARG A 82 9.40 13.46 -1.33
CA ARG A 82 9.35 14.66 -0.51
C ARG A 82 8.01 14.77 0.21
N ASP A 83 6.95 14.45 -0.53
CA ASP A 83 5.60 14.51 0.02
C ASP A 83 5.49 13.52 1.18
N ARG A 84 5.97 12.31 0.94
CA ARG A 84 5.93 11.27 1.95
C ARG A 84 6.92 11.59 3.09
N LYS A 85 7.95 12.34 2.73
CA LYS A 85 8.96 12.72 3.70
C LYS A 85 8.51 13.99 4.42
N LEU A 86 7.52 14.65 3.84
CA LEU A 86 6.99 15.87 4.42
C LEU A 86 6.22 15.53 5.69
N ASN A 87 5.36 16.46 6.08
CA ASN A 87 4.55 16.28 7.28
C ASN A 87 3.07 16.21 6.89
N GLY A 88 2.85 15.78 5.66
CA GLY A 88 1.49 15.68 5.15
C GLY A 88 1.13 14.21 4.85
N PHE A 89 2.16 13.45 4.48
CA PHE A 89 1.98 12.05 4.17
C PHE A 89 2.74 11.16 5.15
N LEU A 90 3.39 11.81 6.10
CA LEU A 90 4.17 11.10 7.09
C LEU A 90 3.93 11.72 8.47
N GLU A 91 2.90 12.55 8.53
CA GLU A 91 2.55 13.22 9.77
C GLU A 91 3.67 14.17 10.20
N HIS A 92 4.73 13.58 10.74
CA HIS A 92 5.88 14.35 11.18
C HIS A 92 5.44 15.29 12.31
N HIS A 93 6.41 16.05 12.82
CA HIS A 93 6.15 16.99 13.90
C HIS A 93 5.80 18.35 13.31
N HIS A 94 4.62 18.84 13.68
CA HIS A 94 4.16 20.13 13.21
C HIS A 94 5.31 21.13 13.25
N HIS A 95 5.77 21.40 14.47
CA HIS A 95 6.87 22.33 14.67
C HIS A 95 6.68 23.54 13.75
N HIS A 96 5.62 24.29 14.00
CA HIS A 96 5.32 25.46 13.20
C HIS A 96 6.58 26.32 13.07
N HIS A 97 7.09 26.37 11.85
CA HIS A 97 8.28 27.16 11.57
C HIS A 97 8.15 28.54 12.21
N MET A 1 6.10 0.89 -8.52
CA MET A 1 5.72 0.09 -7.36
C MET A 1 4.26 -0.33 -7.45
N ILE A 2 3.88 -1.26 -6.58
CA ILE A 2 2.53 -1.75 -6.54
C ILE A 2 2.12 -2.03 -5.10
N GLU A 3 1.02 -2.76 -4.95
CA GLU A 3 0.52 -3.09 -3.63
C GLU A 3 -0.93 -3.60 -3.72
N ASP A 4 -1.33 -4.35 -2.71
CA ASP A 4 -2.67 -4.90 -2.66
C ASP A 4 -3.68 -3.75 -2.47
N PRO A 5 -4.87 -3.94 -3.11
CA PRO A 5 -5.92 -2.93 -3.01
C PRO A 5 -6.60 -2.98 -1.63
N MET A 6 -6.90 -1.80 -1.12
CA MET A 6 -7.55 -1.69 0.18
C MET A 6 -7.55 -0.24 0.68
N GLU A 7 -8.63 0.46 0.38
CA GLU A 7 -8.75 1.84 0.79
C GLU A 7 -8.47 1.98 2.29
N ASN A 8 -9.54 2.01 3.06
CA ASN A 8 -9.43 2.15 4.51
C ASN A 8 -9.04 3.58 4.86
N ASN A 9 -8.98 4.41 3.83
CA ASN A 9 -8.62 5.81 4.01
C ASN A 9 -9.87 6.61 4.37
N GLU A 10 -11.02 6.02 4.05
CA GLU A 10 -12.30 6.66 4.32
C GLU A 10 -12.46 6.89 5.82
N ILE A 11 -12.72 5.79 6.53
CA ILE A 11 -12.90 5.86 7.97
C ILE A 11 -11.79 6.71 8.59
N GLN A 12 -10.63 6.67 7.95
CA GLN A 12 -9.49 7.43 8.42
C GLN A 12 -9.69 8.92 8.14
N SER A 13 -10.26 9.20 6.98
CA SER A 13 -10.52 10.57 6.58
C SER A 13 -11.61 11.17 7.47
N VAL A 14 -12.61 10.35 7.76
CA VAL A 14 -13.72 10.80 8.60
C VAL A 14 -13.26 10.86 10.05
N LEU A 15 -12.29 10.02 10.38
CA LEU A 15 -11.75 9.98 11.72
C LEU A 15 -10.86 11.20 11.96
N MET A 16 -10.22 11.65 10.88
CA MET A 16 -9.35 12.80 10.96
C MET A 16 -10.16 14.11 10.90
N ASN A 17 -11.13 14.12 10.02
CA ASN A 17 -11.99 15.29 9.85
C ASN A 17 -12.76 15.53 11.14
N ALA A 18 -13.27 14.45 11.70
CA ALA A 18 -14.04 14.52 12.94
C ALA A 18 -13.15 15.11 14.04
N LEU A 19 -12.06 14.40 14.33
CA LEU A 19 -11.13 14.84 15.36
C LEU A 19 -9.90 13.94 15.34
N SER A 20 -8.80 14.51 14.87
CA SER A 20 -7.55 13.77 14.79
C SER A 20 -6.97 13.60 16.19
N LEU A 21 -5.63 13.55 16.24
CA LEU A 21 -4.94 13.38 17.49
C LEU A 21 -3.44 13.17 17.23
N GLN A 22 -3.16 12.29 16.28
CA GLN A 22 -1.79 12.00 15.91
C GLN A 22 -1.75 10.84 14.91
N GLU A 23 -2.22 9.69 15.36
CA GLU A 23 -2.24 8.51 14.53
C GLU A 23 -3.65 7.90 14.50
N VAL A 24 -3.78 6.84 13.71
CA VAL A 24 -5.06 6.17 13.58
C VAL A 24 -4.83 4.65 13.47
N HIS A 25 -5.89 3.90 13.73
CA HIS A 25 -5.81 2.45 13.66
C HIS A 25 -7.11 1.90 13.05
N VAL A 26 -6.96 1.31 11.87
CA VAL A 26 -8.10 0.74 11.18
C VAL A 26 -8.03 -0.79 11.26
N SER A 27 -8.46 -1.32 12.40
CA SER A 27 -8.44 -2.75 12.61
C SER A 27 -9.67 -3.39 11.95
N GLY A 28 -9.41 -4.32 11.05
CA GLY A 28 -10.48 -5.02 10.35
C GLY A 28 -10.75 -6.37 10.99
N ASP A 29 -11.93 -6.91 10.68
CA ASP A 29 -12.34 -8.19 11.20
C ASP A 29 -13.22 -8.90 10.18
N GLY A 30 -14.36 -8.29 9.89
CA GLY A 30 -15.29 -8.86 8.94
C GLY A 30 -16.57 -8.02 8.85
N SER A 31 -16.49 -6.98 8.05
CA SER A 31 -17.63 -6.08 7.86
C SER A 31 -17.59 -4.96 8.91
N HIS A 32 -17.01 -5.28 10.04
CA HIS A 32 -16.89 -4.32 11.13
C HIS A 32 -15.42 -4.14 11.49
N PHE A 33 -14.98 -2.89 11.46
CA PHE A 33 -13.61 -2.57 11.79
C PHE A 33 -13.53 -1.50 12.89
N GLN A 34 -12.57 -1.67 13.78
CA GLN A 34 -12.38 -0.73 14.87
C GLN A 34 -11.45 0.40 14.45
N VAL A 35 -12.00 1.60 14.43
CA VAL A 35 -11.23 2.78 14.05
C VAL A 35 -10.83 3.55 15.31
N ILE A 36 -9.60 3.34 15.73
CA ILE A 36 -9.09 4.01 16.92
C ILE A 36 -8.32 5.27 16.50
N ALA A 37 -8.32 6.25 17.39
CA ALA A 37 -7.63 7.50 17.12
C ALA A 37 -6.44 7.63 18.07
N VAL A 38 -5.26 7.37 17.53
CA VAL A 38 -4.04 7.45 18.32
C VAL A 38 -3.63 8.92 18.45
N GLY A 39 -2.99 9.24 19.58
CA GLY A 39 -2.54 10.59 19.83
C GLY A 39 -2.27 10.81 21.31
N GLU A 40 -3.02 11.74 21.89
CA GLU A 40 -2.87 12.06 23.30
C GLU A 40 -3.97 13.02 23.75
N LEU A 41 -4.30 13.95 22.85
CA LEU A 41 -5.33 14.93 23.14
C LEU A 41 -6.44 14.27 23.95
N PHE A 42 -7.08 13.27 23.36
CA PHE A 42 -8.15 12.56 24.02
C PHE A 42 -7.60 11.43 24.89
N ASP A 43 -6.53 11.74 25.59
CA ASP A 43 -5.89 10.76 26.47
C ASP A 43 -6.39 10.98 27.91
N GLY A 44 -7.67 10.73 28.09
CA GLY A 44 -8.28 10.89 29.41
C GLY A 44 -9.73 11.37 29.30
N MET A 45 -10.07 11.86 28.10
CA MET A 45 -11.40 12.35 27.85
C MET A 45 -12.44 11.29 28.16
N SER A 46 -13.59 11.74 28.65
CA SER A 46 -14.68 10.85 28.99
C SER A 46 -15.22 10.17 27.72
N ARG A 47 -15.13 8.85 27.71
CA ARG A 47 -15.60 8.08 26.58
C ARG A 47 -16.90 8.69 26.03
N VAL A 48 -17.68 9.26 26.93
CA VAL A 48 -18.94 9.88 26.55
C VAL A 48 -18.65 11.18 25.79
N LYS A 49 -17.86 12.03 26.41
CA LYS A 49 -17.51 13.30 25.81
C LYS A 49 -16.67 13.05 24.55
N LYS A 50 -15.84 12.01 24.63
CA LYS A 50 -14.98 11.66 23.51
C LYS A 50 -15.85 11.18 22.34
N GLN A 51 -16.36 9.96 22.47
CA GLN A 51 -17.19 9.39 21.44
C GLN A 51 -18.24 10.40 20.97
N GLN A 52 -18.68 11.23 21.90
CA GLN A 52 -19.66 12.25 21.60
C GLN A 52 -19.10 13.25 20.58
N THR A 53 -18.23 14.11 21.08
CA THR A 53 -17.61 15.11 20.22
C THR A 53 -17.00 14.46 18.99
N VAL A 54 -16.76 13.15 19.10
CA VAL A 54 -16.17 12.40 18.00
C VAL A 54 -17.29 11.97 17.03
N TYR A 55 -18.47 11.78 17.60
CA TYR A 55 -19.62 11.37 16.81
C TYR A 55 -20.33 12.58 16.19
N GLY A 56 -20.24 13.69 16.90
CA GLY A 56 -20.86 14.92 16.43
C GLY A 56 -20.59 15.15 14.95
N PRO A 57 -19.27 15.12 14.60
CA PRO A 57 -18.86 15.31 13.21
C PRO A 57 -19.16 14.07 12.37
N LEU A 58 -18.63 12.95 12.82
CA LEU A 58 -18.83 11.69 12.12
C LEU A 58 -20.15 11.06 12.56
N MET A 59 -21.14 11.92 12.73
CA MET A 59 -22.46 11.48 13.14
C MET A 59 -23.30 11.02 11.95
N GLU A 60 -23.34 11.88 10.94
CA GLU A 60 -24.10 11.58 9.73
C GLU A 60 -23.36 10.53 8.89
N TYR A 61 -22.10 10.82 8.62
CA TYR A 61 -21.28 9.91 7.83
C TYR A 61 -21.48 8.46 8.28
N ILE A 62 -21.50 8.28 9.59
CA ILE A 62 -21.68 6.95 10.15
C ILE A 62 -23.13 6.52 9.97
N ALA A 63 -24.04 7.42 10.31
CA ALA A 63 -25.46 7.14 10.19
C ALA A 63 -25.71 6.38 8.89
N ASP A 64 -25.04 6.83 7.84
CA ASP A 64 -25.18 6.21 6.54
C ASP A 64 -24.25 5.01 6.44
N ASN A 65 -23.08 5.15 7.05
CA ASN A 65 -22.09 4.08 7.06
C ASN A 65 -22.71 2.82 7.67
N ARG A 66 -23.81 3.02 8.37
CA ARG A 66 -24.51 1.92 9.01
C ARG A 66 -24.35 0.64 8.18
N ILE A 67 -24.34 0.83 6.87
CA ILE A 67 -24.20 -0.29 5.96
C ILE A 67 -23.23 -1.31 6.55
N HIS A 68 -22.16 -0.78 7.14
CA HIS A 68 -21.15 -1.63 7.75
C HIS A 68 -21.10 -1.38 9.26
N ALA A 69 -19.90 -1.45 9.81
CA ALA A 69 -19.71 -1.23 11.23
C ALA A 69 -18.31 -0.65 11.46
N VAL A 70 -18.26 0.69 11.50
CA VAL A 70 -17.00 1.37 11.72
C VAL A 70 -17.03 2.04 13.10
N SER A 71 -16.30 1.43 14.03
CA SER A 71 -16.23 1.94 15.38
C SER A 71 -15.22 3.09 15.45
N ILE A 72 -15.49 4.03 16.34
CA ILE A 72 -14.63 5.17 16.52
C ILE A 72 -14.33 5.36 18.00
N LYS A 73 -13.06 5.16 18.36
CA LYS A 73 -12.64 5.31 19.74
C LYS A 73 -11.24 5.94 19.77
N ALA A 74 -11.21 7.19 20.22
CA ALA A 74 -9.96 7.92 20.32
C ALA A 74 -9.20 7.47 21.57
N TYR A 75 -8.08 6.81 21.33
CA TYR A 75 -7.26 6.33 22.44
C TYR A 75 -5.77 6.46 22.11
N THR A 76 -4.94 5.99 23.03
CA THR A 76 -3.51 6.05 22.86
C THR A 76 -3.01 4.84 22.06
N PRO A 77 -1.66 4.78 21.87
CA PRO A 77 -1.07 3.69 21.13
C PRO A 77 -1.02 2.41 21.97
N ALA A 78 -0.75 2.60 23.25
CA ALA A 78 -0.68 1.48 24.18
C ALA A 78 -2.09 1.12 24.65
N GLU A 79 -2.96 2.11 24.61
CA GLU A 79 -4.34 1.92 25.03
C GLU A 79 -5.00 0.84 24.18
N TRP A 80 -4.51 0.70 22.96
CA TRP A 80 -5.04 -0.29 22.05
C TRP A 80 -4.77 -1.68 22.63
N ALA A 81 -3.51 -2.09 22.55
CA ALA A 81 -3.10 -3.38 23.07
C ALA A 81 -3.85 -3.66 24.37
N ARG A 82 -3.77 -2.70 25.28
CA ARG A 82 -4.44 -2.82 26.57
C ARG A 82 -5.94 -3.01 26.37
N ASP A 83 -6.48 -2.24 25.44
CA ASP A 83 -7.91 -2.31 25.13
C ASP A 83 -8.23 -3.68 24.57
N ARG A 84 -7.42 -4.11 23.61
CA ARG A 84 -7.61 -5.40 22.98
C ARG A 84 -7.32 -6.53 23.96
N LYS A 85 -6.49 -6.21 24.95
CA LYS A 85 -6.12 -7.19 25.96
C LYS A 85 -7.17 -7.18 27.07
N LEU A 86 -7.97 -6.13 27.08
CA LEU A 86 -9.01 -6.00 28.09
C LEU A 86 -10.12 -7.01 27.80
N ASN A 87 -11.27 -6.78 28.42
CA ASN A 87 -12.41 -7.66 28.24
C ASN A 87 -13.51 -6.92 27.46
N GLY A 88 -13.08 -5.90 26.72
CA GLY A 88 -14.00 -5.11 25.94
C GLY A 88 -13.77 -5.32 24.44
N PHE A 89 -12.53 -5.63 24.10
CA PHE A 89 -12.16 -5.86 22.72
C PHE A 89 -11.68 -7.30 22.51
N LEU A 90 -11.68 -8.06 23.60
CA LEU A 90 -11.24 -9.43 23.56
C LEU A 90 -12.16 -10.29 24.43
N GLU A 91 -13.29 -9.70 24.80
CA GLU A 91 -14.26 -10.38 25.63
C GLU A 91 -13.54 -11.32 26.62
N HIS A 92 -13.23 -10.77 27.78
CA HIS A 92 -12.55 -11.54 28.80
C HIS A 92 -13.31 -11.42 30.13
N HIS A 93 -14.60 -11.70 30.05
CA HIS A 93 -15.44 -11.62 31.23
C HIS A 93 -16.83 -12.18 30.90
N HIS A 94 -17.33 -11.80 29.73
CA HIS A 94 -18.63 -12.25 29.28
C HIS A 94 -19.72 -11.64 30.17
N HIS A 95 -20.34 -10.60 29.65
CA HIS A 95 -21.40 -9.91 30.38
C HIS A 95 -22.13 -8.95 29.45
N HIS A 96 -23.07 -9.49 28.69
CA HIS A 96 -23.84 -8.70 27.77
C HIS A 96 -24.54 -7.56 28.52
N HIS A 97 -24.97 -6.57 27.76
CA HIS A 97 -25.66 -5.42 28.34
C HIS A 97 -26.63 -5.90 29.42
N MET A 1 6.10 0.89 -8.52
CA MET A 1 5.72 0.09 -7.36
C MET A 1 6.58 0.44 -6.14
N ILE A 2 6.93 1.71 -6.06
CA ILE A 2 7.74 2.20 -4.96
C ILE A 2 7.75 3.73 -4.96
N GLU A 3 7.91 4.28 -6.15
CA GLU A 3 7.94 5.73 -6.31
C GLU A 3 7.04 6.15 -7.47
N ASP A 4 6.25 5.20 -7.94
CA ASP A 4 5.33 5.45 -9.04
C ASP A 4 6.11 6.06 -10.21
N PRO A 5 6.94 5.19 -10.86
CA PRO A 5 7.74 5.63 -12.00
C PRO A 5 6.87 5.80 -13.25
N MET A 6 5.85 6.64 -13.12
CA MET A 6 4.95 6.89 -14.22
C MET A 6 3.70 7.64 -13.75
N GLU A 7 3.32 7.37 -12.51
CA GLU A 7 2.15 8.01 -11.93
C GLU A 7 0.90 7.66 -12.74
N ASN A 8 0.42 6.44 -12.53
CA ASN A 8 -0.77 5.98 -13.22
C ASN A 8 -2.00 6.22 -12.35
N ASN A 9 -1.85 7.15 -11.41
CA ASN A 9 -2.93 7.48 -10.52
C ASN A 9 -3.93 8.39 -11.24
N GLU A 10 -3.43 9.04 -12.29
CA GLU A 10 -4.26 9.94 -13.06
C GLU A 10 -5.37 9.16 -13.77
N ILE A 11 -4.97 8.09 -14.45
CA ILE A 11 -5.92 7.26 -15.16
C ILE A 11 -6.81 6.52 -14.15
N GLN A 12 -6.26 6.35 -12.96
CA GLN A 12 -6.99 5.66 -11.91
C GLN A 12 -8.04 6.58 -11.31
N SER A 13 -7.70 7.86 -11.20
CA SER A 13 -8.62 8.85 -10.65
C SER A 13 -9.74 9.13 -11.65
N VAL A 14 -9.38 9.10 -12.93
CA VAL A 14 -10.34 9.36 -13.97
C VAL A 14 -11.23 8.13 -14.15
N LEU A 15 -10.62 6.97 -13.96
CA LEU A 15 -11.35 5.71 -14.09
C LEU A 15 -12.37 5.59 -12.95
N MET A 16 -11.94 6.00 -11.77
CA MET A 16 -12.80 5.95 -10.60
C MET A 16 -13.87 7.05 -10.65
N ASN A 17 -13.43 8.23 -11.05
CA ASN A 17 -14.32 9.37 -11.14
C ASN A 17 -15.45 9.05 -12.14
N ALA A 18 -15.06 8.42 -13.24
CA ALA A 18 -16.03 8.04 -14.26
C ALA A 18 -17.00 7.01 -13.69
N LEU A 19 -16.44 6.06 -12.95
CA LEU A 19 -17.23 5.02 -12.34
C LEU A 19 -16.31 3.96 -11.73
N SER A 20 -16.47 3.76 -10.43
CA SER A 20 -15.67 2.79 -9.72
C SER A 20 -16.20 1.38 -9.96
N LEU A 21 -15.96 0.51 -8.98
CA LEU A 21 -16.42 -0.86 -9.08
C LEU A 21 -15.90 -1.64 -7.87
N GLN A 22 -14.69 -1.31 -7.46
CA GLN A 22 -14.07 -1.97 -6.32
C GLN A 22 -12.54 -1.83 -6.39
N GLU A 23 -11.98 -2.42 -7.44
CA GLU A 23 -10.54 -2.37 -7.64
C GLU A 23 -10.22 -1.81 -9.03
N VAL A 24 -8.94 -1.48 -9.21
CA VAL A 24 -8.49 -0.93 -10.48
C VAL A 24 -7.30 -1.75 -10.98
N HIS A 25 -7.17 -1.80 -12.29
CA HIS A 25 -6.09 -2.54 -12.92
C HIS A 25 -5.53 -1.73 -14.09
N VAL A 26 -4.29 -1.30 -13.93
CA VAL A 26 -3.62 -0.52 -14.96
C VAL A 26 -2.41 -1.31 -15.49
N SER A 27 -2.66 -2.08 -16.53
CA SER A 27 -1.60 -2.88 -17.13
C SER A 27 -1.02 -2.14 -18.34
N GLY A 28 0.30 -2.00 -18.32
CA GLY A 28 1.00 -1.33 -19.40
C GLY A 28 2.34 -1.99 -19.68
N ASP A 29 2.94 -1.60 -20.80
CA ASP A 29 4.23 -2.14 -21.21
C ASP A 29 4.58 -1.63 -22.60
N GLY A 30 5.14 -0.44 -22.63
CA GLY A 30 5.53 0.18 -23.89
C GLY A 30 4.92 1.58 -24.04
N SER A 31 3.63 1.65 -23.77
CA SER A 31 2.92 2.92 -23.87
C SER A 31 1.41 2.68 -23.89
N HIS A 32 1.03 1.52 -24.39
CA HIS A 32 -0.37 1.16 -24.47
C HIS A 32 -0.74 0.30 -23.26
N PHE A 33 -1.40 0.93 -22.30
CA PHE A 33 -1.83 0.24 -21.10
C PHE A 33 -3.34 0.27 -20.94
N GLN A 34 -3.89 -0.86 -20.53
CA GLN A 34 -5.33 -0.97 -20.35
C GLN A 34 -5.70 -0.71 -18.89
N VAL A 35 -6.85 -0.09 -18.70
CA VAL A 35 -7.32 0.23 -17.36
C VAL A 35 -8.59 -0.57 -17.07
N ILE A 36 -8.38 -1.80 -16.62
CA ILE A 36 -9.50 -2.67 -16.30
C ILE A 36 -9.95 -2.42 -14.86
N ALA A 37 -11.20 -2.00 -14.73
CA ALA A 37 -11.76 -1.72 -13.42
C ALA A 37 -12.26 -3.02 -12.79
N VAL A 38 -11.56 -3.45 -11.76
CA VAL A 38 -11.92 -4.67 -11.06
C VAL A 38 -13.12 -4.40 -10.15
N GLY A 39 -13.83 -5.47 -9.83
CA GLY A 39 -15.00 -5.36 -8.96
C GLY A 39 -16.05 -6.42 -9.33
N GLU A 40 -17.14 -5.93 -9.90
CA GLU A 40 -18.22 -6.81 -10.31
C GLU A 40 -19.49 -6.00 -10.58
N LEU A 41 -19.54 -4.82 -9.99
CA LEU A 41 -20.69 -3.94 -10.17
C LEU A 41 -21.10 -3.93 -11.65
N PHE A 42 -20.10 -3.78 -12.50
CA PHE A 42 -20.36 -3.76 -13.94
C PHE A 42 -20.28 -5.16 -14.52
N ASP A 43 -20.59 -6.14 -13.68
CA ASP A 43 -20.57 -7.52 -14.11
C ASP A 43 -21.98 -7.96 -14.50
N GLY A 44 -22.85 -6.97 -14.65
CA GLY A 44 -24.23 -7.23 -15.02
C GLY A 44 -24.66 -6.37 -16.20
N MET A 45 -23.72 -5.55 -16.66
CA MET A 45 -23.99 -4.67 -17.79
C MET A 45 -23.23 -5.13 -19.04
N SER A 46 -23.82 -4.82 -20.19
CA SER A 46 -23.22 -5.19 -21.45
C SER A 46 -21.90 -4.45 -21.66
N ARG A 47 -20.98 -5.10 -22.36
CA ARG A 47 -19.68 -4.51 -22.62
C ARG A 47 -19.84 -3.17 -23.34
N VAL A 48 -20.90 -3.09 -24.15
CA VAL A 48 -21.16 -1.88 -24.90
C VAL A 48 -21.65 -0.79 -23.94
N LYS A 49 -22.81 -1.03 -23.34
CA LYS A 49 -23.38 -0.08 -22.40
C LYS A 49 -22.34 0.27 -21.33
N LYS A 50 -21.50 -0.71 -21.03
CA LYS A 50 -20.46 -0.52 -20.04
C LYS A 50 -19.32 0.29 -20.65
N GLN A 51 -19.15 0.14 -21.95
CA GLN A 51 -18.10 0.84 -22.66
C GLN A 51 -18.49 2.31 -22.84
N GLN A 52 -19.76 2.53 -23.13
CA GLN A 52 -20.27 3.87 -23.34
C GLN A 52 -20.44 4.59 -21.99
N THR A 53 -20.74 3.78 -20.97
CA THR A 53 -20.92 4.32 -19.64
C THR A 53 -19.57 4.54 -18.95
N VAL A 54 -18.61 3.73 -19.34
CA VAL A 54 -17.27 3.83 -18.77
C VAL A 54 -16.47 4.87 -19.57
N TYR A 55 -16.62 4.80 -20.88
CA TYR A 55 -15.91 5.73 -21.76
C TYR A 55 -16.68 7.04 -21.91
N GLY A 56 -17.97 6.97 -21.59
CA GLY A 56 -18.82 8.15 -21.69
C GLY A 56 -18.24 9.31 -20.88
N PRO A 57 -17.96 9.03 -19.57
CA PRO A 57 -17.41 10.04 -18.69
C PRO A 57 -15.92 10.28 -18.99
N LEU A 58 -15.17 9.19 -19.03
CA LEU A 58 -13.75 9.27 -19.30
C LEU A 58 -13.52 9.24 -20.81
N MET A 59 -14.40 9.95 -21.53
CA MET A 59 -14.31 10.02 -22.97
C MET A 59 -13.36 11.14 -23.40
N GLU A 60 -13.49 12.28 -22.73
CA GLU A 60 -12.65 13.43 -23.04
C GLU A 60 -11.22 13.17 -22.60
N TYR A 61 -11.03 13.12 -21.29
CA TYR A 61 -9.72 12.88 -20.72
C TYR A 61 -8.92 11.89 -21.57
N ILE A 62 -9.57 10.78 -21.90
CA ILE A 62 -8.94 9.76 -22.72
C ILE A 62 -8.64 10.32 -24.10
N ALA A 63 -9.66 10.98 -24.66
CA ALA A 63 -9.52 11.57 -25.99
C ALA A 63 -8.17 12.28 -26.09
N ASP A 64 -7.83 13.00 -25.04
CA ASP A 64 -6.58 13.73 -24.99
C ASP A 64 -5.42 12.74 -24.83
N ASN A 65 -5.62 11.78 -23.94
CA ASN A 65 -4.61 10.77 -23.68
C ASN A 65 -4.28 10.04 -24.99
N ARG A 66 -5.19 10.18 -25.94
CA ARG A 66 -5.01 9.54 -27.23
C ARG A 66 -3.52 9.44 -27.58
N ILE A 67 -2.79 10.48 -27.20
CA ILE A 67 -1.36 10.51 -27.46
C ILE A 67 -0.78 9.10 -27.30
N HIS A 68 -1.35 8.37 -26.35
CA HIS A 68 -0.90 7.02 -26.09
C HIS A 68 -2.05 6.04 -26.32
N ALA A 69 -2.06 4.98 -25.51
CA ALA A 69 -3.10 3.98 -25.61
C ALA A 69 -3.53 3.56 -24.21
N VAL A 70 -4.47 4.34 -23.65
CA VAL A 70 -4.98 4.06 -22.33
C VAL A 70 -6.36 3.42 -22.44
N SER A 71 -6.36 2.10 -22.48
CA SER A 71 -7.61 1.35 -22.58
C SER A 71 -8.37 1.42 -21.26
N ILE A 72 -9.65 1.06 -21.33
CA ILE A 72 -10.49 1.08 -20.15
C ILE A 72 -11.65 0.09 -20.34
N LYS A 73 -11.88 -0.71 -19.31
CA LYS A 73 -12.95 -1.69 -19.36
C LYS A 73 -13.24 -2.19 -17.94
N ALA A 74 -14.46 -1.95 -17.50
CA ALA A 74 -14.88 -2.37 -16.16
C ALA A 74 -15.20 -3.87 -16.19
N TYR A 75 -14.29 -4.64 -15.62
CA TYR A 75 -14.46 -6.08 -15.56
C TYR A 75 -14.10 -6.63 -14.18
N THR A 76 -14.20 -7.94 -14.05
CA THR A 76 -13.88 -8.59 -12.80
C THR A 76 -12.38 -8.83 -12.68
N PRO A 77 -11.98 -9.47 -11.54
CA PRO A 77 -10.58 -9.76 -11.29
C PRO A 77 -10.09 -10.93 -12.16
N ALA A 78 -10.98 -11.90 -12.32
CA ALA A 78 -10.66 -13.08 -13.11
C ALA A 78 -10.89 -12.76 -14.59
N GLU A 79 -11.81 -11.85 -14.83
CA GLU A 79 -12.13 -11.45 -16.19
C GLU A 79 -10.86 -11.04 -16.94
N TRP A 80 -9.97 -10.38 -16.21
CA TRP A 80 -8.72 -9.94 -16.78
C TRP A 80 -7.96 -11.16 -17.29
N ALA A 81 -7.38 -11.89 -16.34
CA ALA A 81 -6.62 -13.09 -16.68
C ALA A 81 -7.33 -13.82 -17.82
N ARG A 82 -8.62 -14.07 -17.61
CA ARG A 82 -9.41 -14.76 -18.61
C ARG A 82 -9.35 -14.03 -19.95
N ASP A 83 -9.39 -12.70 -19.87
CA ASP A 83 -9.34 -11.88 -21.06
C ASP A 83 -7.94 -11.97 -21.68
N ARG A 84 -6.94 -11.87 -20.82
CA ARG A 84 -5.56 -11.94 -21.26
C ARG A 84 -5.22 -13.36 -21.70
N LYS A 85 -6.01 -14.30 -21.22
CA LYS A 85 -5.81 -15.70 -21.55
C LYS A 85 -6.52 -16.02 -22.87
N LEU A 86 -7.44 -15.14 -23.24
CA LEU A 86 -8.19 -15.32 -24.47
C LEU A 86 -7.31 -14.94 -25.66
N ASN A 87 -7.96 -14.81 -26.81
CA ASN A 87 -7.25 -14.45 -28.03
C ASN A 87 -7.55 -12.99 -28.39
N GLY A 88 -8.05 -12.27 -27.39
CA GLY A 88 -8.39 -10.87 -27.59
C GLY A 88 -7.32 -9.96 -26.98
N PHE A 89 -6.68 -10.46 -25.95
CA PHE A 89 -5.64 -9.71 -25.27
C PHE A 89 -4.30 -10.46 -25.29
N LEU A 90 -4.34 -11.63 -25.91
CA LEU A 90 -3.14 -12.46 -26.01
C LEU A 90 -3.03 -13.00 -27.44
N GLU A 91 -3.86 -12.46 -28.31
CA GLU A 91 -3.87 -12.88 -29.70
C GLU A 91 -4.94 -12.13 -30.49
N HIS A 92 -4.98 -10.82 -30.27
CA HIS A 92 -5.96 -9.99 -30.94
C HIS A 92 -5.78 -10.10 -32.46
N HIS A 93 -6.54 -9.28 -33.18
CA HIS A 93 -6.47 -9.29 -34.63
C HIS A 93 -6.58 -7.86 -35.15
N HIS A 94 -7.75 -7.26 -34.93
CA HIS A 94 -7.99 -5.90 -35.37
C HIS A 94 -7.40 -5.70 -36.76
N HIS A 95 -8.07 -6.28 -37.74
CA HIS A 95 -7.61 -6.17 -39.12
C HIS A 95 -8.49 -5.17 -39.87
N HIS A 96 -9.78 -5.46 -39.90
CA HIS A 96 -10.74 -4.60 -40.58
C HIS A 96 -11.38 -3.65 -39.56
N HIS A 97 -11.64 -2.43 -40.01
CA HIS A 97 -12.26 -1.43 -39.16
C HIS A 97 -13.66 -1.88 -38.78
N MET A 1 6.10 0.89 -8.52
CA MET A 1 5.72 0.09 -7.36
C MET A 1 6.14 0.78 -6.06
N ILE A 2 5.68 2.01 -5.91
CA ILE A 2 5.99 2.78 -4.71
C ILE A 2 5.21 4.10 -4.75
N GLU A 3 5.29 4.76 -5.89
CA GLU A 3 4.60 6.03 -6.07
C GLU A 3 5.26 7.11 -5.20
N ASP A 4 5.48 8.26 -5.83
CA ASP A 4 6.10 9.38 -5.14
C ASP A 4 6.54 10.42 -6.17
N PRO A 5 6.62 11.70 -5.70
CA PRO A 5 7.03 12.79 -6.56
C PRO A 5 8.54 12.76 -6.80
N MET A 6 9.01 11.62 -7.29
CA MET A 6 10.41 11.45 -7.57
C MET A 6 10.65 11.11 -9.04
N GLU A 7 9.71 10.35 -9.59
CA GLU A 7 9.80 9.95 -10.99
C GLU A 7 10.93 8.94 -11.17
N ASN A 8 10.61 7.69 -10.89
CA ASN A 8 11.59 6.62 -11.02
C ASN A 8 11.33 5.85 -12.31
N ASN A 9 10.76 6.56 -13.28
CA ASN A 9 10.45 5.96 -14.57
C ASN A 9 11.73 5.90 -15.41
N GLU A 10 12.69 6.73 -15.03
CA GLU A 10 13.96 6.76 -15.74
C GLU A 10 14.72 5.46 -15.54
N ILE A 11 14.75 5.02 -14.29
CA ILE A 11 15.45 3.78 -13.94
C ILE A 11 14.74 2.60 -14.64
N GLN A 12 13.43 2.74 -14.78
CA GLN A 12 12.64 1.70 -15.41
C GLN A 12 12.86 1.71 -16.93
N SER A 13 12.92 2.92 -17.47
CA SER A 13 13.12 3.09 -18.90
C SER A 13 14.54 2.65 -19.28
N VAL A 14 15.44 2.79 -18.32
CA VAL A 14 16.83 2.41 -18.55
C VAL A 14 16.97 0.89 -18.45
N LEU A 15 16.29 0.32 -17.46
CA LEU A 15 16.32 -1.11 -17.24
C LEU A 15 15.79 -1.82 -18.49
N MET A 16 14.71 -1.27 -19.03
CA MET A 16 14.09 -1.84 -20.21
C MET A 16 14.87 -1.45 -21.47
N ASN A 17 15.29 -0.19 -21.50
CA ASN A 17 16.04 0.31 -22.63
C ASN A 17 17.25 -0.58 -22.88
N ALA A 18 17.78 -1.11 -21.79
CA ALA A 18 18.95 -1.98 -21.87
C ALA A 18 18.50 -3.40 -22.19
N LEU A 19 17.54 -3.87 -21.40
CA LEU A 19 17.00 -5.22 -21.58
C LEU A 19 15.53 -5.24 -21.21
N SER A 20 15.21 -6.06 -20.21
CA SER A 20 13.84 -6.17 -19.74
C SER A 20 13.65 -7.51 -19.03
N LEU A 21 12.40 -7.80 -18.70
CA LEU A 21 12.07 -9.03 -18.01
C LEU A 21 10.55 -9.22 -18.01
N GLN A 22 9.85 -8.12 -17.74
CA GLN A 22 8.40 -8.15 -17.70
C GLN A 22 7.86 -6.99 -16.86
N GLU A 23 8.06 -7.10 -15.57
CA GLU A 23 7.61 -6.08 -14.65
C GLU A 23 8.80 -5.37 -14.00
N VAL A 24 8.50 -4.33 -13.23
CA VAL A 24 9.54 -3.58 -12.55
C VAL A 24 9.12 -3.32 -11.11
N HIS A 25 10.11 -3.20 -10.25
CA HIS A 25 9.86 -2.96 -8.84
C HIS A 25 10.90 -1.98 -8.29
N VAL A 26 10.44 -0.77 -8.02
CA VAL A 26 11.32 0.27 -7.50
C VAL A 26 11.01 0.48 -6.02
N SER A 27 11.80 -0.17 -5.17
CA SER A 27 11.64 -0.06 -3.74
C SER A 27 12.65 0.92 -3.16
N GLY A 28 12.21 1.68 -2.18
CA GLY A 28 13.07 2.66 -1.54
C GLY A 28 12.25 3.83 -0.97
N ASP A 29 12.86 5.00 -1.01
CA ASP A 29 12.21 6.20 -0.50
C ASP A 29 12.18 7.26 -1.61
N GLY A 30 13.25 8.06 -1.65
CA GLY A 30 13.37 9.10 -2.64
C GLY A 30 14.83 9.49 -2.86
N SER A 31 15.61 8.51 -3.29
CA SER A 31 17.02 8.73 -3.53
C SER A 31 17.74 7.39 -3.70
N HIS A 32 17.72 6.61 -2.64
CA HIS A 32 18.37 5.31 -2.66
C HIS A 32 17.30 4.21 -2.71
N PHE A 33 17.05 3.73 -3.92
CA PHE A 33 16.08 2.69 -4.12
C PHE A 33 16.60 1.62 -5.09
N GLN A 34 16.04 0.42 -4.96
CA GLN A 34 16.43 -0.68 -5.81
C GLN A 34 15.39 -0.92 -6.91
N VAL A 35 15.88 -1.26 -8.10
CA VAL A 35 15.00 -1.51 -9.22
C VAL A 35 15.12 -2.98 -9.63
N ILE A 36 14.14 -3.76 -9.18
CA ILE A 36 14.11 -5.18 -9.49
C ILE A 36 13.26 -5.41 -10.73
N ALA A 37 13.85 -6.11 -11.70
CA ALA A 37 13.16 -6.40 -12.93
C ALA A 37 12.39 -7.71 -12.78
N VAL A 38 11.08 -7.57 -12.59
CA VAL A 38 10.22 -8.74 -12.44
C VAL A 38 10.00 -9.39 -13.80
N GLY A 39 9.77 -10.69 -13.76
CA GLY A 39 9.55 -11.45 -14.99
C GLY A 39 9.90 -12.93 -14.79
N GLU A 40 11.08 -13.29 -15.25
CA GLU A 40 11.54 -14.67 -15.14
C GLU A 40 12.70 -14.93 -16.09
N LEU A 41 12.76 -14.10 -17.14
CA LEU A 41 13.80 -14.23 -18.13
C LEU A 41 15.10 -14.66 -17.45
N PHE A 42 15.60 -13.78 -16.59
CA PHE A 42 16.83 -14.05 -15.86
C PHE A 42 16.53 -14.79 -14.55
N ASP A 43 15.63 -15.76 -14.64
CA ASP A 43 15.26 -16.55 -13.47
C ASP A 43 16.21 -17.73 -13.34
N GLY A 44 17.28 -17.68 -14.12
CA GLY A 44 18.27 -18.75 -14.11
C GLY A 44 19.67 -18.20 -14.36
N MET A 45 19.77 -16.88 -14.28
CA MET A 45 21.05 -16.22 -14.49
C MET A 45 21.82 -16.06 -13.18
N SER A 46 23.11 -15.76 -13.32
CA SER A 46 23.96 -15.57 -12.15
C SER A 46 23.96 -14.10 -11.74
N ARG A 47 23.67 -13.88 -10.46
CA ARG A 47 23.64 -12.53 -9.94
C ARG A 47 24.73 -11.67 -10.57
N VAL A 48 25.85 -12.33 -10.88
CA VAL A 48 26.97 -11.65 -11.49
C VAL A 48 26.66 -11.39 -12.97
N LYS A 49 26.68 -12.46 -13.75
CA LYS A 49 26.40 -12.36 -15.17
C LYS A 49 25.17 -11.48 -15.38
N LYS A 50 24.22 -11.61 -14.46
CA LYS A 50 23.00 -10.84 -14.54
C LYS A 50 23.33 -9.35 -14.43
N GLN A 51 23.86 -8.98 -13.27
CA GLN A 51 24.24 -7.60 -13.02
C GLN A 51 25.27 -7.13 -14.04
N GLN A 52 25.91 -8.09 -14.68
CA GLN A 52 26.92 -7.80 -15.68
C GLN A 52 26.26 -7.31 -16.97
N THR A 53 25.25 -8.04 -17.40
CA THR A 53 24.52 -7.69 -18.61
C THR A 53 23.44 -6.65 -18.30
N VAL A 54 23.10 -6.56 -17.03
CA VAL A 54 22.08 -5.61 -16.59
C VAL A 54 22.73 -4.26 -16.31
N TYR A 55 23.85 -4.32 -15.58
CA TYR A 55 24.58 -3.11 -15.23
C TYR A 55 25.57 -2.74 -16.34
N GLY A 56 25.92 -3.74 -17.13
CA GLY A 56 26.86 -3.54 -18.22
C GLY A 56 26.40 -2.40 -19.14
N PRO A 57 25.11 -2.50 -19.56
CA PRO A 57 24.54 -1.48 -20.44
C PRO A 57 24.22 -0.20 -19.67
N LEU A 58 23.49 -0.36 -18.58
CA LEU A 58 23.12 0.76 -17.75
C LEU A 58 24.22 1.03 -16.73
N MET A 59 25.45 0.86 -17.18
CA MET A 59 26.60 1.08 -16.32
C MET A 59 26.99 2.55 -16.29
N GLU A 60 26.91 3.19 -17.45
CA GLU A 60 27.24 4.60 -17.57
C GLU A 60 26.22 5.45 -16.81
N TYR A 61 25.02 5.49 -17.35
CA TYR A 61 23.95 6.26 -16.74
C TYR A 61 24.01 6.16 -15.21
N ILE A 62 24.07 4.93 -14.73
CA ILE A 62 24.13 4.68 -13.31
C ILE A 62 25.38 5.36 -12.73
N ALA A 63 26.49 5.19 -13.44
CA ALA A 63 27.74 5.77 -13.02
C ALA A 63 27.53 7.25 -12.68
N ASP A 64 26.79 7.92 -13.55
CA ASP A 64 26.50 9.33 -13.35
C ASP A 64 25.40 9.49 -12.30
N ASN A 65 24.61 8.43 -12.15
CA ASN A 65 23.52 8.44 -11.19
C ASN A 65 24.09 8.25 -9.79
N ARG A 66 25.33 7.78 -9.74
CA ARG A 66 26.00 7.56 -8.46
C ARG A 66 25.50 8.56 -7.42
N ILE A 67 25.26 9.78 -7.88
CA ILE A 67 24.78 10.84 -7.00
C ILE A 67 23.80 10.24 -5.99
N HIS A 68 23.08 9.23 -6.44
CA HIS A 68 22.10 8.56 -5.59
C HIS A 68 22.41 7.06 -5.52
N ALA A 69 21.44 6.31 -5.02
CA ALA A 69 21.60 4.87 -4.89
C ALA A 69 20.49 4.18 -5.70
N VAL A 70 20.75 4.02 -6.98
CA VAL A 70 19.78 3.37 -7.86
C VAL A 70 20.28 1.97 -8.22
N SER A 71 19.85 1.00 -7.43
CA SER A 71 20.24 -0.38 -7.64
C SER A 71 19.36 -1.00 -8.73
N ILE A 72 19.85 -2.11 -9.27
CA ILE A 72 19.12 -2.82 -10.31
C ILE A 72 19.49 -4.29 -10.28
N LYS A 73 18.46 -5.13 -10.28
CA LYS A 73 18.67 -6.57 -10.25
C LYS A 73 17.45 -7.27 -10.86
N ALA A 74 17.72 -8.06 -11.89
CA ALA A 74 16.66 -8.79 -12.57
C ALA A 74 16.29 -10.02 -11.75
N TYR A 75 15.06 -10.02 -11.26
CA TYR A 75 14.57 -11.14 -10.46
C TYR A 75 13.08 -11.38 -10.73
N THR A 76 12.54 -12.36 -10.01
CA THR A 76 11.14 -12.71 -10.15
C THR A 76 10.28 -11.82 -9.25
N PRO A 77 8.94 -12.08 -9.28
CA PRO A 77 8.01 -11.32 -8.47
C PRO A 77 8.08 -11.73 -7.01
N ALA A 78 8.26 -13.03 -6.79
CA ALA A 78 8.35 -13.57 -5.45
C ALA A 78 9.77 -13.36 -4.91
N GLU A 79 10.72 -13.30 -5.84
CA GLU A 79 12.11 -13.10 -5.49
C GLU A 79 12.26 -11.86 -4.61
N TRP A 80 11.45 -10.85 -4.92
CA TRP A 80 11.48 -9.62 -4.17
C TRP A 80 11.07 -9.92 -2.73
N ALA A 81 10.06 -10.76 -2.60
CA ALA A 81 9.56 -11.14 -1.30
C ALA A 81 10.69 -11.77 -0.49
N ARG A 82 11.23 -12.85 -1.03
CA ARG A 82 12.33 -13.56 -0.37
C ARG A 82 13.49 -12.61 -0.12
N ASP A 83 13.87 -11.89 -1.16
CA ASP A 83 14.97 -10.94 -1.06
C ASP A 83 14.69 -9.97 0.09
N ARG A 84 13.47 -9.48 0.14
CA ARG A 84 13.07 -8.54 1.18
C ARG A 84 12.90 -9.29 2.51
N LYS A 85 12.63 -10.58 2.40
CA LYS A 85 12.44 -11.40 3.59
C LYS A 85 13.81 -11.90 4.09
N LEU A 86 14.79 -11.79 3.21
CA LEU A 86 16.14 -12.22 3.54
C LEU A 86 16.75 -11.22 4.53
N ASN A 87 18.08 -11.29 4.64
CA ASN A 87 18.80 -10.41 5.53
C ASN A 87 19.68 -9.46 4.71
N GLY A 88 19.31 -9.31 3.45
CA GLY A 88 20.06 -8.45 2.55
C GLY A 88 19.28 -7.15 2.27
N PHE A 89 17.96 -7.27 2.27
CA PHE A 89 17.11 -6.13 2.02
C PHE A 89 16.24 -5.82 3.23
N LEU A 90 16.43 -6.61 4.28
CA LEU A 90 15.66 -6.43 5.50
C LEU A 90 16.60 -6.60 6.71
N GLU A 91 17.89 -6.61 6.42
CA GLU A 91 18.89 -6.76 7.46
C GLU A 91 20.29 -6.57 6.89
N HIS A 92 21.29 -6.81 7.73
CA HIS A 92 22.67 -6.67 7.33
C HIS A 92 23.59 -6.97 8.51
N HIS A 93 23.65 -8.25 8.87
CA HIS A 93 24.48 -8.67 9.98
C HIS A 93 25.95 -8.71 9.54
N HIS A 94 26.82 -8.82 10.52
CA HIS A 94 28.25 -8.86 10.25
C HIS A 94 28.71 -7.52 9.67
N HIS A 95 29.62 -6.89 10.40
CA HIS A 95 30.15 -5.60 9.97
C HIS A 95 31.32 -5.81 9.00
N HIS A 96 31.10 -5.42 7.76
CA HIS A 96 32.12 -5.57 6.74
C HIS A 96 31.96 -4.47 5.69
N HIS A 97 32.35 -3.26 6.08
CA HIS A 97 32.25 -2.11 5.18
C HIS A 97 30.84 -2.02 4.62
N MET A 1 6.10 0.89 -8.52
CA MET A 1 5.72 0.09 -7.36
C MET A 1 4.61 0.77 -6.57
N ILE A 2 3.40 0.25 -6.75
CA ILE A 2 2.25 0.80 -6.05
C ILE A 2 1.03 -0.09 -6.33
N GLU A 3 -0.13 0.55 -6.36
CA GLU A 3 -1.37 -0.16 -6.61
C GLU A 3 -2.06 0.39 -7.87
N ASP A 4 -3.29 -0.05 -8.08
CA ASP A 4 -4.06 0.39 -9.23
C ASP A 4 -5.25 1.21 -8.75
N PRO A 5 -5.07 2.56 -8.79
CA PRO A 5 -6.13 3.46 -8.35
C PRO A 5 -7.23 3.55 -9.42
N MET A 6 -8.06 4.58 -9.27
CA MET A 6 -9.15 4.79 -10.20
C MET A 6 -9.27 6.26 -10.60
N GLU A 7 -9.16 7.12 -9.60
CA GLU A 7 -9.24 8.56 -9.82
C GLU A 7 -8.52 9.31 -8.70
N ASN A 8 -9.10 10.45 -8.34
CA ASN A 8 -8.52 11.28 -7.30
C ASN A 8 -7.41 12.15 -7.89
N ASN A 9 -7.15 11.93 -9.16
CA ASN A 9 -6.12 12.69 -9.86
C ASN A 9 -6.60 14.12 -10.09
N GLU A 10 -7.91 14.27 -10.02
CA GLU A 10 -8.52 15.58 -10.22
C GLU A 10 -8.13 16.52 -9.09
N ILE A 11 -8.47 16.11 -7.87
CA ILE A 11 -8.16 16.91 -6.69
C ILE A 11 -6.65 17.10 -6.60
N GLN A 12 -5.93 16.10 -7.08
CA GLN A 12 -4.47 16.15 -7.05
C GLN A 12 -3.95 17.14 -8.10
N SER A 13 -4.66 17.19 -9.22
CA SER A 13 -4.29 18.08 -10.31
C SER A 13 -4.53 19.53 -9.90
N VAL A 14 -5.61 19.73 -9.16
CA VAL A 14 -5.97 21.06 -8.69
C VAL A 14 -5.03 21.47 -7.56
N LEU A 15 -4.64 20.48 -6.77
CA LEU A 15 -3.74 20.73 -5.65
C LEU A 15 -2.39 21.17 -6.18
N MET A 16 -1.97 20.53 -7.27
CA MET A 16 -0.69 20.84 -7.87
C MET A 16 -0.77 22.15 -8.67
N ASN A 17 -1.88 22.30 -9.39
CA ASN A 17 -2.09 23.50 -10.19
C ASN A 17 -2.04 24.73 -9.29
N ALA A 18 -2.65 24.59 -8.11
CA ALA A 18 -2.69 25.68 -7.15
C ALA A 18 -1.29 25.89 -6.57
N LEU A 19 -0.62 24.78 -6.32
CA LEU A 19 0.73 24.83 -5.76
C LEU A 19 1.23 23.41 -5.52
N SER A 20 2.20 23.01 -6.33
CA SER A 20 2.77 21.67 -6.21
C SER A 20 3.70 21.61 -5.00
N LEU A 21 4.68 20.72 -5.09
CA LEU A 21 5.64 20.55 -4.01
C LEU A 21 6.59 19.41 -4.35
N GLN A 22 6.01 18.36 -4.92
CA GLN A 22 6.79 17.19 -5.30
C GLN A 22 5.89 15.96 -5.41
N GLU A 23 5.36 15.55 -4.27
CA GLU A 23 4.48 14.38 -4.22
C GLU A 23 3.08 14.80 -3.75
N VAL A 24 2.17 13.84 -3.82
CA VAL A 24 0.80 14.09 -3.40
C VAL A 24 0.25 12.85 -2.69
N HIS A 25 -0.81 13.07 -1.92
CA HIS A 25 -1.42 11.99 -1.18
C HIS A 25 -2.95 12.16 -1.20
N VAL A 26 -3.63 11.05 -1.48
CA VAL A 26 -5.08 11.07 -1.53
C VAL A 26 -5.64 10.11 -0.48
N SER A 27 -5.68 10.60 0.75
CA SER A 27 -6.18 9.80 1.85
C SER A 27 -7.71 9.74 1.80
N GLY A 28 -8.26 8.70 2.42
CA GLY A 28 -9.70 8.51 2.45
C GLY A 28 -10.20 7.89 1.15
N ASP A 29 -11.48 7.58 1.13
CA ASP A 29 -12.10 6.97 -0.03
C ASP A 29 -13.57 6.70 0.24
N GLY A 30 -14.36 6.70 -0.82
CA GLY A 30 -15.79 6.44 -0.70
C GLY A 30 -16.59 7.72 -0.98
N SER A 31 -15.91 8.85 -0.84
CA SER A 31 -16.55 10.14 -1.07
C SER A 31 -15.79 11.24 -0.34
N HIS A 32 -15.10 10.83 0.72
CA HIS A 32 -14.34 11.77 1.52
C HIS A 32 -12.87 11.35 1.55
N PHE A 33 -12.03 12.22 1.01
CA PHE A 33 -10.60 11.95 0.96
C PHE A 33 -9.80 13.25 1.03
N GLN A 34 -8.70 13.19 1.78
CA GLN A 34 -7.85 14.34 1.95
C GLN A 34 -6.75 14.35 0.88
N VAL A 35 -6.45 15.54 0.39
CA VAL A 35 -5.42 15.69 -0.62
C VAL A 35 -4.24 16.47 -0.04
N ILE A 36 -3.24 15.73 0.41
CA ILE A 36 -2.06 16.33 0.99
C ILE A 36 -1.00 16.53 -0.10
N ALA A 37 -0.29 17.63 0.01
CA ALA A 37 0.74 17.95 -0.96
C ALA A 37 2.12 17.64 -0.35
N VAL A 38 2.67 16.51 -0.77
CA VAL A 38 3.97 16.09 -0.28
C VAL A 38 5.07 16.86 -1.02
N GLY A 39 6.15 17.14 -0.30
CA GLY A 39 7.26 17.87 -0.88
C GLY A 39 8.21 18.37 0.21
N GLU A 40 8.22 19.68 0.38
CA GLU A 40 9.07 20.30 1.38
C GLU A 40 8.92 21.83 1.33
N LEU A 41 8.66 22.32 0.14
CA LEU A 41 8.50 23.76 -0.06
C LEU A 41 7.70 24.34 1.12
N PHE A 42 6.58 23.69 1.41
CA PHE A 42 5.73 24.13 2.50
C PHE A 42 6.20 23.55 3.84
N ASP A 43 7.52 23.44 3.96
CA ASP A 43 8.12 22.91 5.18
C ASP A 43 8.54 24.07 6.08
N GLY A 44 7.54 24.73 6.66
CA GLY A 44 7.80 25.85 7.53
C GLY A 44 6.65 26.85 7.49
N MET A 45 5.88 26.78 6.43
CA MET A 45 4.75 27.68 6.25
C MET A 45 3.68 27.41 7.31
N SER A 46 2.93 28.47 7.62
CA SER A 46 1.87 28.36 8.61
C SER A 46 0.69 27.59 8.03
N ARG A 47 0.34 26.51 8.71
CA ARG A 47 -0.77 25.68 8.29
C ARG A 47 -1.90 26.55 7.72
N VAL A 48 -2.03 27.73 8.30
CA VAL A 48 -3.07 28.66 7.87
C VAL A 48 -2.64 29.29 6.53
N LYS A 49 -1.63 30.15 6.61
CA LYS A 49 -1.12 30.82 5.43
C LYS A 49 -1.08 29.83 4.27
N LYS A 50 -0.76 28.59 4.60
CA LYS A 50 -0.69 27.55 3.59
C LYS A 50 -2.10 27.23 3.07
N GLN A 51 -2.85 26.52 3.89
CA GLN A 51 -4.21 26.14 3.52
C GLN A 51 -4.89 27.30 2.79
N GLN A 52 -4.55 28.52 3.21
CA GLN A 52 -5.11 29.71 2.61
C GLN A 52 -4.68 29.82 1.14
N THR A 53 -3.41 30.17 0.96
CA THR A 53 -2.86 30.33 -0.37
C THR A 53 -3.16 29.08 -1.22
N VAL A 54 -3.44 27.99 -0.52
CA VAL A 54 -3.75 26.73 -1.19
C VAL A 54 -5.22 26.71 -1.57
N TYR A 55 -6.03 27.37 -0.75
CA TYR A 55 -7.46 27.43 -0.99
C TYR A 55 -7.80 28.57 -1.95
N GLY A 56 -7.05 29.65 -1.83
CA GLY A 56 -7.27 30.81 -2.68
C GLY A 56 -7.54 30.39 -4.12
N PRO A 57 -6.61 29.56 -4.66
CA PRO A 57 -6.73 29.07 -6.03
C PRO A 57 -7.82 28.00 -6.13
N LEU A 58 -7.63 26.94 -5.36
CA LEU A 58 -8.57 25.83 -5.36
C LEU A 58 -9.72 26.16 -4.39
N MET A 59 -10.14 27.41 -4.42
CA MET A 59 -11.22 27.86 -3.55
C MET A 59 -12.58 27.59 -4.20
N GLU A 60 -12.64 27.84 -5.50
CA GLU A 60 -13.88 27.62 -6.23
C GLU A 60 -14.13 26.12 -6.43
N TYR A 61 -13.25 25.50 -7.20
CA TYR A 61 -13.37 24.08 -7.47
C TYR A 61 -13.87 23.33 -6.23
N ILE A 62 -13.29 23.68 -5.10
CA ILE A 62 -13.66 23.05 -3.84
C ILE A 62 -15.06 23.53 -3.43
N ALA A 63 -15.25 24.84 -3.51
CA ALA A 63 -16.52 25.43 -3.16
C ALA A 63 -17.66 24.58 -3.73
N ASP A 64 -17.45 24.12 -4.96
CA ASP A 64 -18.44 23.30 -5.63
C ASP A 64 -18.25 21.84 -5.20
N ASN A 65 -16.99 21.43 -5.11
CA ASN A 65 -16.66 20.07 -4.72
C ASN A 65 -17.33 19.76 -3.38
N ARG A 66 -17.70 20.82 -2.67
CA ARG A 66 -18.35 20.67 -1.38
C ARG A 66 -19.27 19.44 -1.39
N ILE A 67 -19.84 19.18 -2.55
CA ILE A 67 -20.75 18.05 -2.71
C ILE A 67 -20.17 16.84 -1.96
N HIS A 68 -18.85 16.72 -2.04
CA HIS A 68 -18.17 15.62 -1.37
C HIS A 68 -17.29 16.16 -0.24
N ALA A 69 -16.18 15.47 -0.02
CA ALA A 69 -15.26 15.88 1.03
C ALA A 69 -13.82 15.67 0.53
N VAL A 70 -13.30 16.70 -0.10
CA VAL A 70 -11.93 16.64 -0.63
C VAL A 70 -11.05 17.62 0.16
N SER A 71 -10.33 17.07 1.13
CA SER A 71 -9.45 17.87 1.94
C SER A 71 -8.23 18.31 1.13
N ILE A 72 -7.53 19.31 1.65
CA ILE A 72 -6.35 19.83 0.99
C ILE A 72 -5.43 20.47 2.03
N LYS A 73 -4.21 19.98 2.07
CA LYS A 73 -3.21 20.50 3.01
C LYS A 73 -1.82 20.09 2.55
N ALA A 74 -1.00 21.10 2.30
CA ALA A 74 0.37 20.87 1.84
C ALA A 74 1.24 20.52 3.06
N TYR A 75 1.80 19.32 3.02
CA TYR A 75 2.66 18.87 4.10
C TYR A 75 3.78 17.98 3.57
N THR A 76 4.60 17.50 4.50
CA THR A 76 5.71 16.64 4.13
C THR A 76 5.25 15.18 3.99
N PRO A 77 6.23 14.30 3.71
CA PRO A 77 5.94 12.88 3.54
C PRO A 77 5.68 12.22 4.91
N ALA A 78 6.49 12.62 5.88
CA ALA A 78 6.35 12.07 7.23
C ALA A 78 5.18 12.75 7.93
N GLU A 79 4.96 14.00 7.56
CA GLU A 79 3.89 14.78 8.16
C GLU A 79 2.57 14.00 8.10
N TRP A 80 2.42 13.24 7.02
CA TRP A 80 1.23 12.44 6.82
C TRP A 80 1.24 11.30 7.85
N ALA A 81 2.44 10.78 8.10
CA ALA A 81 2.60 9.69 9.05
C ALA A 81 2.11 10.16 10.42
N ARG A 82 2.66 11.29 10.86
CA ARG A 82 2.29 11.84 12.15
C ARG A 82 0.84 12.32 12.13
N ASP A 83 0.53 13.14 11.13
CA ASP A 83 -0.81 13.68 10.98
C ASP A 83 -1.82 12.54 11.11
N ARG A 84 -1.52 11.44 10.44
CA ARG A 84 -2.39 10.27 10.47
C ARG A 84 -2.25 9.54 11.80
N LYS A 85 -1.06 9.67 12.39
CA LYS A 85 -0.78 9.01 13.66
C LYS A 85 -1.47 9.79 14.78
N LEU A 86 -1.82 11.03 14.47
CA LEU A 86 -2.48 11.89 15.45
C LEU A 86 -3.99 11.65 15.39
N ASN A 87 -4.73 12.71 15.63
CA ASN A 87 -6.19 12.63 15.61
C ASN A 87 -6.75 13.86 14.88
N GLY A 88 -5.93 14.41 14.01
CA GLY A 88 -6.33 15.58 13.25
C GLY A 88 -6.78 15.19 11.84
N PHE A 89 -6.08 14.21 11.28
CA PHE A 89 -6.38 13.73 9.94
C PHE A 89 -6.88 12.28 9.97
N LEU A 90 -6.74 11.67 11.15
CA LEU A 90 -7.16 10.30 11.32
C LEU A 90 -8.42 10.26 12.20
N GLU A 91 -8.86 11.44 12.59
CA GLU A 91 -10.04 11.56 13.43
C GLU A 91 -9.68 11.36 14.90
N HIS A 92 -10.70 11.40 15.74
CA HIS A 92 -10.50 11.22 17.17
C HIS A 92 -9.84 12.47 17.75
N HIS A 93 -9.55 12.41 19.04
CA HIS A 93 -8.92 13.52 19.73
C HIS A 93 -8.69 13.15 21.20
N HIS A 94 -8.04 14.05 21.91
CA HIS A 94 -7.73 13.84 23.31
C HIS A 94 -8.46 14.88 24.16
N HIS A 95 -8.15 16.15 23.88
CA HIS A 95 -8.77 17.24 24.61
C HIS A 95 -8.87 18.46 23.69
N HIS A 96 -9.56 18.29 22.58
CA HIS A 96 -9.74 19.37 21.63
C HIS A 96 -8.40 20.12 21.45
N HIS A 97 -7.59 19.60 20.55
CA HIS A 97 -6.29 20.21 20.28
C HIS A 97 -5.66 20.65 21.60
N MET A 1 6.10 0.89 -8.52
CA MET A 1 5.72 0.09 -7.36
C MET A 1 5.88 0.89 -6.07
N ILE A 2 5.61 0.21 -4.96
CA ILE A 2 5.71 0.84 -3.65
C ILE A 2 6.62 0.01 -2.76
N GLU A 3 7.67 0.66 -2.27
CA GLU A 3 8.63 -0.01 -1.41
C GLU A 3 9.51 1.01 -0.69
N ASP A 4 9.47 0.97 0.64
CA ASP A 4 10.25 1.89 1.44
C ASP A 4 10.00 1.59 2.92
N PRO A 5 11.08 1.75 3.73
CA PRO A 5 10.99 1.52 5.17
C PRO A 5 10.25 2.66 5.86
N MET A 6 9.19 2.29 6.56
CA MET A 6 8.39 3.27 7.28
C MET A 6 7.01 2.70 7.63
N GLU A 7 6.92 2.12 8.81
CA GLU A 7 5.67 1.54 9.26
C GLU A 7 4.57 2.62 9.32
N ASN A 8 3.69 2.45 10.29
CA ASN A 8 2.60 3.40 10.47
C ASN A 8 1.54 3.15 9.40
N ASN A 9 1.78 2.12 8.60
CA ASN A 9 0.86 1.77 7.53
C ASN A 9 -0.26 0.90 8.10
N GLU A 10 0.02 0.31 9.25
CA GLU A 10 -0.95 -0.56 9.90
C GLU A 10 -2.20 0.24 10.29
N ILE A 11 -1.95 1.33 11.02
CA ILE A 11 -3.04 2.19 11.46
C ILE A 11 -3.67 2.87 10.25
N GLN A 12 -2.91 2.91 9.17
CA GLN A 12 -3.39 3.52 7.94
C GLN A 12 -4.31 2.56 7.19
N SER A 13 -3.94 1.29 7.22
CA SER A 13 -4.71 0.27 6.54
C SER A 13 -6.03 0.03 7.28
N VAL A 14 -5.96 0.15 8.60
CA VAL A 14 -7.13 -0.05 9.44
C VAL A 14 -8.03 1.18 9.34
N LEU A 15 -7.39 2.35 9.42
CA LEU A 15 -8.12 3.60 9.34
C LEU A 15 -8.91 3.65 8.03
N MET A 16 -8.25 3.27 6.96
CA MET A 16 -8.87 3.27 5.65
C MET A 16 -9.83 2.09 5.50
N ASN A 17 -9.39 0.95 6.01
CA ASN A 17 -10.20 -0.26 5.95
C ASN A 17 -11.59 0.03 6.51
N ALA A 18 -11.64 0.90 7.50
CA ALA A 18 -12.89 1.27 8.13
C ALA A 18 -13.68 2.19 7.17
N LEU A 19 -12.99 3.20 6.69
CA LEU A 19 -13.60 4.16 5.78
C LEU A 19 -12.51 4.79 4.90
N SER A 20 -12.27 6.07 5.16
CA SER A 20 -11.27 6.81 4.41
C SER A 20 -11.72 8.26 4.23
N LEU A 21 -10.73 9.13 4.06
CA LEU A 21 -11.00 10.54 3.88
C LEU A 21 -10.16 11.08 2.72
N GLN A 22 -8.90 10.68 2.71
CA GLN A 22 -7.99 11.11 1.65
C GLN A 22 -6.54 10.86 2.08
N GLU A 23 -6.08 11.67 3.02
CA GLU A 23 -4.73 11.56 3.52
C GLU A 23 -4.73 10.99 4.95
N VAL A 24 -3.53 10.78 5.46
CA VAL A 24 -3.38 10.24 6.80
C VAL A 24 -2.30 11.02 7.54
N HIS A 25 -2.41 11.02 8.86
CA HIS A 25 -1.45 11.74 9.69
C HIS A 25 -1.22 10.95 10.99
N VAL A 26 -0.04 10.34 11.07
CA VAL A 26 0.31 9.56 12.24
C VAL A 26 1.32 10.35 13.09
N SER A 27 0.78 11.09 14.04
CA SER A 27 1.63 11.89 14.93
C SER A 27 1.79 11.19 16.27
N GLY A 28 2.96 11.38 16.87
CA GLY A 28 3.25 10.77 18.16
C GLY A 28 4.63 10.09 18.13
N ASP A 29 4.73 9.03 18.92
CA ASP A 29 5.98 8.29 19.00
C ASP A 29 5.74 6.85 18.52
N GLY A 30 6.59 5.95 19.00
CA GLY A 30 6.49 4.55 18.64
C GLY A 30 5.64 3.78 19.67
N SER A 31 4.35 4.07 19.65
CA SER A 31 3.43 3.42 20.56
C SER A 31 2.15 4.25 20.70
N HIS A 32 2.28 5.35 21.45
CA HIS A 32 1.15 6.23 21.68
C HIS A 32 1.16 7.35 20.62
N PHE A 33 0.28 7.22 19.66
CA PHE A 33 0.18 8.22 18.60
C PHE A 33 -1.28 8.39 18.14
N GLN A 34 -1.51 9.45 17.40
CA GLN A 34 -2.84 9.75 16.90
C GLN A 34 -2.84 9.69 15.37
N VAL A 35 -3.77 8.90 14.83
CA VAL A 35 -3.89 8.76 13.40
C VAL A 35 -5.09 9.58 12.90
N ILE A 36 -4.78 10.71 12.30
CA ILE A 36 -5.81 11.59 11.79
C ILE A 36 -5.99 11.35 10.29
N ALA A 37 -7.23 11.18 9.89
CA ALA A 37 -7.55 10.95 8.49
C ALA A 37 -7.84 12.28 7.80
N VAL A 38 -6.85 12.73 7.04
CA VAL A 38 -6.99 13.99 6.32
C VAL A 38 -7.86 13.77 5.08
N GLY A 39 -8.49 14.87 4.64
CA GLY A 39 -9.35 14.81 3.48
C GLY A 39 -10.36 15.96 3.49
N GLU A 40 -11.58 15.64 3.91
CA GLU A 40 -12.63 16.64 3.98
C GLU A 40 -13.99 15.96 4.10
N LEU A 41 -14.04 14.72 3.64
CA LEU A 41 -15.28 13.94 3.70
C LEU A 41 -16.03 14.29 4.98
N PHE A 42 -15.37 14.02 6.11
CA PHE A 42 -15.97 14.29 7.40
C PHE A 42 -15.62 15.70 7.88
N ASP A 43 -15.62 16.63 6.94
CA ASP A 43 -15.31 18.02 7.25
C ASP A 43 -16.55 18.70 7.81
N GLY A 44 -16.90 18.33 9.03
CA GLY A 44 -18.06 18.89 9.70
C GLY A 44 -18.78 17.84 10.52
N MET A 45 -18.50 16.58 10.22
CA MET A 45 -19.12 15.48 10.93
C MET A 45 -18.93 15.63 12.44
N SER A 46 -19.92 15.15 13.18
CA SER A 46 -19.88 15.22 14.63
C SER A 46 -18.77 14.31 15.17
N ARG A 47 -17.82 14.93 15.84
CA ARG A 47 -16.70 14.19 16.41
C ARG A 47 -17.19 12.84 16.96
N VAL A 48 -18.43 12.85 17.43
CA VAL A 48 -19.01 11.63 17.98
C VAL A 48 -19.36 10.67 16.85
N LYS A 49 -20.12 11.18 15.89
CA LYS A 49 -20.52 10.37 14.74
C LYS A 49 -19.28 9.94 13.96
N LYS A 50 -18.33 10.86 13.87
CA LYS A 50 -17.10 10.60 13.14
C LYS A 50 -16.39 9.41 13.80
N GLN A 51 -16.02 9.60 15.05
CA GLN A 51 -15.33 8.55 15.80
C GLN A 51 -16.23 7.32 15.93
N GLN A 52 -17.53 7.54 15.74
CA GLN A 52 -18.49 6.47 15.84
C GLN A 52 -18.37 5.54 14.63
N THR A 53 -18.32 6.15 13.45
CA THR A 53 -18.21 5.38 12.22
C THR A 53 -16.74 5.05 11.93
N VAL A 54 -15.87 5.83 12.55
CA VAL A 54 -14.44 5.65 12.36
C VAL A 54 -13.94 4.56 13.31
N TYR A 55 -14.36 4.68 14.56
CA TYR A 55 -13.98 3.71 15.58
C TYR A 55 -14.91 2.50 15.58
N GLY A 56 -16.17 2.76 15.27
CA GLY A 56 -17.17 1.70 15.22
C GLY A 56 -16.60 0.45 14.56
N PRO A 57 -16.00 0.65 13.35
CA PRO A 57 -15.42 -0.45 12.61
C PRO A 57 -14.10 -0.89 13.23
N LEU A 58 -13.17 0.06 13.29
CA LEU A 58 -11.86 -0.22 13.86
C LEU A 58 -11.92 -0.07 15.38
N MET A 59 -13.02 -0.55 15.95
CA MET A 59 -13.21 -0.48 17.38
C MET A 59 -12.60 -1.69 18.09
N GLU A 60 -12.78 -2.85 17.46
CA GLU A 60 -12.24 -4.09 18.00
C GLU A 60 -10.72 -4.08 17.94
N TYR A 61 -10.22 -4.16 16.72
CA TYR A 61 -8.77 -4.17 16.51
C TYR A 61 -8.07 -3.21 17.48
N ILE A 62 -8.69 -2.06 17.67
CA ILE A 62 -8.14 -1.06 18.57
C ILE A 62 -8.28 -1.54 20.02
N ALA A 63 -9.49 -1.99 20.34
CA ALA A 63 -9.77 -2.48 21.68
C ALA A 63 -8.60 -3.34 22.16
N ASP A 64 -8.08 -4.14 21.24
CA ASP A 64 -6.96 -5.02 21.56
C ASP A 64 -5.66 -4.21 21.54
N ASN A 65 -5.56 -3.33 20.55
CA ASN A 65 -4.39 -2.50 20.40
C ASN A 65 -4.19 -1.67 21.69
N ARG A 66 -5.27 -1.59 22.46
CA ARG A 66 -5.23 -0.83 23.71
C ARG A 66 -3.84 -0.93 24.34
N ILE A 67 -3.23 -2.09 24.18
CA ILE A 67 -1.90 -2.33 24.73
C ILE A 67 -1.06 -1.07 24.57
N HIS A 68 -1.35 -0.32 23.51
CA HIS A 68 -0.62 0.91 23.23
C HIS A 68 -1.60 2.09 23.24
N ALA A 69 -1.31 3.05 22.39
CA ALA A 69 -2.15 4.23 22.29
C ALA A 69 -2.31 4.61 20.81
N VAL A 70 -3.47 4.25 20.27
CA VAL A 70 -3.77 4.54 18.88
C VAL A 70 -5.11 5.26 18.78
N SER A 71 -5.04 6.57 18.66
CA SER A 71 -6.24 7.38 18.55
C SER A 71 -6.51 7.73 17.09
N ILE A 72 -7.66 7.28 16.61
CA ILE A 72 -8.05 7.54 15.23
C ILE A 72 -9.17 8.59 15.22
N LYS A 73 -8.95 9.64 14.43
CA LYS A 73 -9.93 10.70 14.32
C LYS A 73 -9.89 11.28 12.90
N ALA A 74 -11.07 11.41 12.32
CA ALA A 74 -11.18 11.94 10.97
C ALA A 74 -11.23 13.47 11.04
N TYR A 75 -10.34 14.10 10.30
CA TYR A 75 -10.28 15.55 10.27
C TYR A 75 -9.57 16.04 9.00
N THR A 76 -9.44 17.36 8.91
CA THR A 76 -8.79 17.97 7.76
C THR A 76 -7.29 18.11 8.01
N PRO A 77 -6.60 18.73 7.01
CA PRO A 77 -5.16 18.93 7.11
C PRO A 77 -4.85 20.06 8.09
N ALA A 78 -5.68 21.08 8.06
CA ALA A 78 -5.49 22.23 8.94
C ALA A 78 -6.03 21.89 10.33
N GLU A 79 -7.05 21.04 10.35
CA GLU A 79 -7.66 20.62 11.60
C GLU A 79 -6.60 20.07 12.56
N TRP A 80 -5.57 19.48 11.98
CA TRP A 80 -4.49 18.91 12.76
C TRP A 80 -3.75 20.06 13.44
N ALA A 81 -3.53 21.12 12.67
CA ALA A 81 -2.82 22.28 13.18
C ALA A 81 -3.60 22.84 14.38
N ARG A 82 -4.84 23.21 14.13
CA ARG A 82 -5.69 23.75 15.17
C ARG A 82 -5.83 22.76 16.32
N ASP A 83 -6.12 21.52 15.97
CA ASP A 83 -6.27 20.48 16.95
C ASP A 83 -5.03 20.42 17.83
N ARG A 84 -3.87 20.45 17.18
CA ARG A 84 -2.61 20.41 17.88
C ARG A 84 -2.34 21.75 18.58
N LYS A 85 -2.94 22.79 18.03
CA LYS A 85 -2.78 24.13 18.58
C LYS A 85 -3.80 24.35 19.70
N LEU A 86 -4.78 23.45 19.74
CA LEU A 86 -5.83 23.54 20.75
C LEU A 86 -5.24 23.14 22.11
N ASN A 87 -6.14 22.81 23.02
CA ASN A 87 -5.72 22.41 24.36
C ASN A 87 -6.11 20.96 24.59
N GLY A 88 -6.20 20.21 23.49
CA GLY A 88 -6.54 18.81 23.55
C GLY A 88 -5.39 17.93 23.09
N PHE A 89 -4.59 18.49 22.19
CA PHE A 89 -3.44 17.76 21.67
C PHE A 89 -2.14 18.46 22.05
N LEU A 90 -2.27 19.54 22.80
CA LEU A 90 -1.11 20.30 23.23
C LEU A 90 -1.21 20.55 24.74
N GLU A 91 -2.21 19.92 25.35
CA GLU A 91 -2.42 20.06 26.77
C GLU A 91 -3.75 19.43 27.18
N HIS A 92 -4.05 19.52 28.47
CA HIS A 92 -5.29 18.96 28.99
C HIS A 92 -5.89 19.92 30.02
N HIS A 93 -7.21 20.05 29.96
CA HIS A 93 -7.92 20.93 30.87
C HIS A 93 -8.35 20.15 32.11
N HIS A 94 -8.96 20.87 33.05
CA HIS A 94 -9.42 20.26 34.28
C HIS A 94 -10.06 18.90 33.96
N HIS A 95 -11.22 18.96 33.34
CA HIS A 95 -11.94 17.75 32.97
C HIS A 95 -12.67 17.96 31.65
N HIS A 96 -13.52 18.97 31.64
CA HIS A 96 -14.28 19.28 30.44
C HIS A 96 -14.80 18.00 29.80
N HIS A 97 -15.86 17.45 30.38
CA HIS A 97 -16.44 16.23 29.88
C HIS A 97 -17.97 16.33 29.94
N MET A 1 6.10 0.89 -8.52
CA MET A 1 5.72 0.09 -7.36
C MET A 1 6.63 0.38 -6.17
N ILE A 2 7.86 -0.11 -6.27
CA ILE A 2 8.84 0.09 -5.20
C ILE A 2 10.23 -0.22 -5.73
N GLU A 3 11.22 0.03 -4.88
CA GLU A 3 12.60 -0.23 -5.25
C GLU A 3 13.31 -1.01 -4.15
N ASP A 4 13.89 -2.13 -4.55
CA ASP A 4 14.61 -2.98 -3.61
C ASP A 4 15.84 -3.57 -4.30
N PRO A 5 16.72 -4.19 -3.46
CA PRO A 5 17.95 -4.79 -3.97
C PRO A 5 17.65 -6.10 -4.69
N MET A 6 18.53 -6.43 -5.63
CA MET A 6 18.37 -7.66 -6.40
C MET A 6 19.30 -7.65 -7.62
N GLU A 7 20.37 -8.43 -7.51
CA GLU A 7 21.33 -8.53 -8.60
C GLU A 7 20.66 -9.08 -9.85
N ASN A 8 21.40 -9.93 -10.57
CA ASN A 8 20.89 -10.54 -11.78
C ASN A 8 21.10 -9.58 -12.95
N ASN A 9 21.55 -8.38 -12.61
CA ASN A 9 21.80 -7.37 -13.63
C ASN A 9 22.92 -7.85 -14.56
N GLU A 10 23.77 -8.71 -14.02
CA GLU A 10 24.88 -9.25 -14.78
C GLU A 10 24.36 -10.11 -15.94
N ILE A 11 23.78 -11.25 -15.57
CA ILE A 11 23.25 -12.18 -16.55
C ILE A 11 22.36 -11.40 -17.54
N GLN A 12 21.81 -10.30 -17.06
CA GLN A 12 20.94 -9.47 -17.87
C GLN A 12 21.78 -8.65 -18.86
N SER A 13 22.83 -8.04 -18.33
CA SER A 13 23.71 -7.23 -19.15
C SER A 13 24.33 -8.08 -20.25
N VAL A 14 24.46 -9.36 -19.97
CA VAL A 14 25.02 -10.29 -20.94
C VAL A 14 23.97 -10.63 -21.98
N LEU A 15 22.79 -10.96 -21.50
CA LEU A 15 21.68 -11.31 -22.38
C LEU A 15 21.46 -10.19 -23.39
N MET A 16 21.40 -8.97 -22.87
CA MET A 16 21.19 -7.81 -23.71
C MET A 16 22.44 -7.50 -24.55
N ASN A 17 23.60 -7.64 -23.91
CA ASN A 17 24.86 -7.39 -24.58
C ASN A 17 24.92 -8.22 -25.86
N ALA A 18 24.31 -9.39 -25.79
CA ALA A 18 24.30 -10.30 -26.93
C ALA A 18 23.32 -9.76 -27.99
N LEU A 19 22.13 -9.41 -27.51
CA LEU A 19 21.10 -8.89 -28.39
C LEU A 19 20.12 -8.06 -27.58
N SER A 20 18.92 -8.60 -27.42
CA SER A 20 17.88 -7.93 -26.65
C SER A 20 16.51 -8.54 -26.98
N LEU A 21 15.47 -7.82 -26.59
CA LEU A 21 14.11 -8.28 -26.84
C LEU A 21 13.12 -7.27 -26.25
N GLN A 22 13.42 -6.84 -25.03
CA GLN A 22 12.57 -5.87 -24.35
C GLN A 22 12.75 -5.98 -22.83
N GLU A 23 12.24 -7.07 -22.29
CA GLU A 23 12.33 -7.32 -20.87
C GLU A 23 13.27 -8.49 -20.58
N VAL A 24 13.53 -8.70 -19.30
CA VAL A 24 14.40 -9.79 -18.89
C VAL A 24 13.70 -10.62 -17.80
N HIS A 25 14.05 -11.89 -17.77
CA HIS A 25 13.46 -12.80 -16.79
C HIS A 25 14.54 -13.74 -16.26
N VAL A 26 14.99 -13.46 -15.04
CA VAL A 26 16.01 -14.27 -14.40
C VAL A 26 15.36 -15.14 -13.32
N SER A 27 15.10 -16.39 -13.69
CA SER A 27 14.49 -17.32 -12.77
C SER A 27 15.50 -18.40 -12.37
N GLY A 28 15.19 -19.08 -11.28
CA GLY A 28 16.06 -20.13 -10.78
C GLY A 28 16.06 -20.17 -9.25
N ASP A 29 17.25 -20.36 -8.70
CA ASP A 29 17.40 -20.41 -7.25
C ASP A 29 18.46 -19.40 -6.82
N GLY A 30 19.68 -19.64 -7.25
CA GLY A 30 20.78 -18.76 -6.90
C GLY A 30 22.01 -19.04 -7.78
N SER A 31 22.27 -20.33 -7.98
CA SER A 31 23.39 -20.75 -8.79
C SER A 31 22.92 -21.12 -10.19
N HIS A 32 21.86 -21.91 -10.23
CA HIS A 32 21.31 -22.35 -11.50
C HIS A 32 20.02 -21.58 -11.79
N PHE A 33 20.08 -20.74 -12.80
CA PHE A 33 18.93 -19.94 -13.19
C PHE A 33 18.90 -19.71 -14.71
N GLN A 34 17.70 -19.51 -15.22
CA GLN A 34 17.51 -19.29 -16.64
C GLN A 34 17.26 -17.80 -16.92
N VAL A 35 17.84 -17.33 -18.01
CA VAL A 35 17.68 -15.93 -18.39
C VAL A 35 16.83 -15.86 -19.66
N ILE A 36 15.54 -15.63 -19.46
CA ILE A 36 14.61 -15.53 -20.57
C ILE A 36 14.42 -14.06 -20.94
N ALA A 37 14.72 -13.75 -22.19
CA ALA A 37 14.58 -12.39 -22.68
C ALA A 37 13.14 -12.16 -23.11
N VAL A 38 12.44 -11.37 -22.30
CA VAL A 38 11.05 -11.06 -22.58
C VAL A 38 10.98 -9.99 -23.67
N GLY A 39 9.86 -10.00 -24.39
CA GLY A 39 9.66 -9.05 -25.47
C GLY A 39 8.67 -9.58 -26.50
N GLU A 40 9.19 -9.86 -27.69
CA GLU A 40 8.37 -10.38 -28.76
C GLU A 40 9.20 -10.57 -30.03
N LEU A 41 10.20 -9.72 -30.18
CA LEU A 41 11.08 -9.79 -31.34
C LEU A 41 11.27 -11.25 -31.73
N PHE A 42 11.94 -11.98 -30.85
CA PHE A 42 12.20 -13.40 -31.08
C PHE A 42 11.00 -14.25 -30.68
N ASP A 43 9.83 -13.80 -31.08
CA ASP A 43 8.60 -14.51 -30.77
C ASP A 43 8.14 -15.31 -31.99
N GLY A 44 8.89 -16.38 -32.27
CA GLY A 44 8.57 -17.23 -33.40
C GLY A 44 9.83 -17.94 -33.91
N MET A 45 10.98 -17.36 -33.58
CA MET A 45 12.24 -17.92 -34.00
C MET A 45 12.34 -19.41 -33.63
N SER A 46 13.31 -20.07 -34.23
CA SER A 46 13.52 -21.49 -33.98
C SER A 46 14.53 -21.68 -32.86
N ARG A 47 14.15 -22.49 -31.88
CA ARG A 47 15.02 -22.76 -30.75
C ARG A 47 16.47 -22.87 -31.20
N VAL A 48 16.64 -23.31 -32.44
CA VAL A 48 17.97 -23.46 -33.00
C VAL A 48 18.54 -22.08 -33.36
N LYS A 49 17.92 -21.48 -34.37
CA LYS A 49 18.35 -20.15 -34.82
C LYS A 49 18.33 -19.19 -33.62
N LYS A 50 17.32 -19.36 -32.78
CA LYS A 50 17.19 -18.52 -31.61
C LYS A 50 18.43 -18.66 -30.72
N GLN A 51 18.62 -19.87 -30.21
CA GLN A 51 19.76 -20.15 -29.36
C GLN A 51 21.05 -19.91 -30.11
N GLN A 52 20.94 -19.90 -31.43
CA GLN A 52 22.10 -19.68 -32.29
C GLN A 52 22.56 -18.23 -32.21
N THR A 53 21.60 -17.32 -32.40
CA THR A 53 21.90 -15.90 -32.35
C THR A 53 21.87 -15.40 -30.90
N VAL A 54 21.24 -16.19 -30.04
CA VAL A 54 21.13 -15.84 -28.64
C VAL A 54 22.39 -16.34 -27.91
N TYR A 55 22.71 -17.60 -28.14
CA TYR A 55 23.87 -18.20 -27.51
C TYR A 55 25.13 -17.94 -28.33
N GLY A 56 24.92 -17.59 -29.59
CA GLY A 56 26.03 -17.31 -30.48
C GLY A 56 26.95 -16.24 -29.90
N PRO A 57 26.33 -15.11 -29.49
CA PRO A 57 27.07 -14.00 -28.91
C PRO A 57 27.50 -14.32 -27.48
N LEU A 58 26.53 -14.66 -26.66
CA LEU A 58 26.79 -14.99 -25.26
C LEU A 58 27.19 -16.46 -25.16
N MET A 59 27.99 -16.90 -26.13
CA MET A 59 28.45 -18.26 -26.16
C MET A 59 29.72 -18.44 -25.32
N GLU A 60 30.72 -17.63 -25.65
CA GLU A 60 31.99 -17.69 -24.95
C GLU A 60 31.80 -17.28 -23.49
N TYR A 61 31.02 -16.23 -23.30
CA TYR A 61 30.76 -15.71 -21.96
C TYR A 61 30.06 -16.78 -21.11
N ILE A 62 28.96 -17.30 -21.64
CA ILE A 62 28.20 -18.31 -20.94
C ILE A 62 29.06 -19.57 -20.78
N ALA A 63 29.92 -19.79 -21.76
CA ALA A 63 30.80 -20.95 -21.74
C ALA A 63 31.63 -20.92 -20.45
N ASP A 64 32.28 -19.78 -20.22
CA ASP A 64 33.11 -19.62 -19.05
C ASP A 64 32.23 -19.69 -17.79
N ASN A 65 31.03 -19.14 -17.92
CA ASN A 65 30.09 -19.14 -16.82
C ASN A 65 29.59 -20.56 -16.57
N ARG A 66 29.77 -21.41 -17.58
CA ARG A 66 29.34 -22.79 -17.49
C ARG A 66 29.50 -23.30 -16.06
N ILE A 67 30.53 -22.79 -15.40
CA ILE A 67 30.81 -23.19 -14.03
C ILE A 67 29.49 -23.31 -13.26
N HIS A 68 28.53 -22.50 -13.68
CA HIS A 68 27.22 -22.51 -13.04
C HIS A 68 26.18 -23.07 -14.01
N ALA A 69 24.98 -22.51 -13.93
CA ALA A 69 23.89 -22.94 -14.78
C ALA A 69 23.03 -21.73 -15.16
N VAL A 70 23.63 -20.86 -15.98
CA VAL A 70 22.93 -19.67 -16.42
C VAL A 70 22.41 -19.88 -17.85
N SER A 71 21.17 -20.35 -17.92
CA SER A 71 20.55 -20.60 -19.21
C SER A 71 20.11 -19.27 -19.84
N ILE A 72 19.78 -19.35 -21.13
CA ILE A 72 19.33 -18.18 -21.85
C ILE A 72 18.41 -18.61 -23.00
N LYS A 73 17.33 -17.87 -23.17
CA LYS A 73 16.37 -18.16 -24.22
C LYS A 73 15.49 -16.95 -24.46
N ALA A 74 15.33 -16.61 -25.73
CA ALA A 74 14.51 -15.46 -26.10
C ALA A 74 13.05 -15.90 -26.24
N TYR A 75 12.21 -15.33 -25.40
CA TYR A 75 10.79 -15.66 -25.41
C TYR A 75 9.96 -14.49 -24.87
N THR A 76 8.65 -14.71 -24.83
CA THR A 76 7.74 -13.70 -24.34
C THR A 76 7.58 -13.82 -22.82
N PRO A 77 6.70 -12.93 -22.27
CA PRO A 77 6.44 -12.93 -20.84
C PRO A 77 5.57 -14.11 -20.44
N ALA A 78 4.60 -14.41 -21.29
CA ALA A 78 3.69 -15.52 -21.04
C ALA A 78 4.35 -16.83 -21.46
N GLU A 79 5.31 -16.70 -22.38
CA GLU A 79 6.03 -17.86 -22.87
C GLU A 79 6.74 -18.58 -21.72
N TRP A 80 7.19 -17.80 -20.76
CA TRP A 80 7.87 -18.34 -19.61
C TRP A 80 6.92 -19.30 -18.89
N ALA A 81 5.97 -18.71 -18.17
CA ALA A 81 5.00 -19.49 -17.43
C ALA A 81 4.59 -20.71 -18.28
N ARG A 82 4.20 -20.43 -19.51
CA ARG A 82 3.78 -21.48 -20.42
C ARG A 82 4.88 -22.54 -20.55
N ASP A 83 6.11 -22.06 -20.58
CA ASP A 83 7.25 -22.95 -20.70
C ASP A 83 7.45 -23.71 -19.38
N ARG A 84 7.35 -22.95 -18.29
CA ARG A 84 7.51 -23.54 -16.97
C ARG A 84 6.33 -24.46 -16.65
N LYS A 85 5.22 -24.21 -17.34
CA LYS A 85 4.02 -25.01 -17.14
C LYS A 85 4.07 -26.24 -18.04
N LEU A 86 4.93 -26.15 -19.05
CA LEU A 86 5.09 -27.25 -20.00
C LEU A 86 5.79 -28.42 -19.31
N ASN A 87 6.29 -29.33 -20.13
CA ASN A 87 6.98 -30.50 -19.62
C ASN A 87 8.48 -30.39 -19.95
N GLY A 88 8.91 -29.15 -20.14
CA GLY A 88 10.30 -28.89 -20.46
C GLY A 88 11.00 -28.16 -19.32
N PHE A 89 10.23 -27.37 -18.60
CA PHE A 89 10.75 -26.62 -17.48
C PHE A 89 10.05 -27.00 -16.17
N LEU A 90 9.09 -27.92 -16.30
CA LEU A 90 8.34 -28.38 -15.15
C LEU A 90 8.56 -29.89 -14.97
N GLU A 91 9.25 -30.47 -15.93
CA GLU A 91 9.54 -31.89 -15.90
C GLU A 91 8.39 -32.67 -16.55
N HIS A 92 8.46 -33.98 -16.40
CA HIS A 92 7.44 -34.86 -16.97
C HIS A 92 7.29 -36.10 -16.10
N HIS A 93 7.24 -35.88 -14.79
CA HIS A 93 7.10 -36.97 -13.85
C HIS A 93 8.45 -37.71 -13.71
N HIS A 94 8.41 -38.79 -12.95
CA HIS A 94 9.60 -39.58 -12.72
C HIS A 94 10.68 -38.72 -12.07
N HIS A 95 11.72 -39.38 -11.60
CA HIS A 95 12.83 -38.67 -10.96
C HIS A 95 13.91 -39.69 -10.55
N HIS A 96 15.06 -39.15 -10.20
CA HIS A 96 16.18 -39.98 -9.78
C HIS A 96 16.77 -40.69 -11.01
N HIS A 97 15.95 -41.56 -11.60
CA HIS A 97 16.37 -42.29 -12.77
C HIS A 97 15.30 -42.19 -13.86
N MET A 1 6.10 0.89 -8.52
CA MET A 1 5.72 0.09 -7.36
C MET A 1 6.22 -1.36 -7.51
N ILE A 2 7.23 -1.68 -6.73
CA ILE A 2 7.81 -3.02 -6.76
C ILE A 2 8.90 -3.12 -5.70
N GLU A 3 9.71 -4.16 -5.83
CA GLU A 3 10.80 -4.39 -4.90
C GLU A 3 12.03 -4.92 -5.64
N ASP A 4 12.80 -5.72 -4.92
CA ASP A 4 14.01 -6.30 -5.49
C ASP A 4 14.14 -7.76 -5.04
N PRO A 5 13.21 -8.60 -5.57
CA PRO A 5 13.20 -10.01 -5.23
C PRO A 5 14.34 -10.75 -5.95
N MET A 6 14.21 -12.07 -5.98
CA MET A 6 15.21 -12.91 -6.63
C MET A 6 14.55 -14.01 -7.45
N GLU A 7 13.80 -14.86 -6.74
CA GLU A 7 13.11 -15.96 -7.38
C GLU A 7 12.33 -16.77 -6.35
N ASN A 8 11.77 -16.06 -5.39
CA ASN A 8 11.00 -16.70 -4.33
C ASN A 8 9.57 -16.95 -4.82
N ASN A 9 9.36 -16.65 -6.10
CA ASN A 9 8.05 -16.82 -6.70
C ASN A 9 7.75 -18.32 -6.80
N GLU A 10 8.80 -19.12 -6.80
CA GLU A 10 8.66 -20.56 -6.89
C GLU A 10 7.94 -21.09 -5.64
N ILE A 11 8.50 -20.76 -4.49
CA ILE A 11 7.92 -21.19 -3.23
C ILE A 11 6.59 -20.49 -3.01
N GLN A 12 6.44 -19.35 -3.67
CA GLN A 12 5.22 -18.57 -3.56
C GLN A 12 4.09 -19.22 -4.37
N SER A 13 4.48 -19.79 -5.51
CA SER A 13 3.52 -20.45 -6.38
C SER A 13 3.08 -21.77 -5.76
N VAL A 14 4.05 -22.48 -5.20
CA VAL A 14 3.77 -23.76 -4.57
C VAL A 14 3.05 -23.54 -3.24
N LEU A 15 3.39 -22.43 -2.61
CA LEU A 15 2.80 -22.07 -1.33
C LEU A 15 1.33 -21.69 -1.55
N MET A 16 1.09 -20.97 -2.63
CA MET A 16 -0.26 -20.54 -2.96
C MET A 16 -1.08 -21.69 -3.55
N ASN A 17 -0.45 -22.41 -4.48
CA ASN A 17 -1.11 -23.54 -5.12
C ASN A 17 -1.36 -24.63 -4.09
N ALA A 18 -0.53 -24.64 -3.06
CA ALA A 18 -0.66 -25.63 -2.00
C ALA A 18 -1.66 -25.12 -0.96
N LEU A 19 -1.53 -23.84 -0.63
CA LEU A 19 -2.40 -23.22 0.34
C LEU A 19 -1.98 -21.77 0.57
N SER A 20 -2.81 -20.86 0.08
CA SER A 20 -2.54 -19.45 0.22
C SER A 20 -3.03 -18.94 1.57
N LEU A 21 -3.38 -17.66 1.60
CA LEU A 21 -3.87 -17.05 2.82
C LEU A 21 -4.07 -15.55 2.59
N GLN A 22 -3.16 -14.98 1.81
CA GLN A 22 -3.22 -13.56 1.51
C GLN A 22 -1.84 -13.04 1.11
N GLU A 23 -0.94 -13.04 2.09
CA GLU A 23 0.42 -12.58 1.85
C GLU A 23 1.41 -13.72 2.06
N VAL A 24 2.65 -13.46 1.67
CA VAL A 24 3.70 -14.45 1.81
C VAL A 24 4.98 -13.77 2.29
N HIS A 25 5.91 -14.58 2.77
CA HIS A 25 7.18 -14.07 3.26
C HIS A 25 8.28 -15.11 3.01
N VAL A 26 9.38 -14.63 2.45
CA VAL A 26 10.51 -15.49 2.15
C VAL A 26 11.77 -14.90 2.78
N SER A 27 12.03 -15.32 4.01
CA SER A 27 13.20 -14.85 4.73
C SER A 27 14.33 -15.87 4.61
N GLY A 28 15.52 -15.36 4.30
CA GLY A 28 16.69 -16.20 4.15
C GLY A 28 17.71 -15.56 3.21
N ASP A 29 18.52 -16.41 2.60
CA ASP A 29 19.54 -15.95 1.68
C ASP A 29 19.14 -16.33 0.24
N GLY A 30 19.04 -17.64 0.02
CA GLY A 30 18.66 -18.15 -1.29
C GLY A 30 18.57 -19.67 -1.28
N SER A 31 19.47 -20.28 -0.52
CA SER A 31 19.50 -21.73 -0.42
C SER A 31 18.50 -22.20 0.64
N HIS A 32 18.76 -21.80 1.88
CA HIS A 32 17.91 -22.17 2.98
C HIS A 32 17.18 -20.92 3.50
N PHE A 33 15.86 -20.95 3.35
CA PHE A 33 15.04 -19.83 3.79
C PHE A 33 13.68 -20.32 4.28
N GLN A 34 13.03 -19.48 5.08
CA GLN A 34 11.72 -19.81 5.61
C GLN A 34 10.62 -19.10 4.81
N VAL A 35 9.62 -19.88 4.43
CA VAL A 35 8.51 -19.35 3.66
C VAL A 35 7.25 -19.32 4.53
N ILE A 36 6.96 -18.14 5.07
CA ILE A 36 5.79 -17.98 5.92
C ILE A 36 4.61 -17.51 5.06
N ALA A 37 3.45 -18.09 5.35
CA ALA A 37 2.24 -17.74 4.62
C ALA A 37 1.43 -16.75 5.44
N VAL A 38 1.52 -15.48 5.04
CA VAL A 38 0.79 -14.43 5.73
C VAL A 38 -0.68 -14.46 5.31
N GLY A 39 -1.53 -14.08 6.25
CA GLY A 39 -2.96 -14.07 5.99
C GLY A 39 -3.76 -14.03 7.30
N GLU A 40 -4.55 -15.08 7.50
CA GLU A 40 -5.36 -15.19 8.70
C GLU A 40 -6.07 -16.54 8.74
N LEU A 41 -6.42 -17.03 7.56
CA LEU A 41 -7.10 -18.31 7.46
C LEU A 41 -6.50 -19.29 8.47
N PHE A 42 -5.19 -19.45 8.37
CA PHE A 42 -4.48 -20.35 9.26
C PHE A 42 -4.08 -19.64 10.56
N ASP A 43 -4.98 -18.78 11.03
CA ASP A 43 -4.72 -18.03 12.25
C ASP A 43 -5.54 -18.64 13.39
N GLY A 44 -5.09 -19.81 13.84
CA GLY A 44 -5.75 -20.50 14.92
C GLY A 44 -5.56 -22.02 14.81
N MET A 45 -5.20 -22.44 13.60
CA MET A 45 -4.99 -23.85 13.35
C MET A 45 -3.80 -24.39 14.15
N SER A 46 -3.69 -25.70 14.20
CA SER A 46 -2.60 -26.34 14.93
C SER A 46 -1.38 -26.50 14.02
N ARG A 47 -0.26 -25.95 14.50
CA ARG A 47 0.98 -26.03 13.74
C ARG A 47 1.11 -27.39 13.06
N VAL A 48 0.51 -28.39 13.70
CA VAL A 48 0.56 -29.74 13.16
C VAL A 48 -0.44 -29.87 12.03
N LYS A 49 -1.70 -29.62 12.35
CA LYS A 49 -2.76 -29.70 11.37
C LYS A 49 -2.47 -28.73 10.22
N LYS A 50 -1.80 -27.64 10.56
CA LYS A 50 -1.45 -26.64 9.57
C LYS A 50 -0.27 -27.13 8.74
N GLN A 51 0.70 -27.72 9.43
CA GLN A 51 1.89 -28.24 8.77
C GLN A 51 1.53 -29.49 7.95
N GLN A 52 0.40 -30.07 8.29
CA GLN A 52 -0.07 -31.26 7.60
C GLN A 52 -0.86 -30.87 6.34
N THR A 53 -1.68 -29.84 6.49
CA THR A 53 -2.47 -29.36 5.38
C THR A 53 -1.65 -28.45 4.48
N VAL A 54 -0.61 -27.88 5.06
CA VAL A 54 0.27 -26.98 4.33
C VAL A 54 1.34 -27.81 3.61
N TYR A 55 1.93 -28.73 4.36
CA TYR A 55 2.97 -29.59 3.81
C TYR A 55 2.36 -30.79 3.10
N GLY A 56 1.10 -31.07 3.42
CA GLY A 56 0.41 -32.18 2.82
C GLY A 56 0.44 -32.10 1.29
N PRO A 57 0.00 -30.91 0.78
CA PRO A 57 -0.03 -30.68 -0.65
C PRO A 57 1.38 -30.44 -1.20
N LEU A 58 2.07 -29.52 -0.55
CA LEU A 58 3.42 -29.17 -0.95
C LEU A 58 4.42 -30.11 -0.25
N MET A 59 4.01 -31.37 -0.15
CA MET A 59 4.85 -32.37 0.49
C MET A 59 5.86 -32.95 -0.49
N GLU A 60 5.39 -33.21 -1.71
CA GLU A 60 6.24 -33.76 -2.74
C GLU A 60 7.25 -32.72 -3.22
N TYR A 61 6.73 -31.66 -3.83
CA TYR A 61 7.57 -30.59 -4.32
C TYR A 61 8.75 -30.34 -3.38
N ILE A 62 8.44 -30.30 -2.10
CA ILE A 62 9.47 -30.06 -1.09
C ILE A 62 10.37 -31.29 -1.00
N ALA A 63 9.74 -32.45 -0.90
CA ALA A 63 10.48 -33.70 -0.80
C ALA A 63 11.67 -33.66 -1.77
N ASP A 64 11.42 -33.09 -2.94
CA ASP A 64 12.46 -32.99 -3.95
C ASP A 64 13.30 -31.74 -3.68
N ASN A 65 12.61 -30.68 -3.25
CA ASN A 65 13.29 -29.43 -2.97
C ASN A 65 14.35 -29.67 -1.90
N ARG A 66 14.24 -30.80 -1.22
CA ARG A 66 15.19 -31.16 -0.18
C ARG A 66 16.57 -30.59 -0.52
N ILE A 67 16.90 -30.62 -1.80
CA ILE A 67 18.18 -30.11 -2.25
C ILE A 67 18.56 -28.88 -1.44
N HIS A 68 17.54 -28.13 -1.05
CA HIS A 68 17.74 -26.92 -0.26
C HIS A 68 16.90 -26.99 1.01
N ALA A 69 16.75 -25.83 1.64
CA ALA A 69 15.98 -25.74 2.86
C ALA A 69 14.88 -24.69 2.70
N VAL A 70 13.74 -25.15 2.20
CA VAL A 70 12.61 -24.26 1.99
C VAL A 70 11.50 -24.60 2.99
N SER A 71 11.51 -23.87 4.09
CA SER A 71 10.52 -24.08 5.14
C SER A 71 9.19 -23.45 4.72
N ILE A 72 8.11 -24.01 5.26
CA ILE A 72 6.78 -23.52 4.95
C ILE A 72 5.93 -23.56 6.22
N LYS A 73 5.58 -22.37 6.70
CA LYS A 73 4.76 -22.26 7.90
C LYS A 73 3.74 -21.14 7.72
N ALA A 74 2.47 -21.51 7.79
CA ALA A 74 1.40 -20.55 7.64
C ALA A 74 1.20 -19.79 8.95
N TYR A 75 1.39 -18.48 8.87
CA TYR A 75 1.24 -17.64 10.05
C TYR A 75 0.77 -16.24 9.65
N THR A 76 0.63 -15.39 10.65
CA THR A 76 0.18 -14.02 10.43
C THR A 76 1.39 -13.11 10.18
N PRO A 77 1.09 -11.79 9.98
CA PRO A 77 2.12 -10.81 9.73
C PRO A 77 2.89 -10.49 11.02
N ALA A 78 2.16 -10.45 12.11
CA ALA A 78 2.75 -10.15 13.40
C ALA A 78 3.34 -11.44 14.00
N GLU A 79 2.80 -12.56 13.55
CA GLU A 79 3.26 -13.85 14.03
C GLU A 79 4.74 -14.03 13.73
N TRP A 80 5.16 -13.48 12.60
CA TRP A 80 6.55 -13.57 12.19
C TRP A 80 7.41 -13.02 13.32
N ALA A 81 7.36 -11.70 13.48
CA ALA A 81 8.14 -11.04 14.52
C ALA A 81 7.97 -11.81 15.84
N ARG A 82 6.75 -12.26 16.08
CA ARG A 82 6.45 -13.01 17.29
C ARG A 82 7.31 -14.27 17.36
N ASP A 83 7.54 -14.86 16.18
CA ASP A 83 8.34 -16.07 16.11
C ASP A 83 9.82 -15.70 16.06
N ARG A 84 10.14 -14.80 15.14
CA ARG A 84 11.52 -14.36 14.97
C ARG A 84 12.01 -13.68 16.26
N LYS A 85 11.06 -13.07 16.97
CA LYS A 85 11.38 -12.37 18.21
C LYS A 85 11.32 -13.38 19.36
N LEU A 86 10.69 -14.51 19.09
CA LEU A 86 10.55 -15.55 20.09
C LEU A 86 11.90 -16.27 20.26
N ASN A 87 11.82 -17.48 20.80
CA ASN A 87 13.02 -18.28 21.02
C ASN A 87 12.98 -19.50 20.10
N GLY A 88 12.18 -19.40 19.06
CA GLY A 88 12.04 -20.48 18.10
C GLY A 88 12.78 -20.17 16.80
N PHE A 89 12.78 -18.89 16.46
CA PHE A 89 13.45 -18.43 15.25
C PHE A 89 14.66 -17.54 15.58
N LEU A 90 14.86 -17.35 16.88
CA LEU A 90 15.97 -16.53 17.34
C LEU A 90 16.65 -17.22 18.52
N GLU A 91 16.29 -18.47 18.71
CA GLU A 91 16.86 -19.25 19.80
C GLU A 91 16.58 -20.74 19.60
N HIS A 92 16.64 -21.48 20.69
CA HIS A 92 16.39 -22.91 20.65
C HIS A 92 17.67 -23.65 20.29
N HIS A 93 17.57 -24.97 20.25
CA HIS A 93 18.72 -25.80 19.91
C HIS A 93 19.04 -25.66 18.42
N HIS A 94 17.99 -25.70 17.62
CA HIS A 94 18.15 -25.59 16.18
C HIS A 94 16.84 -25.98 15.49
N HIS A 95 16.57 -27.29 15.50
CA HIS A 95 15.37 -27.81 14.88
C HIS A 95 15.27 -29.31 15.15
N HIS A 96 14.08 -29.84 14.92
CA HIS A 96 13.84 -31.26 15.13
C HIS A 96 14.25 -32.04 13.88
N HIS A 97 15.21 -32.95 14.08
CA HIS A 97 15.71 -33.76 12.98
C HIS A 97 14.53 -34.26 12.14
N MET A 1 6.10 0.89 -8.52
CA MET A 1 5.72 0.09 -7.36
C MET A 1 6.94 -0.25 -6.50
N ILE A 2 7.82 0.74 -6.36
CA ILE A 2 9.02 0.55 -5.57
C ILE A 2 9.76 1.90 -5.46
N GLU A 3 11.02 1.81 -5.07
CA GLU A 3 11.84 2.99 -4.92
C GLU A 3 13.32 2.62 -4.90
N ASP A 4 14.07 3.23 -5.81
CA ASP A 4 15.50 2.96 -5.90
C ASP A 4 16.25 3.94 -5.00
N PRO A 5 17.13 3.37 -4.14
CA PRO A 5 17.91 4.18 -3.22
C PRO A 5 19.05 4.89 -3.95
N MET A 6 20.01 5.37 -3.17
CA MET A 6 21.15 6.06 -3.73
C MET A 6 22.43 5.74 -2.96
N GLU A 7 22.35 5.92 -1.64
CA GLU A 7 23.49 5.64 -0.79
C GLU A 7 23.09 5.76 0.68
N ASN A 8 24.09 5.74 1.55
CA ASN A 8 23.85 5.84 2.97
C ASN A 8 23.54 4.45 3.53
N ASN A 9 23.53 3.47 2.63
CA ASN A 9 23.26 2.10 3.03
C ASN A 9 24.55 1.45 3.52
N GLU A 10 25.67 2.04 3.13
CA GLU A 10 26.97 1.54 3.53
C GLU A 10 27.12 1.61 5.05
N ILE A 11 27.32 2.82 5.54
CA ILE A 11 27.49 3.04 6.97
C ILE A 11 26.40 2.28 7.72
N GLN A 12 25.28 2.08 7.04
CA GLN A 12 24.16 1.37 7.64
C GLN A 12 24.46 -0.12 7.71
N SER A 13 25.00 -0.64 6.62
CA SER A 13 25.33 -2.05 6.55
C SER A 13 26.47 -2.37 7.52
N VAL A 14 27.39 -1.43 7.63
CA VAL A 14 28.53 -1.59 8.51
C VAL A 14 28.09 -1.35 9.96
N LEU A 15 27.22 -0.37 10.12
CA LEU A 15 26.71 -0.03 11.44
C LEU A 15 25.84 -1.18 11.96
N MET A 16 25.16 -1.84 11.02
CA MET A 16 24.30 -2.95 11.36
C MET A 16 25.10 -4.26 11.50
N ASN A 17 26.06 -4.40 10.60
CA ASN A 17 26.91 -5.60 10.61
C ASN A 17 27.71 -5.63 11.91
N ALA A 18 28.04 -4.45 12.40
CA ALA A 18 28.80 -4.33 13.63
C ALA A 18 27.86 -4.49 14.82
N LEU A 19 26.83 -3.65 14.83
CA LEU A 19 25.86 -3.68 15.91
C LEU A 19 24.72 -2.70 15.59
N SER A 20 23.58 -3.26 15.20
CA SER A 20 22.43 -2.44 14.88
C SER A 20 21.88 -1.77 16.14
N LEU A 21 20.56 -1.61 16.16
CA LEU A 21 19.91 -0.99 17.29
C LEU A 21 18.42 -0.79 16.97
N GLN A 22 18.17 -0.34 15.76
CA GLN A 22 16.80 -0.09 15.32
C GLN A 22 16.80 0.61 13.95
N GLU A 23 17.21 1.87 13.98
CA GLU A 23 17.26 2.67 12.77
C GLU A 23 18.63 3.33 12.62
N VAL A 24 18.78 4.11 11.56
CA VAL A 24 20.02 4.80 11.29
C VAL A 24 19.71 6.23 10.85
N HIS A 25 20.75 7.06 10.91
CA HIS A 25 20.62 8.46 10.51
C HIS A 25 21.93 8.96 9.93
N VAL A 26 21.86 9.37 8.66
CA VAL A 26 23.04 9.86 7.97
C VAL A 26 22.83 11.35 7.64
N SER A 27 23.35 12.19 8.52
CA SER A 27 23.23 13.63 8.34
C SER A 27 24.54 14.19 7.76
N GLY A 28 24.38 15.00 6.73
CA GLY A 28 25.53 15.61 6.08
C GLY A 28 25.23 15.91 4.61
N ASP A 29 26.25 15.75 3.78
CA ASP A 29 26.11 16.00 2.36
C ASP A 29 26.41 14.72 1.58
N GLY A 30 27.67 14.57 1.20
CA GLY A 30 28.09 13.40 0.46
C GLY A 30 29.61 13.20 0.56
N SER A 31 30.03 12.74 1.74
CA SER A 31 31.44 12.51 1.98
C SER A 31 31.73 12.51 3.49
N HIS A 32 31.44 13.65 4.10
CA HIS A 32 31.65 13.80 5.53
C HIS A 32 30.31 14.04 6.23
N PHE A 33 29.75 12.96 6.77
CA PHE A 33 28.48 13.04 7.46
C PHE A 33 28.51 12.23 8.76
N GLN A 34 27.49 12.43 9.57
CA GLN A 34 27.38 11.73 10.84
C GLN A 34 26.37 10.59 10.74
N VAL A 35 26.85 9.39 11.06
CA VAL A 35 26.00 8.22 11.01
C VAL A 35 25.59 7.84 12.44
N ILE A 36 24.38 8.24 12.80
CA ILE A 36 23.85 7.95 14.13
C ILE A 36 23.01 6.67 14.06
N ALA A 37 23.28 5.77 14.98
CA ALA A 37 22.56 4.50 15.05
C ALA A 37 21.35 4.66 15.97
N VAL A 38 20.18 4.76 15.36
CA VAL A 38 18.95 4.91 16.11
C VAL A 38 18.57 3.57 16.74
N GLY A 39 17.98 3.64 17.92
CA GLY A 39 17.56 2.45 18.63
C GLY A 39 17.34 2.74 20.11
N GLU A 40 17.57 1.72 20.93
CA GLU A 40 17.40 1.85 22.36
C GLU A 40 18.28 0.84 23.10
N LEU A 41 19.26 0.32 22.37
CA LEU A 41 20.18 -0.65 22.95
C LEU A 41 21.14 0.06 23.90
N PHE A 42 21.87 1.02 23.35
CA PHE A 42 22.82 1.77 24.14
C PHE A 42 22.18 3.05 24.70
N ASP A 43 20.90 2.92 25.05
CA ASP A 43 20.17 4.05 25.60
C ASP A 43 20.58 4.26 27.06
N GLY A 44 21.83 4.64 27.23
CA GLY A 44 22.36 4.88 28.57
C GLY A 44 23.84 4.52 28.64
N MET A 45 24.28 3.75 27.65
CA MET A 45 25.67 3.33 27.59
C MET A 45 26.61 4.53 27.62
N SER A 46 27.89 4.25 27.85
CA SER A 46 28.89 5.29 27.90
C SER A 46 29.46 5.55 26.50
N ARG A 47 29.36 6.80 26.08
CA ARG A 47 29.85 7.19 24.77
C ARG A 47 31.16 6.45 24.44
N VAL A 48 31.94 6.23 25.49
CA VAL A 48 33.21 5.54 25.34
C VAL A 48 32.95 4.06 25.05
N LYS A 49 32.25 3.43 25.98
CA LYS A 49 31.93 2.02 25.84
C LYS A 49 31.13 1.80 24.56
N LYS A 50 30.40 2.85 24.17
CA LYS A 50 29.58 2.79 22.96
C LYS A 50 30.50 2.84 21.74
N GLN A 51 30.99 4.04 21.46
CA GLN A 51 31.88 4.24 20.32
C GLN A 51 32.98 3.18 20.32
N GLN A 52 33.28 2.67 21.52
CA GLN A 52 34.31 1.67 21.66
C GLN A 52 33.86 0.34 21.03
N THR A 53 32.76 -0.17 21.56
CA THR A 53 32.22 -1.43 21.06
C THR A 53 31.64 -1.24 19.66
N VAL A 54 31.39 0.02 19.32
CA VAL A 54 30.86 0.35 18.01
C VAL A 54 31.99 0.47 17.00
N TYR A 55 33.10 1.01 17.47
CA TYR A 55 34.26 1.18 16.62
C TYR A 55 35.13 -0.09 16.60
N GLY A 56 34.97 -0.89 17.64
CA GLY A 56 35.73 -2.12 17.76
C GLY A 56 35.62 -2.95 16.47
N PRO A 57 34.36 -3.16 16.03
CA PRO A 57 34.10 -3.92 14.81
C PRO A 57 34.45 -3.11 13.57
N LEU A 58 33.74 -2.01 13.41
CA LEU A 58 33.96 -1.13 12.27
C LEU A 58 35.18 -0.25 12.53
N MET A 59 36.19 -0.85 13.16
CA MET A 59 37.41 -0.15 13.46
C MET A 59 38.33 -0.07 12.24
N GLU A 60 38.44 -1.20 11.56
CA GLU A 60 39.28 -1.28 10.38
C GLU A 60 38.63 -0.51 9.22
N TYR A 61 37.41 -0.90 8.91
CA TYR A 61 36.68 -0.27 7.82
C TYR A 61 36.82 1.25 7.89
N ILE A 62 36.67 1.78 9.09
CA ILE A 62 36.79 3.21 9.30
C ILE A 62 38.23 3.65 9.06
N ALA A 63 39.14 2.94 9.71
CA ALA A 63 40.56 3.24 9.57
C ALA A 63 40.87 3.59 8.12
N ASP A 64 40.31 2.79 7.22
CA ASP A 64 40.52 2.99 5.80
C ASP A 64 39.51 4.04 5.29
N ASN A 65 38.34 4.01 5.88
CA ASN A 65 37.28 4.94 5.49
C ASN A 65 37.80 6.37 5.64
N ARG A 66 38.88 6.51 6.40
CA ARG A 66 39.49 7.81 6.63
C ARG A 66 39.28 8.71 5.40
N ILE A 67 39.39 8.08 4.24
CA ILE A 67 39.22 8.81 2.98
C ILE A 67 38.11 9.85 3.14
N HIS A 68 37.03 9.42 3.77
CA HIS A 68 35.89 10.29 4.00
C HIS A 68 35.73 10.55 5.50
N ALA A 69 34.58 11.10 5.85
CA ALA A 69 34.29 11.40 7.24
C ALA A 69 32.93 10.82 7.61
N VAL A 70 32.94 9.53 7.91
CA VAL A 70 31.72 8.83 8.29
C VAL A 70 31.74 8.55 9.80
N SER A 71 31.15 9.47 10.55
CA SER A 71 31.09 9.33 12.00
C SER A 71 30.06 8.27 12.37
N ILE A 72 30.28 7.66 13.53
CA ILE A 72 29.36 6.63 14.02
C ILE A 72 29.09 6.87 15.51
N LYS A 73 27.84 7.22 15.79
CA LYS A 73 27.43 7.48 17.16
C LYS A 73 26.09 6.81 17.42
N ALA A 74 26.11 5.85 18.34
CA ALA A 74 24.90 5.12 18.69
C ALA A 74 24.06 5.98 19.65
N TYR A 75 22.86 6.32 19.18
CA TYR A 75 21.95 7.12 19.98
C TYR A 75 20.49 6.86 19.59
N THR A 76 19.60 7.57 20.26
CA THR A 76 18.18 7.42 19.99
C THR A 76 17.74 8.35 18.86
N PRO A 77 16.41 8.33 18.59
CA PRO A 77 15.86 9.17 17.54
C PRO A 77 15.78 10.63 17.98
N ALA A 78 15.43 10.82 19.23
CA ALA A 78 15.31 12.16 19.80
C ALA A 78 16.71 12.65 20.21
N GLU A 79 17.57 11.69 20.50
CA GLU A 79 18.92 12.02 20.91
C GLU A 79 19.63 12.84 19.83
N TRP A 80 19.22 12.59 18.59
CA TRP A 80 19.79 13.31 17.46
C TRP A 80 19.49 14.79 17.64
N ALA A 81 18.24 15.15 17.39
CA ALA A 81 17.81 16.53 17.51
C ALA A 81 18.51 17.16 18.72
N ARG A 82 18.39 16.49 19.86
CA ARG A 82 18.99 16.99 21.08
C ARG A 82 20.50 17.17 20.89
N ASP A 83 21.10 16.20 20.20
CA ASP A 83 22.53 16.25 19.94
C ASP A 83 22.83 17.42 19.00
N ARG A 84 22.01 17.55 17.97
CA ARG A 84 22.19 18.61 17.00
C ARG A 84 21.84 19.96 17.62
N LYS A 85 21.01 19.90 18.66
CA LYS A 85 20.59 21.11 19.35
C LYS A 85 21.61 21.45 20.44
N LEU A 86 22.42 20.45 20.77
CA LEU A 86 23.44 20.63 21.79
C LEU A 86 24.61 21.42 21.20
N ASN A 87 25.74 21.38 21.91
CA ASN A 87 26.92 22.09 21.47
C ASN A 87 27.97 21.08 21.02
N GLY A 88 27.49 19.88 20.71
CA GLY A 88 28.39 18.81 20.26
C GLY A 88 28.28 18.62 18.74
N PHE A 89 27.08 18.86 18.23
CA PHE A 89 26.84 18.72 16.81
C PHE A 89 26.41 20.04 16.18
N LEU A 90 26.34 21.06 17.03
CA LEU A 90 25.95 22.39 16.59
C LEU A 90 26.88 23.42 17.22
N GLU A 91 27.96 22.93 17.80
CA GLU A 91 28.92 23.80 18.44
C GLU A 91 30.10 22.99 18.98
N HIS A 92 31.00 23.69 19.65
CA HIS A 92 32.18 23.04 20.23
C HIS A 92 32.65 23.83 21.44
N HIS A 93 32.09 23.50 22.59
CA HIS A 93 32.45 24.16 23.83
C HIS A 93 31.97 23.33 25.03
N HIS A 94 32.56 23.62 26.17
CA HIS A 94 32.20 22.91 27.40
C HIS A 94 32.50 21.43 27.22
N HIS A 95 32.66 20.75 28.36
CA HIS A 95 32.94 19.33 28.35
C HIS A 95 32.91 18.79 29.78
N HIS A 96 32.21 17.67 29.95
CA HIS A 96 32.10 17.05 31.25
C HIS A 96 33.49 16.85 31.85
N HIS A 97 33.60 17.13 33.14
CA HIS A 97 34.87 16.99 33.84
C HIS A 97 35.99 17.59 32.99
N MET A 1 6.10 0.89 -8.52
CA MET A 1 5.72 0.09 -7.36
C MET A 1 4.21 -0.13 -7.32
N ILE A 2 3.78 -0.91 -6.35
CA ILE A 2 2.37 -1.21 -6.19
C ILE A 2 1.66 0.02 -5.60
N GLU A 3 0.38 0.13 -5.91
CA GLU A 3 -0.42 1.24 -5.41
C GLU A 3 -1.90 0.98 -5.67
N ASP A 4 -2.70 1.14 -4.62
CA ASP A 4 -4.13 0.93 -4.73
C ASP A 4 -4.40 -0.40 -5.43
N PRO A 5 -3.98 -1.50 -4.74
CA PRO A 5 -4.17 -2.83 -5.29
C PRO A 5 -5.64 -3.27 -5.17
N MET A 6 -5.84 -4.58 -5.31
CA MET A 6 -7.18 -5.13 -5.22
C MET A 6 -7.19 -6.60 -5.64
N GLU A 7 -7.00 -6.81 -6.94
CA GLU A 7 -6.98 -8.16 -7.47
C GLU A 7 -6.10 -8.22 -8.72
N ASN A 8 -4.85 -7.84 -8.54
CA ASN A 8 -3.90 -7.84 -9.64
C ASN A 8 -3.16 -9.18 -9.67
N ASN A 9 -3.82 -10.19 -9.11
CA ASN A 9 -3.24 -11.53 -9.06
C ASN A 9 -3.50 -12.23 -10.40
N GLU A 10 -4.50 -11.74 -11.10
CA GLU A 10 -4.85 -12.31 -12.39
C GLU A 10 -3.75 -12.05 -13.42
N ILE A 11 -3.41 -10.77 -13.56
CA ILE A 11 -2.38 -10.37 -14.50
C ILE A 11 -1.07 -11.09 -14.15
N GLN A 12 -0.96 -11.46 -12.89
CA GLN A 12 0.22 -12.16 -12.41
C GLN A 12 0.18 -13.63 -12.82
N SER A 13 -0.93 -14.27 -12.50
CA SER A 13 -1.11 -15.67 -12.84
C SER A 13 -1.11 -15.86 -14.36
N VAL A 14 -1.52 -14.80 -15.04
CA VAL A 14 -1.57 -14.84 -16.49
C VAL A 14 -0.16 -14.62 -17.06
N LEU A 15 0.50 -13.60 -16.52
CA LEU A 15 1.85 -13.27 -16.96
C LEU A 15 2.75 -14.49 -16.76
N MET A 16 2.48 -15.22 -15.69
CA MET A 16 3.25 -16.41 -15.38
C MET A 16 2.72 -17.63 -16.14
N ASN A 17 1.40 -17.67 -16.27
CA ASN A 17 0.76 -18.78 -16.97
C ASN A 17 1.19 -18.77 -18.44
N ALA A 18 1.44 -17.56 -18.93
CA ALA A 18 1.86 -17.40 -20.32
C ALA A 18 3.37 -17.58 -20.42
N LEU A 19 4.07 -16.91 -19.51
CA LEU A 19 5.53 -16.99 -19.48
C LEU A 19 6.01 -16.91 -18.04
N SER A 20 6.84 -15.91 -17.78
CA SER A 20 7.38 -15.72 -16.45
C SER A 20 8.64 -14.85 -16.51
N LEU A 21 9.35 -14.80 -15.39
CA LEU A 21 10.58 -14.02 -15.31
C LEU A 21 11.12 -14.08 -13.88
N GLN A 22 10.20 -14.00 -12.93
CA GLN A 22 10.57 -14.04 -11.52
C GLN A 22 9.48 -13.38 -10.67
N GLU A 23 9.41 -12.07 -10.75
CA GLU A 23 8.43 -11.32 -10.00
C GLU A 23 7.50 -10.55 -10.95
N VAL A 24 6.54 -9.85 -10.36
CA VAL A 24 5.59 -9.08 -11.13
C VAL A 24 5.63 -7.62 -10.67
N HIS A 25 5.07 -6.76 -11.51
CA HIS A 25 5.03 -5.34 -11.21
C HIS A 25 3.86 -4.69 -11.94
N VAL A 26 2.70 -4.76 -11.31
CA VAL A 26 1.50 -4.18 -11.89
C VAL A 26 1.32 -2.75 -11.38
N SER A 27 1.36 -1.80 -12.31
CA SER A 27 1.21 -0.40 -11.96
C SER A 27 0.12 0.23 -12.82
N GLY A 28 -0.46 1.30 -12.30
CA GLY A 28 -1.51 2.01 -13.00
C GLY A 28 -2.75 2.21 -12.11
N ASP A 29 -3.86 2.50 -12.75
CA ASP A 29 -5.10 2.71 -12.04
C ASP A 29 -6.08 3.48 -12.94
N GLY A 30 -7.36 3.21 -12.72
CA GLY A 30 -8.40 3.88 -13.50
C GLY A 30 -9.02 2.92 -14.50
N SER A 31 -8.21 1.98 -14.97
CA SER A 31 -8.67 1.00 -15.94
C SER A 31 -7.49 0.51 -16.79
N HIS A 32 -6.44 1.33 -16.82
CA HIS A 32 -5.26 1.00 -17.59
C HIS A 32 -4.08 0.81 -16.64
N PHE A 33 -3.43 -0.33 -16.79
CA PHE A 33 -2.28 -0.65 -15.96
C PHE A 33 -1.24 -1.46 -16.74
N GLN A 34 0.02 -1.27 -16.37
CA GLN A 34 1.11 -1.97 -17.03
C GLN A 34 1.61 -3.12 -16.15
N VAL A 35 1.59 -4.32 -16.73
CA VAL A 35 2.03 -5.50 -16.01
C VAL A 35 3.47 -5.82 -16.41
N ILE A 36 4.40 -5.32 -15.62
CA ILE A 36 5.81 -5.54 -15.88
C ILE A 36 6.28 -6.78 -15.11
N ALA A 37 6.84 -7.73 -15.84
CA ALA A 37 7.32 -8.96 -15.25
C ALA A 37 8.77 -8.77 -14.82
N VAL A 38 8.97 -8.72 -13.51
CA VAL A 38 10.30 -8.54 -12.96
C VAL A 38 11.07 -9.86 -13.04
N GLY A 39 12.39 -9.74 -13.10
CA GLY A 39 13.24 -10.91 -13.20
C GLY A 39 14.57 -10.57 -13.87
N GLU A 40 14.66 -10.93 -15.14
CA GLU A 40 15.87 -10.67 -15.91
C GLU A 40 15.96 -11.64 -17.09
N LEU A 41 15.22 -12.74 -16.97
CA LEU A 41 15.21 -13.75 -18.02
C LEU A 41 15.27 -13.06 -19.39
N PHE A 42 14.29 -12.19 -19.62
CA PHE A 42 14.21 -11.46 -20.88
C PHE A 42 15.04 -10.17 -20.82
N ASP A 43 16.17 -10.27 -20.13
CA ASP A 43 17.05 -9.13 -19.99
C ASP A 43 18.01 -9.07 -21.19
N GLY A 44 17.43 -8.80 -22.35
CA GLY A 44 18.21 -8.71 -23.58
C GLY A 44 17.38 -9.12 -24.79
N MET A 45 16.30 -9.84 -24.51
CA MET A 45 15.41 -10.29 -25.56
C MET A 45 14.82 -9.11 -26.33
N SER A 46 14.65 -9.32 -27.64
CA SER A 46 14.10 -8.28 -28.48
C SER A 46 12.67 -7.96 -28.05
N ARG A 47 12.48 -6.71 -27.64
CA ARG A 47 11.17 -6.25 -27.20
C ARG A 47 10.08 -6.86 -28.08
N VAL A 48 10.43 -7.11 -29.33
CA VAL A 48 9.49 -7.69 -30.27
C VAL A 48 9.32 -9.18 -29.96
N LYS A 49 10.45 -9.88 -29.91
CA LYS A 49 10.43 -11.30 -29.63
C LYS A 49 9.94 -11.52 -28.19
N LYS A 50 10.13 -10.51 -27.37
CA LYS A 50 9.71 -10.58 -25.98
C LYS A 50 8.20 -10.35 -25.89
N GLN A 51 7.75 -9.31 -26.57
CA GLN A 51 6.34 -8.96 -26.58
C GLN A 51 5.54 -10.04 -27.33
N GLN A 52 6.19 -10.62 -28.33
CA GLN A 52 5.56 -11.64 -29.13
C GLN A 52 5.50 -12.96 -28.36
N THR A 53 6.57 -13.23 -27.62
CA THR A 53 6.65 -14.44 -26.83
C THR A 53 5.87 -14.29 -25.52
N VAL A 54 5.73 -13.04 -25.10
CA VAL A 54 5.02 -12.74 -23.87
C VAL A 54 3.52 -12.61 -24.19
N TYR A 55 3.24 -11.91 -25.28
CA TYR A 55 1.86 -11.70 -25.70
C TYR A 55 1.35 -12.89 -26.52
N GLY A 56 2.30 -13.67 -27.02
CA GLY A 56 1.96 -14.82 -27.83
C GLY A 56 1.01 -15.75 -27.07
N PRO A 57 1.43 -16.14 -25.84
CA PRO A 57 0.63 -17.02 -25.01
C PRO A 57 -0.56 -16.28 -24.41
N LEU A 58 -0.25 -15.15 -23.77
CA LEU A 58 -1.28 -14.33 -23.15
C LEU A 58 -1.88 -13.39 -24.19
N MET A 59 -2.06 -13.92 -25.40
CA MET A 59 -2.62 -13.14 -26.49
C MET A 59 -4.15 -13.18 -26.46
N GLU A 60 -4.68 -14.40 -26.43
CA GLU A 60 -6.12 -14.59 -26.40
C GLU A 60 -6.71 -13.98 -25.14
N TYR A 61 -6.04 -14.24 -24.02
CA TYR A 61 -6.49 -13.71 -22.73
C TYR A 61 -6.48 -12.19 -22.74
N ILE A 62 -5.30 -11.63 -22.94
CA ILE A 62 -5.14 -10.19 -22.97
C ILE A 62 -6.11 -9.59 -23.98
N ALA A 63 -6.39 -10.38 -25.02
CA ALA A 63 -7.30 -9.94 -26.07
C ALA A 63 -8.69 -9.71 -25.47
N ASP A 64 -9.15 -10.71 -24.73
CA ASP A 64 -10.46 -10.62 -24.10
C ASP A 64 -10.47 -9.47 -23.09
N ASN A 65 -9.31 -9.25 -22.47
CA ASN A 65 -9.16 -8.20 -21.49
C ASN A 65 -9.01 -6.86 -22.22
N ARG A 66 -8.67 -6.94 -23.49
CA ARG A 66 -8.48 -5.75 -24.29
C ARG A 66 -9.46 -4.66 -23.86
N ILE A 67 -10.64 -5.09 -23.44
CA ILE A 67 -11.67 -4.18 -23.00
C ILE A 67 -11.03 -3.03 -22.22
N HIS A 68 -10.04 -3.39 -21.41
CA HIS A 68 -9.32 -2.41 -20.62
C HIS A 68 -7.98 -2.09 -21.27
N ALA A 69 -6.99 -1.87 -20.42
CA ALA A 69 -5.65 -1.55 -20.89
C ALA A 69 -4.62 -2.24 -20.00
N VAL A 70 -4.65 -3.56 -20.03
CA VAL A 70 -3.72 -4.35 -19.22
C VAL A 70 -2.50 -4.72 -20.07
N SER A 71 -1.51 -3.83 -20.05
CA SER A 71 -0.30 -4.06 -20.81
C SER A 71 0.55 -5.15 -20.14
N ILE A 72 1.57 -5.60 -20.87
CA ILE A 72 2.45 -6.62 -20.35
C ILE A 72 3.82 -6.49 -21.02
N LYS A 73 4.84 -6.32 -20.19
CA LYS A 73 6.19 -6.17 -20.69
C LYS A 73 7.16 -6.83 -19.70
N ALA A 74 8.02 -7.69 -20.24
CA ALA A 74 9.00 -8.37 -19.43
C ALA A 74 10.24 -7.49 -19.26
N TYR A 75 10.50 -7.13 -18.01
CA TYR A 75 11.64 -6.29 -17.69
C TYR A 75 12.20 -6.60 -16.31
N THR A 76 13.26 -5.90 -15.95
CA THR A 76 13.89 -6.09 -14.66
C THR A 76 13.17 -5.25 -13.59
N PRO A 77 13.70 -5.36 -12.34
CA PRO A 77 13.12 -4.62 -11.23
C PRO A 77 13.48 -3.14 -11.30
N ALA A 78 14.70 -2.88 -11.75
CA ALA A 78 15.17 -1.50 -11.87
C ALA A 78 14.74 -0.94 -13.22
N GLU A 79 14.44 -1.85 -14.14
CA GLU A 79 14.01 -1.46 -15.47
C GLU A 79 12.73 -0.62 -15.39
N TRP A 80 11.92 -0.93 -14.39
CA TRP A 80 10.67 -0.21 -14.19
C TRP A 80 11.00 1.26 -13.93
N ALA A 81 11.53 1.51 -12.74
CA ALA A 81 11.89 2.87 -12.36
C ALA A 81 12.49 3.59 -13.57
N ARG A 82 13.46 2.93 -14.19
CA ARG A 82 14.12 3.51 -15.36
C ARG A 82 13.11 3.74 -16.47
N ASP A 83 12.19 2.80 -16.61
CA ASP A 83 11.16 2.89 -17.63
C ASP A 83 10.23 4.06 -17.31
N ARG A 84 9.88 4.16 -16.03
CA ARG A 84 8.99 5.21 -15.58
C ARG A 84 9.74 6.54 -15.51
N LYS A 85 11.07 6.43 -15.44
CA LYS A 85 11.91 7.62 -15.38
C LYS A 85 12.21 8.10 -16.79
N LEU A 86 11.99 7.21 -17.75
CA LEU A 86 12.24 7.54 -19.14
C LEU A 86 11.05 8.34 -19.69
N ASN A 87 11.01 8.46 -21.01
CA ASN A 87 9.95 9.19 -21.67
C ASN A 87 8.99 8.19 -22.33
N GLY A 88 9.15 6.93 -21.97
CA GLY A 88 8.31 5.88 -22.52
C GLY A 88 7.08 5.65 -21.64
N PHE A 89 7.28 5.81 -20.33
CA PHE A 89 6.19 5.63 -19.39
C PHE A 89 5.96 6.89 -18.57
N LEU A 90 6.77 7.90 -18.85
CA LEU A 90 6.67 9.17 -18.14
C LEU A 90 6.87 10.31 -19.14
N GLU A 91 6.82 9.96 -20.41
CA GLU A 91 7.01 10.95 -21.47
C GLU A 91 7.58 12.25 -20.88
N HIS A 92 8.89 12.34 -20.93
CA HIS A 92 9.58 13.52 -20.41
C HIS A 92 9.92 14.47 -21.56
N HIS A 93 10.45 15.62 -21.20
CA HIS A 93 10.83 16.61 -22.20
C HIS A 93 11.88 16.03 -23.13
N HIS A 94 11.81 16.44 -24.39
CA HIS A 94 12.74 15.96 -25.39
C HIS A 94 14.17 16.06 -24.86
N HIS A 95 14.97 15.07 -25.22
CA HIS A 95 16.36 15.04 -24.78
C HIS A 95 16.98 16.43 -24.92
N HIS A 96 16.91 16.95 -26.13
CA HIS A 96 17.46 18.27 -26.42
C HIS A 96 17.07 19.23 -25.29
N HIS A 97 18.06 19.58 -24.49
CA HIS A 97 17.84 20.49 -23.37
C HIS A 97 18.32 21.88 -23.76
N MET A 1 6.10 0.89 -8.52
CA MET A 1 5.72 0.09 -7.36
C MET A 1 4.21 0.04 -7.21
N ILE A 2 3.66 1.10 -6.65
CA ILE A 2 2.23 1.19 -6.44
C ILE A 2 1.88 2.58 -5.88
N GLU A 3 0.59 2.77 -5.64
CA GLU A 3 0.11 4.04 -5.11
C GLU A 3 -1.42 4.05 -5.04
N ASP A 4 -1.92 4.51 -3.91
CA ASP A 4 -3.36 4.58 -3.71
C ASP A 4 -3.65 5.00 -2.27
N PRO A 5 -4.13 6.25 -2.12
CA PRO A 5 -4.46 6.79 -0.80
C PRO A 5 -5.75 6.19 -0.27
N MET A 6 -5.90 6.24 1.05
CA MET A 6 -7.09 5.72 1.69
C MET A 6 -6.93 5.70 3.21
N GLU A 7 -7.22 6.84 3.81
CA GLU A 7 -7.12 6.99 5.26
C GLU A 7 -8.39 6.47 5.93
N ASN A 8 -8.80 7.18 6.98
CA ASN A 8 -10.00 6.80 7.71
C ASN A 8 -9.66 5.62 8.63
N ASN A 9 -8.40 5.21 8.59
CA ASN A 9 -7.95 4.10 9.41
C ASN A 9 -7.59 4.61 10.80
N GLU A 10 -7.10 5.85 10.84
CA GLU A 10 -6.71 6.46 12.10
C GLU A 10 -7.74 6.13 13.19
N ILE A 11 -8.91 6.72 13.03
CA ILE A 11 -9.99 6.50 13.99
C ILE A 11 -10.01 5.03 14.41
N GLN A 12 -9.57 4.18 13.48
CA GLN A 12 -9.54 2.76 13.75
C GLN A 12 -8.31 2.40 14.60
N SER A 13 -7.15 2.52 13.98
CA SER A 13 -5.89 2.22 14.65
C SER A 13 -5.91 2.82 16.07
N VAL A 14 -6.68 3.88 16.21
CA VAL A 14 -6.80 4.55 17.49
C VAL A 14 -7.79 3.80 18.37
N LEU A 15 -8.96 3.52 17.80
CA LEU A 15 -10.00 2.82 18.52
C LEU A 15 -9.45 1.46 19.00
N MET A 16 -8.53 0.92 18.22
CA MET A 16 -7.93 -0.36 18.55
C MET A 16 -6.73 -0.17 19.48
N ASN A 17 -6.03 0.94 19.28
CA ASN A 17 -4.87 1.25 20.08
C ASN A 17 -5.31 1.53 21.52
N ALA A 18 -6.50 2.12 21.64
CA ALA A 18 -7.04 2.44 22.95
C ALA A 18 -7.55 1.16 23.61
N LEU A 19 -8.41 0.45 22.88
CA LEU A 19 -8.97 -0.80 23.39
C LEU A 19 -9.85 -1.42 22.30
N SER A 20 -9.39 -2.55 21.79
CA SER A 20 -10.13 -3.25 20.75
C SER A 20 -11.36 -3.92 21.36
N LEU A 21 -11.75 -5.03 20.75
CA LEU A 21 -12.91 -5.77 21.21
C LEU A 21 -13.19 -6.94 20.24
N GLN A 22 -13.15 -6.60 18.96
CA GLN A 22 -13.40 -7.61 17.93
C GLN A 22 -13.53 -6.94 16.56
N GLU A 23 -14.55 -6.09 16.45
CA GLU A 23 -14.80 -5.38 15.21
C GLU A 23 -14.83 -3.87 15.45
N VAL A 24 -14.89 -3.12 14.36
CA VAL A 24 -14.93 -1.67 14.45
C VAL A 24 -15.93 -1.13 13.43
N HIS A 25 -16.38 0.09 13.68
CA HIS A 25 -17.35 0.73 12.80
C HIS A 25 -17.04 2.23 12.73
N VAL A 26 -16.59 2.65 11.55
CA VAL A 26 -16.26 4.04 11.32
C VAL A 26 -17.36 4.69 10.49
N SER A 27 -18.50 4.92 11.13
CA SER A 27 -19.63 5.53 10.45
C SER A 27 -19.55 7.06 10.57
N GLY A 28 -20.42 7.72 9.82
CA GLY A 28 -20.46 9.18 9.83
C GLY A 28 -21.16 9.72 8.59
N ASP A 29 -20.88 10.98 8.29
CA ASP A 29 -21.47 11.63 7.13
C ASP A 29 -20.37 12.25 6.28
N GLY A 30 -19.67 13.20 6.87
CA GLY A 30 -18.59 13.89 6.18
C GLY A 30 -17.69 14.63 7.17
N SER A 31 -18.33 15.30 8.12
CA SER A 31 -17.60 16.06 9.13
C SER A 31 -17.48 15.22 10.41
N HIS A 32 -18.63 14.87 10.96
CA HIS A 32 -18.67 14.08 12.18
C HIS A 32 -18.86 12.60 11.83
N PHE A 33 -18.13 11.76 12.53
CA PHE A 33 -18.21 10.32 12.30
C PHE A 33 -18.25 9.56 13.62
N GLN A 34 -19.12 8.56 13.68
CA GLN A 34 -19.26 7.75 14.88
C GLN A 34 -18.41 6.48 14.76
N VAL A 35 -17.42 6.39 15.65
CA VAL A 35 -16.55 5.24 15.66
C VAL A 35 -16.98 4.27 16.77
N ILE A 36 -17.82 3.32 16.37
CA ILE A 36 -18.32 2.33 17.32
C ILE A 36 -17.44 1.08 17.26
N ALA A 37 -16.98 0.66 18.42
CA ALA A 37 -16.13 -0.51 18.51
C ALA A 37 -16.99 -1.74 18.81
N VAL A 38 -17.04 -2.64 17.84
CA VAL A 38 -17.83 -3.86 17.99
C VAL A 38 -16.98 -4.92 18.70
N GLY A 39 -17.68 -5.86 19.34
CA GLY A 39 -17.00 -6.92 20.05
C GLY A 39 -17.93 -7.58 21.07
N GLU A 40 -17.55 -7.46 22.34
CA GLU A 40 -18.34 -8.02 23.42
C GLU A 40 -17.69 -7.71 24.76
N LEU A 41 -16.36 -7.70 24.76
CA LEU A 41 -15.61 -7.43 25.97
C LEU A 41 -16.31 -6.32 26.76
N PHE A 42 -16.56 -5.21 26.07
CA PHE A 42 -17.21 -4.08 26.70
C PHE A 42 -18.73 -4.17 26.54
N ASP A 43 -19.23 -5.40 26.61
CA ASP A 43 -20.65 -5.63 26.47
C ASP A 43 -21.31 -5.61 27.86
N GLY A 44 -21.33 -4.42 28.44
CA GLY A 44 -21.92 -4.24 29.76
C GLY A 44 -21.21 -3.13 30.53
N MET A 45 -20.01 -2.81 30.06
CA MET A 45 -19.22 -1.77 30.71
C MET A 45 -20.03 -0.47 30.85
N SER A 46 -19.69 0.28 31.89
CA SER A 46 -20.39 1.53 32.16
C SER A 46 -19.96 2.59 31.12
N ARG A 47 -20.95 3.06 30.38
CA ARG A 47 -20.70 4.07 29.36
C ARG A 47 -19.63 5.06 29.84
N VAL A 48 -19.62 5.29 31.15
CA VAL A 48 -18.66 6.19 31.74
C VAL A 48 -17.28 5.53 31.76
N LYS A 49 -17.22 4.38 32.41
CA LYS A 49 -15.98 3.63 32.51
C LYS A 49 -15.48 3.28 31.11
N LYS A 50 -16.43 2.98 30.24
CA LYS A 50 -16.10 2.62 28.86
C LYS A 50 -15.44 3.82 28.18
N GLN A 51 -16.26 4.83 27.89
CA GLN A 51 -15.78 6.03 27.24
C GLN A 51 -14.58 6.60 28.01
N GLN A 52 -14.47 6.18 29.27
CA GLN A 52 -13.39 6.65 30.11
C GLN A 52 -12.08 5.96 29.71
N THR A 53 -12.16 4.65 29.55
CA THR A 53 -10.99 3.87 29.17
C THR A 53 -10.79 3.92 27.65
N VAL A 54 -11.85 4.27 26.95
CA VAL A 54 -11.80 4.36 25.50
C VAL A 54 -11.31 5.76 25.10
N TYR A 55 -11.89 6.77 25.73
CA TYR A 55 -11.53 8.14 25.45
C TYR A 55 -10.33 8.57 26.30
N GLY A 56 -10.11 7.83 27.37
CA GLY A 56 -9.00 8.12 28.26
C GLY A 56 -7.68 8.15 27.50
N PRO A 57 -7.42 7.05 26.75
CA PRO A 57 -6.20 6.94 25.96
C PRO A 57 -6.26 7.82 24.72
N LEU A 58 -7.35 7.67 23.98
CA LEU A 58 -7.54 8.44 22.76
C LEU A 58 -8.22 9.77 23.12
N MET A 59 -7.81 10.33 24.25
CA MET A 59 -8.37 11.59 24.71
C MET A 59 -7.65 12.77 24.06
N GLU A 60 -6.35 12.63 23.92
CA GLU A 60 -5.53 13.68 23.32
C GLU A 60 -5.81 13.76 21.81
N TYR A 61 -5.44 12.69 21.12
CA TYR A 61 -5.64 12.63 19.68
C TYR A 61 -6.97 13.28 19.28
N ILE A 62 -8.00 12.94 20.05
CA ILE A 62 -9.32 13.48 19.78
C ILE A 62 -9.34 14.97 20.10
N ALA A 63 -8.79 15.31 21.26
CA ALA A 63 -8.73 16.69 21.70
C ALA A 63 -8.33 17.58 20.51
N ASP A 64 -7.31 17.11 19.79
CA ASP A 64 -6.81 17.84 18.64
C ASP A 64 -7.77 17.64 17.46
N ASN A 65 -8.29 16.43 17.36
CA ASN A 65 -9.21 16.10 16.30
C ASN A 65 -10.44 17.00 16.39
N ARG A 66 -10.59 17.62 17.55
CA ARG A 66 -11.71 18.52 17.79
C ARG A 66 -12.12 19.19 16.48
N ILE A 67 -11.12 19.53 15.68
CA ILE A 67 -11.37 20.19 14.40
C ILE A 67 -12.64 19.62 13.78
N HIS A 68 -12.86 18.33 14.03
CA HIS A 68 -14.03 17.66 13.50
C HIS A 68 -14.86 17.08 14.65
N ALA A 69 -15.48 15.95 14.38
CA ALA A 69 -16.30 15.29 15.38
C ALA A 69 -16.21 13.77 15.20
N VAL A 70 -15.16 13.20 15.79
CA VAL A 70 -14.94 11.77 15.71
C VAL A 70 -15.31 11.12 17.04
N SER A 71 -16.55 10.68 17.13
CA SER A 71 -17.05 10.04 18.34
C SER A 71 -16.50 8.61 18.43
N ILE A 72 -16.44 8.12 19.66
CA ILE A 72 -15.94 6.78 19.90
C ILE A 72 -16.73 6.15 21.05
N LYS A 73 -17.37 5.03 20.74
CA LYS A 73 -18.16 4.32 21.73
C LYS A 73 -18.05 2.81 21.49
N ALA A 74 -17.59 2.11 22.50
CA ALA A 74 -17.43 0.66 22.42
C ALA A 74 -18.78 -0.01 22.69
N TYR A 75 -19.36 -0.53 21.63
CA TYR A 75 -20.65 -1.20 21.75
C TYR A 75 -20.65 -2.52 20.97
N THR A 76 -21.79 -3.18 21.00
CA THR A 76 -21.94 -4.45 20.29
C THR A 76 -22.32 -4.21 18.83
N PRO A 77 -22.49 -5.34 18.09
CA PRO A 77 -22.84 -5.26 16.68
C PRO A 77 -24.32 -4.89 16.51
N ALA A 78 -25.14 -5.42 17.41
CA ALA A 78 -26.57 -5.17 17.37
C ALA A 78 -26.86 -3.83 18.06
N GLU A 79 -25.94 -3.45 18.94
CA GLU A 79 -26.08 -2.20 19.67
C GLU A 79 -26.09 -1.01 18.71
N TRP A 80 -25.37 -1.18 17.61
CA TRP A 80 -25.28 -0.14 16.60
C TRP A 80 -26.68 0.08 16.03
N ALA A 81 -27.09 -0.85 15.17
CA ALA A 81 -28.40 -0.77 14.55
C ALA A 81 -29.42 -0.26 15.58
N ARG A 82 -29.41 -0.89 16.74
CA ARG A 82 -30.32 -0.51 17.80
C ARG A 82 -30.12 0.96 18.18
N ASP A 83 -28.86 1.36 18.22
CA ASP A 83 -28.51 2.73 18.56
C ASP A 83 -28.97 3.66 17.44
N ARG A 84 -28.74 3.21 16.20
CA ARG A 84 -29.11 3.99 15.04
C ARG A 84 -30.64 4.00 14.88
N LYS A 85 -31.26 2.93 15.38
CA LYS A 85 -32.71 2.81 15.30
C LYS A 85 -33.34 3.51 16.50
N LEU A 86 -32.52 3.73 17.52
CA LEU A 86 -32.99 4.39 18.73
C LEU A 86 -32.43 5.82 18.77
N ASN A 87 -32.57 6.43 19.94
CA ASN A 87 -32.08 7.78 20.13
C ASN A 87 -30.65 7.73 20.65
N GLY A 88 -30.19 6.53 20.93
CA GLY A 88 -28.84 6.33 21.44
C GLY A 88 -27.83 7.12 20.61
N PHE A 89 -27.92 6.95 19.30
CA PHE A 89 -27.01 7.64 18.39
C PHE A 89 -27.78 8.58 17.47
N LEU A 90 -29.07 8.33 17.36
CA LEU A 90 -29.94 9.14 16.51
C LEU A 90 -30.52 10.28 17.34
N GLU A 91 -30.36 10.16 18.65
CA GLU A 91 -30.87 11.18 19.57
C GLU A 91 -32.16 11.80 19.01
N HIS A 92 -33.13 10.93 18.77
CA HIS A 92 -34.41 11.38 18.24
C HIS A 92 -35.36 11.69 19.40
N HIS A 93 -34.82 12.41 20.38
CA HIS A 93 -35.62 12.78 21.55
C HIS A 93 -34.95 13.97 22.26
N HIS A 94 -35.80 14.85 22.77
CA HIS A 94 -35.30 16.03 23.47
C HIS A 94 -34.77 15.61 24.85
N HIS A 95 -34.08 16.54 25.49
CA HIS A 95 -33.50 16.29 26.80
C HIS A 95 -32.41 15.23 26.68
N HIS A 96 -31.49 15.26 27.64
CA HIS A 96 -30.39 14.31 27.66
C HIS A 96 -30.29 13.67 29.05
N HIS A 97 -29.47 12.63 29.12
CA HIS A 97 -29.27 11.93 30.38
C HIS A 97 -27.90 11.25 30.37
N MET A 1 6.10 0.89 -8.52
CA MET A 1 5.72 0.09 -7.36
C MET A 1 6.42 -1.27 -7.38
N ILE A 2 7.19 -1.53 -6.33
CA ILE A 2 7.92 -2.78 -6.21
C ILE A 2 7.99 -3.19 -4.74
N GLU A 3 8.38 -4.43 -4.53
CA GLU A 3 8.50 -4.96 -3.18
C GLU A 3 7.11 -5.20 -2.58
N ASP A 4 6.93 -6.39 -2.04
CA ASP A 4 5.65 -6.76 -1.44
C ASP A 4 5.92 -7.53 -0.14
N PRO A 5 6.41 -6.78 0.88
CA PRO A 5 6.71 -7.37 2.17
C PRO A 5 5.43 -7.65 2.96
N MET A 6 4.94 -8.87 2.82
CA MET A 6 3.72 -9.26 3.51
C MET A 6 3.36 -10.72 3.19
N GLU A 7 4.20 -11.62 3.68
CA GLU A 7 3.99 -13.04 3.45
C GLU A 7 3.12 -13.63 4.57
N ASN A 8 3.32 -14.91 4.82
CA ASN A 8 2.56 -15.60 5.84
C ASN A 8 2.80 -17.11 5.72
N ASN A 9 2.95 -17.55 4.48
CA ASN A 9 3.18 -18.96 4.21
C ASN A 9 4.40 -19.44 5.00
N GLU A 10 5.21 -18.48 5.41
CA GLU A 10 6.41 -18.78 6.18
C GLU A 10 6.09 -19.80 7.28
N ILE A 11 4.98 -19.56 7.95
CA ILE A 11 4.55 -20.43 9.03
C ILE A 11 4.30 -21.84 8.47
N GLN A 12 3.83 -21.87 7.22
CA GLN A 12 3.54 -23.12 6.56
C GLN A 12 4.84 -23.79 6.10
N SER A 13 5.55 -23.08 5.24
CA SER A 13 6.81 -23.59 4.70
C SER A 13 7.70 -24.05 5.85
N VAL A 14 7.51 -23.42 7.00
CA VAL A 14 8.30 -23.75 8.18
C VAL A 14 7.71 -25.01 8.84
N LEU A 15 6.39 -25.04 8.90
CA LEU A 15 5.70 -26.17 9.50
C LEU A 15 6.08 -27.45 8.75
N MET A 16 6.26 -27.30 7.44
CA MET A 16 6.62 -28.42 6.60
C MET A 16 8.13 -28.69 6.64
N ASN A 17 8.89 -27.59 6.68
CA ASN A 17 10.33 -27.69 6.73
C ASN A 17 10.75 -28.46 7.97
N ALA A 18 10.05 -28.20 9.06
CA ALA A 18 10.33 -28.86 10.33
C ALA A 18 9.81 -30.30 10.27
N LEU A 19 8.64 -30.45 9.67
CA LEU A 19 8.02 -31.76 9.54
C LEU A 19 6.62 -31.60 8.94
N SER A 20 6.44 -32.21 7.78
CA SER A 20 5.16 -32.16 7.09
C SER A 20 4.23 -33.24 7.63
N LEU A 21 3.35 -33.71 6.75
CA LEU A 21 2.40 -34.74 7.12
C LEU A 21 1.48 -35.02 5.93
N GLN A 22 0.99 -33.94 5.34
CA GLN A 22 0.10 -34.05 4.20
C GLN A 22 -0.48 -32.68 3.84
N GLU A 23 -1.20 -32.11 4.80
CA GLU A 23 -1.81 -30.81 4.60
C GLU A 23 -1.45 -29.87 5.76
N VAL A 24 -1.88 -28.63 5.62
CA VAL A 24 -1.61 -27.63 6.65
C VAL A 24 -2.86 -26.76 6.83
N HIS A 25 -2.92 -26.11 7.99
CA HIS A 25 -4.04 -25.25 8.31
C HIS A 25 -3.54 -24.04 9.12
N VAL A 26 -3.93 -22.87 8.64
CA VAL A 26 -3.53 -21.64 9.30
C VAL A 26 -4.79 -20.86 9.70
N SER A 27 -5.21 -21.08 10.94
CA SER A 27 -6.38 -20.42 11.47
C SER A 27 -6.01 -19.57 12.69
N GLY A 28 -6.17 -18.26 12.53
CA GLY A 28 -5.85 -17.34 13.60
C GLY A 28 -6.92 -16.25 13.72
N ASP A 29 -6.47 -15.08 14.13
CA ASP A 29 -7.38 -13.95 14.29
C ASP A 29 -6.81 -12.73 13.55
N GLY A 30 -5.63 -12.33 13.97
CA GLY A 30 -4.96 -11.19 13.37
C GLY A 30 -3.47 -11.16 13.72
N SER A 31 -3.19 -11.47 14.98
CA SER A 31 -1.83 -11.48 15.46
C SER A 31 -1.41 -12.91 15.82
N HIS A 32 -2.36 -13.64 16.40
CA HIS A 32 -2.10 -15.01 16.79
C HIS A 32 -2.84 -15.96 15.85
N PHE A 33 -2.13 -16.99 15.40
CA PHE A 33 -2.69 -17.97 14.50
C PHE A 33 -2.17 -19.36 14.81
N GLN A 34 -3.05 -20.34 14.68
CA GLN A 34 -2.69 -21.73 14.94
C GLN A 34 -2.37 -22.44 13.64
N VAL A 35 -1.18 -23.01 13.59
CA VAL A 35 -0.75 -23.73 12.40
C VAL A 35 -0.84 -25.24 12.66
N ILE A 36 -1.96 -25.80 12.23
CA ILE A 36 -2.19 -27.23 12.41
C ILE A 36 -1.63 -27.99 11.21
N ALA A 37 -0.84 -29.00 11.49
CA ALA A 37 -0.23 -29.81 10.45
C ALA A 37 -1.14 -31.01 10.16
N VAL A 38 -1.90 -30.90 9.07
CA VAL A 38 -2.80 -31.96 8.67
C VAL A 38 -2.00 -33.08 8.02
N GLY A 39 -2.48 -34.30 8.24
CA GLY A 39 -1.81 -35.47 7.68
C GLY A 39 -2.36 -36.76 8.31
N GLU A 40 -1.46 -37.49 8.95
CA GLU A 40 -1.82 -38.74 9.60
C GLU A 40 -0.60 -39.35 10.29
N LEU A 41 0.56 -39.14 9.69
CA LEU A 41 1.80 -39.65 10.24
C LEU A 41 1.79 -39.49 11.76
N PHE A 42 1.52 -38.26 12.18
CA PHE A 42 1.48 -37.95 13.60
C PHE A 42 0.07 -38.15 14.17
N ASP A 43 -0.63 -39.12 13.60
CA ASP A 43 -1.99 -39.42 14.04
C ASP A 43 -1.94 -40.34 15.25
N GLY A 44 -1.45 -39.79 16.35
CA GLY A 44 -1.34 -40.55 17.59
C GLY A 44 -0.15 -40.07 18.42
N MET A 45 0.76 -39.37 17.76
CA MET A 45 1.94 -38.86 18.43
C MET A 45 1.57 -38.14 19.72
N SER A 46 2.50 -38.18 20.67
CA SER A 46 2.29 -37.53 21.95
C SER A 46 2.42 -36.02 21.80
N ARG A 47 1.37 -35.32 22.25
CA ARG A 47 1.36 -33.86 22.18
C ARG A 47 2.76 -33.31 22.46
N VAL A 48 3.43 -33.94 23.41
CA VAL A 48 4.78 -33.53 23.78
C VAL A 48 5.75 -33.89 22.67
N LYS A 49 5.95 -35.19 22.51
CA LYS A 49 6.86 -35.68 21.48
C LYS A 49 6.59 -34.95 20.17
N LYS A 50 5.32 -34.65 19.95
CA LYS A 50 4.91 -33.96 18.74
C LYS A 50 5.55 -32.57 18.72
N GLN A 51 5.01 -31.70 19.56
CA GLN A 51 5.51 -30.34 19.65
C GLN A 51 7.03 -30.34 19.86
N GLN A 52 7.53 -31.48 20.32
CA GLN A 52 8.95 -31.63 20.57
C GLN A 52 9.71 -31.69 19.25
N THR A 53 9.26 -32.57 18.37
CA THR A 53 9.89 -32.73 17.07
C THR A 53 9.36 -31.69 16.09
N VAL A 54 8.22 -31.12 16.43
CA VAL A 54 7.59 -30.11 15.59
C VAL A 54 8.18 -28.74 15.93
N TYR A 55 8.23 -28.45 17.22
CA TYR A 55 8.76 -27.18 17.69
C TYR A 55 10.29 -27.26 17.86
N GLY A 56 10.77 -28.48 17.96
CA GLY A 56 12.20 -28.70 18.14
C GLY A 56 12.99 -28.04 17.01
N PRO A 57 12.60 -28.36 15.75
CA PRO A 57 13.26 -27.80 14.59
C PRO A 57 12.86 -26.34 14.38
N LEU A 58 11.55 -26.11 14.37
CA LEU A 58 11.04 -24.77 14.18
C LEU A 58 10.93 -24.08 15.54
N MET A 59 11.93 -24.31 16.37
CA MET A 59 11.97 -23.71 17.69
C MET A 59 12.57 -22.30 17.64
N GLU A 60 13.61 -22.16 16.83
CA GLU A 60 14.28 -20.89 16.68
C GLU A 60 13.38 -19.90 15.92
N TYR A 61 13.14 -20.22 14.66
CA TYR A 61 12.31 -19.37 13.83
C TYR A 61 11.13 -18.80 14.63
N ILE A 62 10.44 -19.70 15.31
CA ILE A 62 9.29 -19.30 16.12
C ILE A 62 9.77 -18.42 17.27
N ALA A 63 10.87 -18.83 17.88
CA ALA A 63 11.43 -18.09 19.00
C ALA A 63 11.41 -16.60 18.67
N ASP A 64 11.91 -16.28 17.48
CA ASP A 64 11.96 -14.91 17.03
C ASP A 64 10.55 -14.43 16.68
N ASN A 65 9.80 -15.34 16.07
CA ASN A 65 8.44 -15.04 15.68
C ASN A 65 7.62 -14.64 16.91
N ARG A 66 8.16 -14.99 18.07
CA ARG A 66 7.51 -14.67 19.33
C ARG A 66 6.75 -13.34 19.21
N ILE A 67 7.34 -12.43 18.47
CA ILE A 67 6.73 -11.12 18.26
C ILE A 67 5.22 -11.28 18.13
N HIS A 68 4.82 -12.42 17.58
CA HIS A 68 3.41 -12.71 17.38
C HIS A 68 3.02 -13.95 18.18
N ALA A 69 2.10 -14.72 17.62
CA ALA A 69 1.64 -15.94 18.27
C ALA A 69 1.29 -16.97 17.20
N VAL A 70 2.33 -17.58 16.64
CA VAL A 70 2.14 -18.59 15.61
C VAL A 70 2.32 -19.98 16.22
N SER A 71 1.21 -20.55 16.64
CA SER A 71 1.24 -21.88 17.25
C SER A 71 1.37 -22.95 16.16
N ILE A 72 1.79 -24.14 16.59
CA ILE A 72 1.96 -25.24 15.67
C ILE A 72 1.62 -26.55 16.38
N LYS A 73 0.67 -27.27 15.80
CA LYS A 73 0.23 -28.54 16.36
C LYS A 73 -0.10 -29.51 15.23
N ALA A 74 0.64 -30.60 15.19
CA ALA A 74 0.44 -31.61 14.16
C ALA A 74 -0.79 -32.44 14.51
N TYR A 75 -1.81 -32.32 13.68
CA TYR A 75 -3.05 -33.05 13.88
C TYR A 75 -3.66 -33.49 12.55
N THR A 76 -4.81 -34.13 12.65
CA THR A 76 -5.51 -34.60 11.46
C THR A 76 -6.42 -33.51 10.90
N PRO A 77 -7.14 -33.86 9.81
CA PRO A 77 -8.05 -32.92 9.17
C PRO A 77 -9.33 -32.75 9.99
N ALA A 78 -9.78 -33.86 10.56
CA ALA A 78 -10.99 -33.85 11.37
C ALA A 78 -10.64 -33.38 12.78
N GLU A 79 -9.37 -33.54 13.13
CA GLU A 79 -8.90 -33.13 14.45
C GLU A 79 -9.18 -31.65 14.68
N TRP A 80 -9.06 -30.89 13.61
CA TRP A 80 -9.30 -29.46 13.68
C TRP A 80 -10.75 -29.23 14.10
N ALA A 81 -11.57 -30.24 13.82
CA ALA A 81 -12.98 -30.18 14.18
C ALA A 81 -13.16 -30.61 15.63
N ARG A 82 -12.49 -31.69 15.97
CA ARG A 82 -12.56 -32.22 17.33
C ARG A 82 -11.87 -31.28 18.31
N ASP A 83 -10.99 -30.46 17.77
CA ASP A 83 -10.26 -29.50 18.58
C ASP A 83 -11.07 -28.21 18.70
N ARG A 84 -11.52 -27.72 17.55
CA ARG A 84 -12.31 -26.50 17.52
C ARG A 84 -13.71 -26.75 18.09
N LYS A 85 -14.15 -27.99 17.96
CA LYS A 85 -15.46 -28.37 18.46
C LYS A 85 -15.35 -28.72 19.94
N LEU A 86 -14.12 -28.93 20.39
CA LEU A 86 -13.87 -29.27 21.78
C LEU A 86 -13.98 -28.00 22.63
N ASN A 87 -13.40 -28.07 23.82
CA ASN A 87 -13.43 -26.94 24.74
C ASN A 87 -12.02 -26.39 24.89
N GLY A 88 -11.17 -26.72 23.92
CA GLY A 88 -9.80 -26.26 23.93
C GLY A 88 -9.60 -25.09 22.97
N PHE A 89 -10.36 -25.14 21.88
CA PHE A 89 -10.28 -24.09 20.87
C PHE A 89 -11.63 -23.37 20.72
N LEU A 90 -12.59 -23.82 21.52
CA LEU A 90 -13.92 -23.23 21.49
C LEU A 90 -14.46 -23.13 22.91
N GLU A 91 -13.56 -23.30 23.88
CA GLU A 91 -13.94 -23.24 25.27
C GLU A 91 -15.19 -24.07 25.52
N HIS A 92 -15.67 -24.02 26.76
CA HIS A 92 -16.86 -24.76 27.14
C HIS A 92 -17.23 -24.42 28.59
N HIS A 93 -16.47 -24.98 29.52
CA HIS A 93 -16.71 -24.74 30.93
C HIS A 93 -15.73 -25.56 31.76
N HIS A 94 -14.63 -24.92 32.14
CA HIS A 94 -13.62 -25.58 32.94
C HIS A 94 -13.12 -26.83 32.21
N HIS A 95 -12.38 -27.64 32.94
CA HIS A 95 -11.83 -28.87 32.38
C HIS A 95 -10.84 -28.52 31.26
N HIS A 96 -9.64 -29.06 31.40
CA HIS A 96 -8.60 -28.83 30.41
C HIS A 96 -7.65 -30.02 30.36
N HIS A 97 -6.76 -30.00 29.39
CA HIS A 97 -5.79 -31.07 29.23
C HIS A 97 -6.51 -32.42 29.31
N MET A 1 6.10 0.89 -8.52
CA MET A 1 5.72 0.09 -7.36
C MET A 1 6.95 -0.26 -6.51
N ILE A 2 7.83 0.72 -6.35
CA ILE A 2 9.02 0.52 -5.57
C ILE A 2 9.75 1.86 -5.41
N GLU A 3 10.19 2.40 -6.54
CA GLU A 3 10.89 3.67 -6.54
C GLU A 3 10.79 4.34 -7.90
N ASP A 4 11.84 5.03 -8.28
CA ASP A 4 11.89 5.72 -9.56
C ASP A 4 13.34 6.05 -9.92
N PRO A 5 13.97 5.13 -10.70
CA PRO A 5 15.35 5.31 -11.11
C PRO A 5 15.45 6.38 -12.21
N MET A 6 15.85 7.57 -11.80
CA MET A 6 15.99 8.67 -12.73
C MET A 6 16.29 9.99 -11.98
N GLU A 7 17.11 9.87 -10.96
CA GLU A 7 17.49 11.03 -10.17
C GLU A 7 16.24 11.67 -9.56
N ASN A 8 15.59 12.51 -10.34
CA ASN A 8 14.39 13.19 -9.90
C ASN A 8 14.59 13.68 -8.46
N ASN A 9 15.85 13.93 -8.13
CA ASN A 9 16.19 14.41 -6.80
C ASN A 9 16.11 15.94 -6.78
N GLU A 10 17.11 16.57 -7.38
CA GLU A 10 17.16 18.01 -7.43
C GLU A 10 15.77 18.58 -7.74
N ILE A 11 15.33 18.32 -8.96
CA ILE A 11 14.03 18.81 -9.40
C ILE A 11 13.05 18.73 -8.23
N GLN A 12 13.25 17.72 -7.39
CA GLN A 12 12.39 17.52 -6.24
C GLN A 12 12.76 18.49 -5.12
N SER A 13 14.02 18.41 -4.71
CA SER A 13 14.52 19.28 -3.66
C SER A 13 14.14 20.73 -3.95
N VAL A 14 14.20 21.08 -5.23
CA VAL A 14 13.86 22.42 -5.65
C VAL A 14 12.35 22.60 -5.63
N LEU A 15 11.65 21.57 -6.08
CA LEU A 15 10.19 21.61 -6.12
C LEU A 15 9.66 21.86 -4.71
N MET A 16 10.27 21.17 -3.75
CA MET A 16 9.87 21.31 -2.36
C MET A 16 10.43 22.59 -1.75
N ASN A 17 11.68 22.87 -2.09
CA ASN A 17 12.33 24.07 -1.59
C ASN A 17 11.53 25.31 -1.99
N ALA A 18 10.92 25.21 -3.16
CA ALA A 18 10.11 26.32 -3.68
C ALA A 18 8.70 26.21 -3.11
N LEU A 19 8.11 25.04 -3.26
CA LEU A 19 6.77 24.79 -2.77
C LEU A 19 6.43 23.32 -2.91
N SER A 20 6.15 22.69 -1.78
CA SER A 20 5.81 21.28 -1.77
C SER A 20 4.30 21.10 -1.97
N LEU A 21 3.79 20.01 -1.42
CA LEU A 21 2.37 19.71 -1.53
C LEU A 21 2.09 18.34 -0.91
N GLN A 22 2.92 17.37 -1.28
CA GLN A 22 2.77 16.03 -0.76
C GLN A 22 3.71 15.07 -1.50
N GLU A 23 3.42 14.87 -2.77
CA GLU A 23 4.23 13.99 -3.60
C GLU A 23 4.78 14.74 -4.80
N VAL A 24 5.57 14.03 -5.60
CA VAL A 24 6.17 14.63 -6.78
C VAL A 24 6.13 13.61 -7.92
N HIS A 25 6.34 14.12 -9.13
CA HIS A 25 6.32 13.27 -10.31
C HIS A 25 7.30 13.83 -11.36
N VAL A 26 8.10 12.93 -11.91
CA VAL A 26 9.08 13.31 -12.91
C VAL A 26 8.90 12.43 -14.16
N SER A 27 8.17 12.97 -15.12
CA SER A 27 7.93 12.25 -16.36
C SER A 27 8.72 12.88 -17.50
N GLY A 28 9.36 12.01 -18.27
CA GLY A 28 10.17 12.46 -19.40
C GLY A 28 11.20 11.41 -19.79
N ASP A 29 12.41 11.88 -20.06
CA ASP A 29 13.49 10.99 -20.45
C ASP A 29 14.70 11.24 -19.54
N GLY A 30 15.56 12.15 -19.99
CA GLY A 30 16.75 12.49 -19.24
C GLY A 30 17.32 13.84 -19.67
N SER A 31 16.58 14.88 -19.34
CA SER A 31 16.98 16.24 -19.69
C SER A 31 15.76 17.15 -19.77
N HIS A 32 14.83 16.77 -20.63
CA HIS A 32 13.62 17.55 -20.82
C HIS A 32 12.41 16.74 -20.33
N PHE A 33 12.08 16.95 -19.06
CA PHE A 33 10.95 16.26 -18.46
C PHE A 33 10.07 17.22 -17.66
N GLN A 34 8.87 16.74 -17.34
CA GLN A 34 7.94 17.55 -16.57
C GLN A 34 7.94 17.12 -15.10
N VAL A 35 8.01 18.11 -14.23
CA VAL A 35 8.02 17.85 -12.80
C VAL A 35 6.70 18.34 -12.18
N ILE A 36 5.80 17.40 -11.97
CA ILE A 36 4.50 17.72 -11.39
C ILE A 36 4.57 17.56 -9.87
N ALA A 37 3.97 18.51 -9.18
CA ALA A 37 3.96 18.49 -7.73
C ALA A 37 2.62 17.93 -7.24
N VAL A 38 2.67 16.67 -6.80
CA VAL A 38 1.48 16.01 -6.30
C VAL A 38 1.19 16.49 -4.88
N GLY A 39 -0.10 16.52 -4.55
CA GLY A 39 -0.53 16.95 -3.24
C GLY A 39 -2.03 17.26 -3.22
N GLU A 40 -2.34 18.51 -2.92
CA GLU A 40 -3.73 18.93 -2.86
C GLU A 40 -3.80 20.43 -2.57
N LEU A 41 -2.84 20.90 -1.79
CA LEU A 41 -2.79 22.31 -1.43
C LEU A 41 -3.22 23.15 -2.63
N PHE A 42 -2.51 22.96 -3.73
CA PHE A 42 -2.81 23.70 -4.95
C PHE A 42 -3.83 22.95 -5.81
N ASP A 43 -4.81 22.37 -5.13
CA ASP A 43 -5.85 21.63 -5.82
C ASP A 43 -7.04 22.55 -6.09
N GLY A 44 -6.83 23.47 -7.01
CA GLY A 44 -7.86 24.42 -7.38
C GLY A 44 -7.26 25.76 -7.82
N MET A 45 -6.03 25.97 -7.41
CA MET A 45 -5.33 27.19 -7.76
C MET A 45 -5.39 27.46 -9.26
N SER A 46 -5.41 28.73 -9.61
CA SER A 46 -5.47 29.13 -11.00
C SER A 46 -4.13 28.84 -11.68
N ARG A 47 -4.21 28.22 -12.84
CA ARG A 47 -3.01 27.89 -13.60
C ARG A 47 -1.95 28.98 -13.42
N VAL A 48 -2.26 30.16 -13.94
CA VAL A 48 -1.35 31.27 -13.84
C VAL A 48 -0.85 31.40 -12.39
N LYS A 49 -1.75 31.87 -11.54
CA LYS A 49 -1.41 32.05 -10.14
C LYS A 49 -0.53 30.89 -9.68
N LYS A 50 -0.76 29.74 -10.28
CA LYS A 50 0.00 28.54 -9.95
C LYS A 50 1.42 28.69 -10.49
N GLN A 51 1.54 28.52 -11.80
CA GLN A 51 2.84 28.64 -12.46
C GLN A 51 3.63 29.81 -11.87
N GLN A 52 2.91 30.88 -11.57
CA GLN A 52 3.54 32.06 -11.01
C GLN A 52 4.06 31.77 -9.59
N THR A 53 3.12 31.57 -8.68
CA THR A 53 3.47 31.28 -7.31
C THR A 53 4.51 30.16 -7.24
N VAL A 54 4.56 29.37 -8.31
CA VAL A 54 5.50 28.27 -8.39
C VAL A 54 6.83 28.79 -8.95
N TYR A 55 6.72 29.78 -9.83
CA TYR A 55 7.90 30.36 -10.45
C TYR A 55 8.51 31.44 -9.56
N GLY A 56 7.71 31.90 -8.61
CA GLY A 56 8.16 32.93 -7.68
C GLY A 56 9.39 32.46 -6.89
N PRO A 57 9.24 31.27 -6.26
CA PRO A 57 10.32 30.70 -5.47
C PRO A 57 11.41 30.13 -6.38
N LEU A 58 11.10 28.98 -6.98
CA LEU A 58 12.04 28.32 -7.88
C LEU A 58 12.19 29.15 -9.14
N MET A 59 12.22 30.46 -8.96
CA MET A 59 12.36 31.38 -10.08
C MET A 59 13.80 31.35 -10.62
N GLU A 60 14.74 31.41 -9.70
CA GLU A 60 16.15 31.40 -10.08
C GLU A 60 16.53 30.04 -10.67
N TYR A 61 16.27 28.99 -9.90
CA TYR A 61 16.58 27.65 -10.34
C TYR A 61 16.08 27.42 -11.77
N ILE A 62 15.02 28.12 -12.12
CA ILE A 62 14.45 28.01 -13.45
C ILE A 62 15.33 28.75 -14.46
N ALA A 63 15.49 30.03 -14.21
CA ALA A 63 16.31 30.86 -15.08
C ALA A 63 17.55 30.08 -15.50
N ASP A 64 18.07 29.29 -14.57
CA ASP A 64 19.25 28.50 -14.84
C ASP A 64 18.83 27.17 -15.47
N ASN A 65 17.75 26.61 -14.93
CA ASN A 65 17.24 25.36 -15.43
C ASN A 65 17.35 25.33 -16.96
N ARG A 66 17.20 26.51 -17.55
CA ARG A 66 17.29 26.63 -18.99
C ARG A 66 18.22 25.56 -19.57
N ILE A 67 19.33 25.36 -18.88
CA ILE A 67 20.30 24.37 -19.30
C ILE A 67 19.59 23.12 -19.79
N HIS A 68 18.59 22.71 -19.02
CA HIS A 68 17.81 21.53 -19.36
C HIS A 68 16.37 21.94 -19.70
N ALA A 69 15.45 21.08 -19.33
CA ALA A 69 14.04 21.34 -19.59
C ALA A 69 13.19 20.61 -18.54
N VAL A 70 13.25 21.11 -17.31
CA VAL A 70 12.50 20.52 -16.22
C VAL A 70 11.32 21.43 -15.87
N SER A 71 10.17 21.11 -16.45
CA SER A 71 8.97 21.90 -16.19
C SER A 71 8.47 21.65 -14.77
N ILE A 72 7.66 22.58 -14.30
CA ILE A 72 7.11 22.47 -12.96
C ILE A 72 5.62 22.85 -12.98
N LYS A 73 4.80 21.92 -12.54
CA LYS A 73 3.36 22.14 -12.52
C LYS A 73 2.77 21.47 -11.26
N ALA A 74 2.20 22.30 -10.40
CA ALA A 74 1.60 21.81 -9.17
C ALA A 74 0.20 21.27 -9.48
N TYR A 75 0.07 19.96 -9.35
CA TYR A 75 -1.21 19.31 -9.60
C TYR A 75 -1.40 18.10 -8.69
N THR A 76 -2.53 17.43 -8.88
CA THR A 76 -2.85 16.26 -8.08
C THR A 76 -2.29 15.00 -8.73
N PRO A 77 -2.61 13.84 -8.11
CA PRO A 77 -2.13 12.56 -8.62
C PRO A 77 -2.91 12.15 -9.86
N ALA A 78 -4.21 12.36 -9.81
CA ALA A 78 -5.07 12.02 -10.93
C ALA A 78 -4.93 13.07 -12.03
N GLU A 79 -4.59 14.28 -11.60
CA GLU A 79 -4.42 15.39 -12.53
C GLU A 79 -3.40 15.03 -13.60
N TRP A 80 -2.45 14.17 -13.21
CA TRP A 80 -1.40 13.74 -14.12
C TRP A 80 -2.06 12.88 -15.20
N ALA A 81 -2.93 11.98 -14.76
CA ALA A 81 -3.62 11.09 -15.67
C ALA A 81 -4.36 11.92 -16.72
N ARG A 82 -5.25 12.77 -16.23
CA ARG A 82 -6.03 13.63 -17.11
C ARG A 82 -5.10 14.51 -17.95
N ASP A 83 -4.13 15.10 -17.28
CA ASP A 83 -3.18 15.97 -17.95
C ASP A 83 -2.48 15.19 -19.06
N ARG A 84 -2.10 13.95 -18.73
CA ARG A 84 -1.43 13.10 -19.70
C ARG A 84 -2.43 12.58 -20.73
N LYS A 85 -3.68 12.49 -20.31
CA LYS A 85 -4.73 12.01 -21.18
C LYS A 85 -5.27 13.17 -22.02
N LEU A 86 -4.95 14.38 -21.57
CA LEU A 86 -5.38 15.58 -22.27
C LEU A 86 -4.53 15.78 -23.51
N ASN A 87 -4.58 17.00 -24.04
CA ASN A 87 -3.82 17.34 -25.23
C ASN A 87 -2.76 18.38 -24.87
N GLY A 88 -2.39 18.38 -23.60
CA GLY A 88 -1.39 19.32 -23.12
C GLY A 88 -0.06 18.60 -22.83
N PHE A 89 -0.18 17.34 -22.45
CA PHE A 89 0.99 16.54 -22.14
C PHE A 89 1.03 15.27 -22.99
N LEU A 90 0.05 15.16 -23.87
CA LEU A 90 -0.05 14.01 -24.75
C LEU A 90 -0.43 14.47 -26.16
N GLU A 91 -0.33 15.78 -26.36
CA GLU A 91 -0.66 16.36 -27.65
C GLU A 91 -0.52 17.88 -27.59
N HIS A 92 0.67 18.32 -27.21
CA HIS A 92 0.95 19.74 -27.11
C HIS A 92 1.58 20.23 -28.42
N HIS A 93 0.72 20.42 -29.42
CA HIS A 93 1.17 20.89 -30.72
C HIS A 93 -0.02 21.38 -31.53
N HIS A 94 0.00 22.67 -31.82
CA HIS A 94 -1.08 23.28 -32.59
C HIS A 94 -0.73 24.74 -32.89
N HIS A 95 -0.60 25.52 -31.82
CA HIS A 95 -0.28 26.92 -31.96
C HIS A 95 0.72 27.33 -30.88
N HIS A 96 1.67 28.16 -31.28
CA HIS A 96 2.69 28.63 -30.35
C HIS A 96 2.28 29.99 -29.78
N HIS A 97 2.53 30.15 -28.49
CA HIS A 97 2.19 31.39 -27.81
C HIS A 97 3.45 31.98 -27.16
N MET A 1 6.10 0.89 -8.52
CA MET A 1 5.72 0.09 -7.36
C MET A 1 6.42 -1.28 -7.39
N ILE A 2 6.57 -1.80 -8.60
CA ILE A 2 7.23 -3.09 -8.77
C ILE A 2 6.33 -4.19 -8.18
N GLU A 3 6.44 -5.37 -8.77
CA GLU A 3 5.65 -6.50 -8.31
C GLU A 3 5.91 -7.72 -9.22
N ASP A 4 6.15 -8.85 -8.57
CA ASP A 4 6.40 -10.08 -9.30
C ASP A 4 5.37 -11.13 -8.89
N PRO A 5 5.06 -12.04 -9.86
CA PRO A 5 4.09 -13.09 -9.62
C PRO A 5 4.68 -14.19 -8.73
N MET A 6 3.99 -14.45 -7.63
CA MET A 6 4.44 -15.47 -6.69
C MET A 6 3.48 -15.58 -5.50
N GLU A 7 2.20 -15.64 -5.83
CA GLU A 7 1.18 -15.76 -4.81
C GLU A 7 1.14 -14.49 -3.95
N ASN A 8 2.16 -14.34 -3.12
CA ASN A 8 2.26 -13.17 -2.25
C ASN A 8 1.14 -13.23 -1.22
N ASN A 9 -0.08 -13.26 -1.71
CA ASN A 9 -1.25 -13.31 -0.84
C ASN A 9 -0.92 -14.18 0.38
N GLU A 10 -0.14 -15.22 0.13
CA GLU A 10 0.24 -16.13 1.19
C GLU A 10 1.02 -15.38 2.28
N ILE A 11 2.22 -14.94 1.92
CA ILE A 11 3.06 -14.21 2.85
C ILE A 11 2.30 -12.98 3.36
N GLN A 12 1.32 -12.56 2.57
CA GLN A 12 0.53 -11.40 2.93
C GLN A 12 -0.48 -11.76 4.02
N SER A 13 -1.03 -12.96 3.91
CA SER A 13 -2.00 -13.45 4.88
C SER A 13 -1.33 -13.63 6.24
N VAL A 14 -0.12 -14.18 6.21
CA VAL A 14 0.63 -14.41 7.43
C VAL A 14 1.21 -13.09 7.92
N LEU A 15 1.58 -12.24 6.97
CA LEU A 15 2.15 -10.94 7.28
C LEU A 15 1.08 -10.08 7.95
N MET A 16 -0.15 -10.21 7.45
CA MET A 16 -1.26 -9.44 7.98
C MET A 16 -1.80 -10.07 9.26
N ASN A 17 -1.89 -11.39 9.25
CA ASN A 17 -2.38 -12.12 10.40
C ASN A 17 -1.54 -11.77 11.62
N ALA A 18 -0.23 -11.70 11.39
CA ALA A 18 0.70 -11.36 12.46
C ALA A 18 0.54 -9.90 12.84
N LEU A 19 0.45 -9.06 11.81
CA LEU A 19 0.30 -7.63 12.03
C LEU A 19 0.31 -6.92 10.67
N SER A 20 -0.78 -6.20 10.41
CA SER A 20 -0.92 -5.48 9.16
C SER A 20 -0.64 -3.99 9.40
N LEU A 21 0.51 -3.55 8.91
CA LEU A 21 0.91 -2.16 9.06
C LEU A 21 -0.01 -1.28 8.22
N GLN A 22 -0.45 -1.84 7.10
CA GLN A 22 -1.33 -1.12 6.19
C GLN A 22 -1.23 -1.70 4.78
N GLU A 23 -0.08 -1.47 4.16
CA GLU A 23 0.15 -1.96 2.81
C GLU A 23 1.14 -3.13 2.84
N VAL A 24 1.28 -3.76 1.69
CA VAL A 24 2.19 -4.89 1.56
C VAL A 24 3.04 -4.72 0.31
N HIS A 25 4.25 -5.26 0.38
CA HIS A 25 5.18 -5.17 -0.73
C HIS A 25 5.95 -6.48 -0.87
N VAL A 26 5.93 -7.02 -2.09
CA VAL A 26 6.63 -8.27 -2.36
C VAL A 26 7.55 -8.09 -3.57
N SER A 27 8.79 -7.78 -3.28
CA SER A 27 9.78 -7.56 -4.33
C SER A 27 10.80 -8.70 -4.33
N GLY A 28 10.76 -9.51 -5.38
CA GLY A 28 11.67 -10.63 -5.50
C GLY A 28 11.78 -11.09 -6.96
N ASP A 29 12.06 -12.37 -7.12
CA ASP A 29 12.19 -12.95 -8.45
C ASP A 29 12.85 -14.33 -8.34
N GLY A 30 12.07 -15.34 -8.68
CA GLY A 30 12.57 -16.71 -8.62
C GLY A 30 12.03 -17.44 -7.39
N SER A 31 12.19 -16.78 -6.25
CA SER A 31 11.73 -17.36 -4.99
C SER A 31 12.12 -16.44 -3.83
N HIS A 32 13.31 -15.87 -3.93
CA HIS A 32 13.80 -14.98 -2.90
C HIS A 32 13.20 -13.58 -3.09
N PHE A 33 12.16 -13.33 -2.32
CA PHE A 33 11.48 -12.04 -2.39
C PHE A 33 11.39 -11.39 -1.01
N GLN A 34 11.33 -10.06 -1.01
CA GLN A 34 11.24 -9.31 0.23
C GLN A 34 9.80 -8.89 0.50
N VAL A 35 9.32 -9.28 1.67
CA VAL A 35 7.95 -8.95 2.06
C VAL A 35 7.98 -7.79 3.07
N ILE A 36 7.88 -6.58 2.52
CA ILE A 36 7.90 -5.40 3.35
C ILE A 36 6.46 -4.91 3.56
N ALA A 37 6.10 -4.72 4.82
CA ALA A 37 4.77 -4.26 5.17
C ALA A 37 4.77 -2.74 5.29
N VAL A 38 4.04 -2.11 4.38
CA VAL A 38 3.95 -0.65 4.38
C VAL A 38 2.91 -0.21 5.39
N GLY A 39 3.04 1.04 5.84
CA GLY A 39 2.12 1.59 6.81
C GLY A 39 2.76 2.75 7.58
N GLU A 40 3.10 2.47 8.83
CA GLU A 40 3.72 3.47 9.68
C GLU A 40 3.65 3.02 11.14
N LEU A 41 2.68 2.18 11.43
CA LEU A 41 2.50 1.67 12.79
C LEU A 41 3.89 1.45 13.42
N PHE A 42 4.71 0.69 12.71
CA PHE A 42 6.05 0.39 13.20
C PHE A 42 7.04 1.47 12.78
N ASP A 43 6.58 2.71 12.85
CA ASP A 43 7.42 3.84 12.48
C ASP A 43 8.16 4.36 13.71
N GLY A 44 8.08 3.57 14.78
CA GLY A 44 8.73 3.93 16.03
C GLY A 44 9.19 2.69 16.79
N MET A 45 9.24 1.58 16.06
CA MET A 45 9.67 0.33 16.65
C MET A 45 11.15 0.05 16.35
N SER A 46 11.70 -0.88 17.11
CA SER A 46 13.10 -1.24 16.93
C SER A 46 13.22 -2.45 16.00
N ARG A 47 14.04 -2.28 14.98
CA ARG A 47 14.25 -3.35 14.01
C ARG A 47 14.19 -4.71 14.70
N VAL A 48 14.63 -4.72 15.95
CA VAL A 48 14.64 -5.96 16.73
C VAL A 48 13.21 -6.26 17.17
N LYS A 49 12.75 -5.52 18.16
CA LYS A 49 11.42 -5.70 18.70
C LYS A 49 10.43 -5.82 17.54
N LYS A 50 10.76 -5.14 16.44
CA LYS A 50 9.92 -5.16 15.26
C LYS A 50 10.03 -6.53 14.57
N GLN A 51 11.27 -7.00 14.48
CA GLN A 51 11.53 -8.28 13.85
C GLN A 51 11.12 -9.43 14.78
N GLN A 52 10.97 -9.09 16.06
CA GLN A 52 10.58 -10.08 17.04
C GLN A 52 9.05 -10.22 17.07
N THR A 53 8.38 -9.09 16.92
CA THR A 53 6.92 -9.08 16.92
C THR A 53 6.39 -9.47 15.54
N VAL A 54 7.21 -9.22 14.53
CA VAL A 54 6.83 -9.54 13.16
C VAL A 54 7.17 -11.00 12.86
N TYR A 55 8.39 -11.37 13.23
CA TYR A 55 8.86 -12.73 13.00
C TYR A 55 8.39 -13.66 14.12
N GLY A 56 8.10 -13.06 15.27
CA GLY A 56 7.65 -13.82 16.42
C GLY A 56 6.50 -14.77 16.03
N PRO A 57 5.44 -14.17 15.42
CA PRO A 57 4.28 -14.93 15.00
C PRO A 57 4.59 -15.75 13.75
N LEU A 58 5.07 -15.04 12.73
CA LEU A 58 5.40 -15.69 11.47
C LEU A 58 6.82 -16.25 11.55
N MET A 59 7.14 -16.80 12.72
CA MET A 59 8.46 -17.38 12.94
C MET A 59 8.51 -18.82 12.44
N GLU A 60 7.51 -19.58 12.82
CA GLU A 60 7.43 -20.99 12.42
C GLU A 60 7.17 -21.08 10.92
N TYR A 61 5.99 -20.63 10.52
CA TYR A 61 5.60 -20.67 9.12
C TYR A 61 6.80 -20.39 8.21
N ILE A 62 7.54 -19.35 8.55
CA ILE A 62 8.72 -18.96 7.79
C ILE A 62 9.82 -19.98 8.03
N ALA A 63 10.05 -20.27 9.30
CA ALA A 63 11.09 -21.22 9.68
C ALA A 63 11.07 -22.40 8.71
N ASP A 64 9.87 -22.76 8.28
CA ASP A 64 9.70 -23.87 7.36
C ASP A 64 9.90 -23.36 5.93
N ASN A 65 9.29 -22.22 5.65
CA ASN A 65 9.39 -21.62 4.33
C ASN A 65 10.87 -21.41 3.98
N ARG A 66 11.70 -21.45 5.01
CA ARG A 66 13.13 -21.26 4.83
C ARG A 66 13.57 -21.85 3.49
N ILE A 67 12.90 -22.93 3.10
CA ILE A 67 13.21 -23.60 1.86
C ILE A 67 13.55 -22.55 0.79
N HIS A 68 12.88 -21.41 0.90
CA HIS A 68 13.09 -20.32 -0.04
C HIS A 68 13.71 -19.13 0.68
N ALA A 69 13.36 -17.94 0.22
CA ALA A 69 13.88 -16.72 0.81
C ALA A 69 12.76 -15.67 0.87
N VAL A 70 11.93 -15.80 1.90
CA VAL A 70 10.83 -14.87 2.08
C VAL A 70 11.12 -13.96 3.27
N SER A 71 11.66 -12.78 2.96
CA SER A 71 11.99 -11.82 3.99
C SER A 71 10.73 -11.10 4.45
N ILE A 72 10.77 -10.65 5.71
CA ILE A 72 9.65 -9.95 6.28
C ILE A 72 10.16 -8.77 7.11
N LYS A 73 9.75 -7.57 6.69
CA LYS A 73 10.15 -6.36 7.39
C LYS A 73 8.98 -5.39 7.43
N ALA A 74 8.87 -4.69 8.55
CA ALA A 74 7.80 -3.72 8.73
C ALA A 74 8.37 -2.30 8.58
N TYR A 75 8.03 -1.66 7.48
CA TYR A 75 8.49 -0.32 7.21
C TYR A 75 7.40 0.53 6.55
N THR A 76 7.75 1.78 6.26
CA THR A 76 6.81 2.69 5.64
C THR A 76 6.86 2.55 4.11
N PRO A 77 6.09 3.44 3.43
CA PRO A 77 6.05 3.43 1.98
C PRO A 77 7.32 4.03 1.39
N ALA A 78 7.81 5.07 2.05
CA ALA A 78 9.02 5.75 1.60
C ALA A 78 10.24 4.97 2.10
N GLU A 79 10.08 4.37 3.26
CA GLU A 79 11.16 3.60 3.86
C GLU A 79 11.72 2.60 2.84
N TRP A 80 10.82 2.02 2.06
CA TRP A 80 11.21 1.06 1.06
C TRP A 80 12.28 1.69 0.18
N ALA A 81 11.85 2.62 -0.65
CA ALA A 81 12.77 3.31 -1.55
C ALA A 81 14.01 3.75 -0.76
N ARG A 82 13.77 4.20 0.46
CA ARG A 82 14.85 4.64 1.32
C ARG A 82 15.85 3.50 1.56
N ASP A 83 15.30 2.29 1.62
CA ASP A 83 16.12 1.11 1.85
C ASP A 83 16.67 0.61 0.51
N ARG A 84 15.76 0.45 -0.44
CA ARG A 84 16.14 -0.02 -1.77
C ARG A 84 17.09 0.98 -2.43
N LYS A 85 16.90 2.24 -2.07
CA LYS A 85 17.74 3.30 -2.63
C LYS A 85 19.01 3.45 -1.78
N LEU A 86 18.95 2.86 -0.59
CA LEU A 86 20.08 2.91 0.32
C LEU A 86 21.17 1.96 -0.17
N ASN A 87 22.04 1.57 0.76
CA ASN A 87 23.12 0.66 0.44
C ASN A 87 22.91 -0.66 1.18
N GLY A 88 21.68 -0.85 1.62
CA GLY A 88 21.32 -2.07 2.33
C GLY A 88 20.58 -3.05 1.42
N PHE A 89 19.80 -2.49 0.51
CA PHE A 89 19.03 -3.29 -0.42
C PHE A 89 19.54 -3.11 -1.85
N LEU A 90 20.54 -2.26 -1.98
CA LEU A 90 21.14 -2.00 -3.28
C LEU A 90 22.65 -1.83 -3.12
N GLU A 91 23.14 -2.26 -1.98
CA GLU A 91 24.57 -2.17 -1.71
C GLU A 91 25.07 -0.75 -1.96
N HIS A 92 26.34 -0.54 -1.66
CA HIS A 92 26.95 0.77 -1.86
C HIS A 92 27.39 0.92 -3.31
N HIS A 93 28.15 -0.06 -3.78
CA HIS A 93 28.64 -0.05 -5.14
C HIS A 93 29.59 1.14 -5.33
N HIS A 94 30.55 0.94 -6.22
CA HIS A 94 31.53 1.98 -6.51
C HIS A 94 30.82 3.18 -7.13
N HIS A 95 30.57 4.18 -6.29
CA HIS A 95 29.90 5.40 -6.74
C HIS A 95 30.94 6.51 -6.90
N HIS A 96 31.11 6.93 -8.14
CA HIS A 96 32.06 8.00 -8.44
C HIS A 96 31.55 9.32 -7.87
N HIS A 97 31.96 9.60 -6.64
CA HIS A 97 31.56 10.81 -5.97
C HIS A 97 31.89 12.02 -6.84
#